data_8ANE
#
_entry.id   8ANE
#
_cell.length_a   1.00
_cell.length_b   1.00
_cell.length_c   1.00
_cell.angle_alpha   90.00
_cell.angle_beta   90.00
_cell.angle_gamma   90.00
#
_symmetry.space_group_name_H-M   'P 1'
#
loop_
_entity.id
_entity.type
_entity.pdbx_description
1 polymer Cas7
2 polymer 'RNA (66-MER)'
#
loop_
_entity_poly.entity_id
_entity_poly.type
_entity_poly.pdbx_seq_one_letter_code
_entity_poly.pdbx_strand_id
1 'polypeptide(L)'
;MKLEPLLSDVPRLLMEADLVPVQGTRFQPTGFPDLGAAHYEGPDGRPMLLVESAQSMANRLETVCWDKDADDWVVPLRGL
PVVKVLDKAGKPLTNSVLEAHRLNSPYILEGKDKTLFDLLKQELAHMEEGPVDIRKLAETLLKVDANAVLHGVFLAKKEL
AGGRLRLPRALSAFIEAEDVRVASSGGVKNDHVNPSGDTSRGFGNVPFARDEYVSPRIKAYFNLDLAQIRAFGLGEQVDR
LLIALALYKVRRFLVHGLRLRTACDLDCQALRVTRPEGWEVPELSELEAALPGLIEAVAGEGRFAQPAVTIVTYEK
;
A,B,C,D,E,F,G
2 'polyribonucleotide' AUUGAAGCAAGCUGUCCCUGAUGGUCGUCAUCUACCUGCCUGGAGUCAUCCGCGGCAUUUAGCCGC R
#
# COMPACT_ATOMS: atom_id res chain seq x y z
N MET A 1 41.36 8.48 -52.08
CA MET A 1 41.20 7.07 -52.55
C MET A 1 40.40 7.04 -53.86
N LYS A 2 40.61 5.99 -54.65
CA LYS A 2 39.99 5.85 -55.95
C LYS A 2 38.79 4.92 -55.85
N LEU A 3 37.63 5.41 -56.30
CA LEU A 3 36.36 4.75 -56.00
C LEU A 3 36.17 3.49 -56.84
N GLU A 4 36.21 3.62 -58.16
CA GLU A 4 35.93 2.47 -59.02
C GLU A 4 36.94 1.34 -58.85
N PRO A 5 38.23 1.60 -58.62
CA PRO A 5 39.13 0.48 -58.28
C PRO A 5 38.69 -0.30 -57.05
N LEU A 6 37.97 0.32 -56.12
CA LEU A 6 37.47 -0.39 -54.95
C LEU A 6 36.12 -1.03 -55.19
N LEU A 7 35.23 -0.35 -55.94
CA LEU A 7 33.92 -0.93 -56.23
C LEU A 7 34.07 -2.04 -57.28
N SER A 8 34.38 -1.64 -58.51
CA SER A 8 35.07 -2.45 -59.51
C SER A 8 34.31 -3.68 -60.01
N ASP A 9 33.31 -4.15 -59.25
CA ASP A 9 32.48 -5.26 -59.72
C ASP A 9 31.03 -5.16 -59.29
N VAL A 10 30.69 -4.32 -58.32
CA VAL A 10 29.30 -4.24 -57.84
C VAL A 10 28.44 -3.60 -58.93
N PRO A 11 27.30 -4.19 -59.28
CA PRO A 11 26.45 -3.56 -60.31
C PRO A 11 25.71 -2.34 -59.81
N ARG A 12 25.39 -2.30 -58.52
CA ARG A 12 24.60 -1.20 -57.97
C ARG A 12 25.09 -0.83 -56.58
N LEU A 13 25.07 0.48 -56.30
CA LEU A 13 25.48 1.06 -55.03
C LEU A 13 24.24 1.61 -54.34
N LEU A 14 23.84 0.98 -53.23
CA LEU A 14 22.62 1.34 -52.50
C LEU A 14 22.98 1.96 -51.17
N MET A 15 22.54 3.20 -50.95
CA MET A 15 22.86 3.96 -49.74
C MET A 15 21.57 4.29 -48.99
N GLU A 16 21.71 4.49 -47.68
CA GLU A 16 20.59 4.85 -46.81
C GLU A 16 21.01 5.98 -45.86
N ALA A 17 20.11 6.94 -45.67
CA ALA A 17 20.24 7.96 -44.65
C ALA A 17 19.00 7.95 -43.75
N ASP A 18 19.21 8.00 -42.45
CA ASP A 18 18.12 8.09 -41.47
C ASP A 18 18.05 9.51 -40.94
N LEU A 19 16.86 10.10 -40.99
CA LEU A 19 16.69 11.53 -40.72
C LEU A 19 15.39 11.74 -39.96
N VAL A 20 15.32 12.88 -39.28
CA VAL A 20 14.22 13.19 -38.37
C VAL A 20 13.93 14.70 -38.41
N PRO A 21 12.75 15.14 -37.97
CA PRO A 21 12.54 16.59 -37.82
C PRO A 21 13.53 17.18 -36.81
N VAL A 22 14.04 18.36 -37.14
CA VAL A 22 15.04 18.99 -36.28
C VAL A 22 14.44 19.34 -34.92
N GLN A 23 13.23 19.92 -34.93
CA GLN A 23 12.52 20.29 -33.71
C GLN A 23 11.17 19.60 -33.69
N GLY A 24 10.75 19.17 -32.50
CA GLY A 24 9.44 18.56 -32.36
C GLY A 24 9.40 17.13 -32.84
N THR A 25 8.23 16.73 -33.33
CA THR A 25 7.98 15.34 -33.70
C THR A 25 7.24 15.16 -35.01
N ARG A 26 6.63 16.20 -35.57
CA ARG A 26 5.66 16.06 -36.66
C ARG A 26 6.27 16.49 -38.00
N PHE A 27 5.75 15.89 -39.08
CA PHE A 27 6.08 16.27 -40.45
C PHE A 27 4.82 16.14 -41.30
N GLN A 28 4.88 16.67 -42.52
CA GLN A 28 3.77 16.56 -43.45
C GLN A 28 4.24 16.07 -44.81
N PRO A 29 3.44 15.21 -45.48
CA PRO A 29 3.81 14.75 -46.83
C PRO A 29 3.26 15.62 -47.95
N THR A 30 3.50 15.20 -49.19
CA THR A 30 2.90 15.84 -50.35
C THR A 30 1.41 15.49 -50.45
N GLY A 31 0.72 16.19 -51.35
CA GLY A 31 -0.68 15.90 -51.64
C GLY A 31 -0.90 15.64 -53.11
N PHE A 32 -1.56 14.52 -53.43
CA PHE A 32 -1.79 14.12 -54.81
C PHE A 32 -3.23 14.39 -55.21
N PRO A 33 -3.49 15.18 -56.26
CA PRO A 33 -4.88 15.28 -56.74
C PRO A 33 -5.36 14.00 -57.42
N ASP A 34 -4.48 13.33 -58.15
CA ASP A 34 -4.86 12.14 -58.90
C ASP A 34 -4.82 10.87 -58.05
N LEU A 35 -3.75 10.69 -57.27
CA LEU A 35 -3.57 9.46 -56.49
C LEU A 35 -4.35 9.48 -55.18
N GLY A 36 -4.66 10.66 -54.64
CA GLY A 36 -5.46 10.75 -53.43
C GLY A 36 -4.73 10.33 -52.17
N ALA A 37 -5.27 9.34 -51.46
CA ALA A 37 -4.70 8.91 -50.20
C ALA A 37 -3.33 8.28 -50.43
N ALA A 38 -2.31 8.83 -49.77
CA ALA A 38 -0.93 8.40 -49.97
C ALA A 38 -0.48 7.34 -48.96
N HIS A 39 -1.42 6.73 -48.24
CA HIS A 39 -1.11 5.64 -47.31
C HIS A 39 -1.68 4.34 -47.87
N TYR A 40 -0.93 3.26 -47.72
CA TYR A 40 -1.20 2.02 -48.44
C TYR A 40 -0.75 0.83 -47.61
N GLU A 41 -1.14 -0.36 -48.05
CA GLU A 41 -0.78 -1.60 -47.38
C GLU A 41 0.71 -1.87 -47.51
N GLY A 42 1.28 -2.47 -46.47
CA GLY A 42 2.67 -2.86 -46.47
C GLY A 42 2.84 -4.34 -46.21
N PRO A 43 3.83 -4.98 -46.85
CA PRO A 43 4.04 -6.42 -46.62
C PRO A 43 4.45 -6.75 -45.20
N ASP A 44 5.03 -5.80 -44.48
CA ASP A 44 5.38 -6.01 -43.07
C ASP A 44 4.17 -5.91 -42.15
N GLY A 45 3.01 -5.54 -42.68
CA GLY A 45 1.81 -5.45 -41.87
C GLY A 45 1.70 -4.20 -41.03
N ARG A 46 2.36 -3.11 -41.41
CA ARG A 46 2.34 -1.87 -40.66
C ARG A 46 2.27 -0.71 -41.63
N PRO A 47 1.84 0.47 -41.15
CA PRO A 47 1.70 1.61 -42.07
C PRO A 47 3.05 2.15 -42.52
N MET A 48 3.20 2.30 -43.83
CA MET A 48 4.33 3.00 -44.42
C MET A 48 3.81 3.94 -45.50
N LEU A 49 4.47 5.09 -45.65
CA LEU A 49 4.16 6.00 -46.74
C LEU A 49 5.44 6.68 -47.24
N LEU A 50 5.43 7.00 -48.53
CA LEU A 50 6.53 7.73 -49.14
C LEU A 50 6.52 9.18 -48.67
N VAL A 51 7.63 9.63 -48.08
CA VAL A 51 7.74 11.02 -47.68
C VAL A 51 8.08 11.91 -48.88
N GLU A 52 8.87 11.40 -49.83
CA GLU A 52 9.12 12.13 -51.07
C GLU A 52 9.28 11.13 -52.21
N SER A 53 8.82 11.53 -53.38
CA SER A 53 8.85 10.68 -54.57
C SER A 53 10.14 10.92 -55.36
N ALA A 54 10.56 9.89 -56.10
CA ALA A 54 11.76 9.99 -56.91
C ALA A 54 11.67 11.15 -57.89
N GLN A 55 10.49 11.34 -58.49
CA GLN A 55 10.30 12.41 -59.45
C GLN A 55 10.64 13.77 -58.86
N SER A 56 10.29 13.99 -57.59
CA SER A 56 10.61 15.25 -56.92
C SER A 56 12.06 15.26 -56.42
N MET A 57 12.53 14.13 -55.88
CA MET A 57 13.92 14.04 -55.45
C MET A 57 14.87 14.45 -56.58
N ALA A 58 14.57 14.02 -57.80
CA ALA A 58 15.40 14.43 -58.94
C ALA A 58 15.33 15.94 -59.14
N ASN A 59 14.13 16.52 -59.03
CA ASN A 59 13.99 17.96 -59.19
C ASN A 59 14.74 18.74 -58.12
N ARG A 60 15.02 18.12 -56.97
CA ARG A 60 15.75 18.82 -55.92
C ARG A 60 17.25 18.57 -55.96
N LEU A 61 17.67 17.38 -56.39
CA LEU A 61 19.10 17.07 -56.42
C LEU A 61 19.86 17.95 -57.41
N GLU A 62 19.19 18.43 -58.45
CA GLU A 62 19.83 19.36 -59.38
C GLU A 62 19.84 20.79 -58.89
N THR A 63 18.99 21.12 -57.92
CA THR A 63 18.93 22.49 -57.41
C THR A 63 20.12 22.81 -56.51
N VAL A 64 20.58 21.83 -55.73
CA VAL A 64 21.63 22.07 -54.76
C VAL A 64 22.99 22.36 -55.39
N CYS A 65 23.12 22.27 -56.71
CA CYS A 65 24.38 22.51 -57.39
C CYS A 65 24.48 23.91 -58.01
N TRP A 66 23.46 24.74 -57.89
CA TRP A 66 23.37 25.95 -58.69
C TRP A 66 22.95 27.13 -57.82
N ASP A 67 23.30 28.33 -58.28
CA ASP A 67 22.90 29.58 -57.65
C ASP A 67 21.90 30.28 -58.56
N LYS A 68 20.66 30.44 -58.06
CA LYS A 68 19.61 31.07 -58.86
C LYS A 68 19.90 32.53 -59.13
N ASP A 69 20.57 33.21 -58.21
CA ASP A 69 20.78 34.66 -58.33
C ASP A 69 22.00 34.99 -59.18
N ALA A 70 23.14 34.36 -58.91
CA ALA A 70 24.34 34.58 -59.72
C ALA A 70 24.28 33.85 -61.04
N ASP A 71 23.39 32.87 -61.20
CA ASP A 71 23.31 32.06 -62.40
C ASP A 71 24.67 31.44 -62.73
N ASP A 72 25.19 30.70 -61.77
CA ASP A 72 26.50 30.07 -61.92
C ASP A 72 26.58 28.85 -61.01
N TRP A 73 27.54 27.98 -61.31
CA TRP A 73 27.80 26.82 -60.47
C TRP A 73 28.38 27.25 -59.13
N VAL A 74 28.37 26.32 -58.17
CA VAL A 74 29.16 26.50 -56.95
C VAL A 74 30.63 26.29 -57.28
N VAL A 75 31.51 26.88 -56.47
CA VAL A 75 32.92 27.02 -56.83
C VAL A 75 33.56 25.67 -57.12
N PRO A 76 33.10 24.54 -56.55
CA PRO A 76 33.63 23.25 -57.03
C PRO A 76 33.09 22.87 -58.40
N LEU A 77 31.82 23.16 -58.67
CA LEU A 77 31.18 22.77 -59.91
C LEU A 77 31.46 23.71 -61.07
N ARG A 78 32.10 24.85 -60.83
CA ARG A 78 32.31 25.84 -61.88
C ARG A 78 33.24 25.28 -62.94
N GLY A 79 32.68 24.98 -64.11
CA GLY A 79 33.43 24.40 -65.21
C GLY A 79 32.61 23.39 -66.00
N LEU A 80 31.56 22.86 -65.39
CA LEU A 80 30.69 21.91 -66.08
C LEU A 80 29.84 22.63 -67.12
N PRO A 81 29.42 21.92 -68.17
CA PRO A 81 28.61 22.56 -69.20
C PRO A 81 27.18 22.84 -68.73
N VAL A 82 26.66 24.00 -69.13
CA VAL A 82 25.30 24.41 -68.80
C VAL A 82 24.70 25.14 -70.00
N VAL A 83 23.44 24.84 -70.29
CA VAL A 83 22.73 25.41 -71.44
C VAL A 83 21.78 26.49 -70.93
N LYS A 84 21.92 27.70 -71.47
CA LYS A 84 21.08 28.84 -71.12
C LYS A 84 20.30 29.30 -72.36
N VAL A 85 19.05 29.71 -72.13
CA VAL A 85 18.21 30.31 -73.17
C VAL A 85 18.12 31.81 -72.89
N LEU A 86 18.42 32.62 -73.90
CA LEU A 86 18.26 34.06 -73.77
C LEU A 86 16.79 34.45 -73.86
N ASP A 87 16.47 35.63 -73.34
CA ASP A 87 15.18 36.26 -73.56
C ASP A 87 15.32 37.31 -74.66
N LYS A 88 14.18 37.88 -75.05
CA LYS A 88 14.20 38.84 -76.16
C LYS A 88 14.89 40.14 -75.80
N ALA A 89 15.20 40.36 -74.52
CA ALA A 89 15.99 41.52 -74.09
C ALA A 89 17.46 41.18 -73.88
N GLY A 90 17.84 39.92 -74.04
CA GLY A 90 19.24 39.53 -73.96
C GLY A 90 19.74 39.10 -72.60
N LYS A 91 18.84 38.88 -71.64
CA LYS A 91 19.23 38.32 -70.35
C LYS A 91 18.59 36.94 -70.20
N PRO A 92 19.38 35.86 -70.12
CA PRO A 92 18.77 34.52 -70.07
C PRO A 92 17.83 34.35 -68.90
N LEU A 93 16.75 33.60 -69.13
CA LEU A 93 15.70 33.39 -68.15
C LEU A 93 15.76 32.03 -67.47
N THR A 94 16.12 30.98 -68.19
CA THR A 94 16.16 29.63 -67.63
C THR A 94 17.34 28.86 -68.21
N ASN A 95 17.65 27.73 -67.58
CA ASN A 95 18.69 26.83 -68.06
C ASN A 95 18.22 25.39 -67.93
N SER A 96 18.93 24.50 -68.62
CA SER A 96 18.59 23.08 -68.61
C SER A 96 18.82 22.44 -67.24
N VAL A 97 19.72 23.00 -66.42
CA VAL A 97 20.00 22.39 -65.12
C VAL A 97 18.81 22.52 -64.19
N LEU A 98 18.13 23.66 -64.19
CA LEU A 98 17.07 23.94 -63.23
C LEU A 98 15.69 23.46 -63.67
N GLU A 99 15.56 22.90 -64.87
CA GLU A 99 14.29 22.37 -65.35
C GLU A 99 14.43 20.88 -65.61
N ALA A 100 13.46 20.11 -65.10
CA ALA A 100 13.54 18.66 -65.22
C ALA A 100 13.46 18.20 -66.67
N HIS A 101 12.65 18.88 -67.49
CA HIS A 101 12.44 18.43 -68.86
C HIS A 101 13.72 18.53 -69.68
N ARG A 102 14.61 19.46 -69.35
CA ARG A 102 15.88 19.58 -70.05
C ARG A 102 15.67 19.71 -71.56
N LEU A 103 16.05 18.68 -72.31
CA LEU A 103 16.07 18.80 -73.78
C LEU A 103 14.67 18.93 -74.36
N ASN A 104 13.73 18.12 -73.89
CA ASN A 104 12.41 18.01 -74.50
C ASN A 104 11.47 18.99 -73.80
N SER A 105 11.38 20.21 -74.34
CA SER A 105 10.75 21.31 -73.63
C SER A 105 10.02 22.20 -74.63
N PRO A 106 9.11 23.05 -74.16
CA PRO A 106 8.51 24.07 -75.02
C PRO A 106 9.39 25.29 -75.26
N TYR A 107 10.56 25.36 -74.62
CA TYR A 107 11.46 26.49 -74.75
C TYR A 107 12.80 26.14 -75.40
N ILE A 108 13.20 24.87 -75.40
CA ILE A 108 14.34 24.38 -76.15
C ILE A 108 13.86 23.24 -77.02
N LEU A 109 14.35 23.18 -78.26
CA LEU A 109 14.05 22.13 -79.22
C LEU A 109 12.62 22.22 -79.75
N GLU A 110 11.82 23.14 -79.23
CA GLU A 110 10.53 23.50 -79.81
C GLU A 110 10.49 25.02 -79.95
N GLY A 111 9.99 25.50 -81.09
CA GLY A 111 9.95 26.92 -81.36
C GLY A 111 9.70 27.16 -82.84
N LYS A 112 9.98 28.40 -83.25
CA LYS A 112 9.87 28.78 -84.65
C LYS A 112 11.21 28.78 -85.36
N ASP A 113 12.31 28.82 -84.62
CA ASP A 113 13.65 28.54 -85.14
C ASP A 113 14.34 27.60 -84.15
N LYS A 114 15.13 26.67 -84.68
CA LYS A 114 15.69 25.58 -83.88
C LYS A 114 17.10 25.27 -84.36
N THR A 115 18.11 25.68 -83.57
CA THR A 115 19.50 25.41 -83.90
C THR A 115 20.02 24.13 -83.23
N LEU A 116 19.82 24.02 -81.90
CA LEU A 116 20.19 22.79 -81.22
C LEU A 116 19.47 21.59 -81.81
N PHE A 117 18.30 21.82 -82.41
CA PHE A 117 17.64 20.78 -83.20
C PHE A 117 18.57 20.25 -84.28
N ASP A 118 19.17 21.15 -85.07
CA ASP A 118 20.12 20.73 -86.09
C ASP A 118 21.39 20.13 -85.49
N LEU A 119 21.82 20.64 -84.34
CA LEU A 119 23.02 20.08 -83.71
C LEU A 119 22.77 18.65 -83.23
N LEU A 120 21.53 18.29 -82.93
CA LEU A 120 21.20 16.90 -82.66
C LEU A 120 21.02 16.11 -83.96
N LYS A 121 20.35 16.72 -84.94
CA LYS A 121 20.11 16.08 -86.24
C LYS A 121 21.43 15.62 -86.87
N GLN A 122 22.49 16.41 -86.72
CA GLN A 122 23.76 16.06 -87.36
C GLN A 122 24.22 14.67 -86.97
N GLU A 123 24.04 14.30 -85.69
CA GLU A 123 24.46 12.97 -85.23
C GLU A 123 23.33 11.94 -85.25
N LEU A 124 22.07 12.39 -85.28
CA LEU A 124 20.99 11.45 -85.59
C LEU A 124 21.14 10.91 -87.00
N ALA A 125 21.70 11.71 -87.91
CA ALA A 125 22.05 11.23 -89.24
C ALA A 125 23.27 10.32 -89.25
N HIS A 126 23.99 10.21 -88.13
CA HIS A 126 25.00 9.18 -87.96
C HIS A 126 24.40 7.91 -87.36
N MET A 127 23.51 8.06 -86.37
CA MET A 127 22.92 6.91 -85.72
C MET A 127 21.91 6.22 -86.63
N GLU A 128 21.03 6.99 -87.25
CA GLU A 128 20.07 6.46 -88.23
C GLU A 128 19.33 5.25 -87.68
N GLU A 129 19.48 4.09 -88.32
CA GLU A 129 18.64 2.93 -88.06
C GLU A 129 19.37 1.93 -87.14
N GLY A 130 18.63 0.90 -86.74
CA GLY A 130 19.16 -0.15 -85.90
C GLY A 130 19.25 0.26 -84.46
N PRO A 131 19.81 -0.61 -83.61
CA PRO A 131 19.98 -0.26 -82.20
C PRO A 131 21.04 0.81 -81.99
N VAL A 132 20.60 2.03 -81.66
CA VAL A 132 21.53 3.14 -81.45
C VAL A 132 22.37 2.87 -80.22
N ASP A 133 23.67 3.11 -80.33
CA ASP A 133 24.60 2.79 -79.25
C ASP A 133 24.50 3.83 -78.13
N ILE A 134 24.43 3.34 -76.90
CA ILE A 134 24.35 4.24 -75.75
C ILE A 134 25.63 5.05 -75.59
N ARG A 135 26.76 4.54 -76.11
CA ARG A 135 28.02 5.27 -76.00
C ARG A 135 27.92 6.65 -76.66
N LYS A 136 27.62 6.68 -77.97
CA LYS A 136 27.62 7.95 -78.67
C LYS A 136 26.48 8.85 -78.21
N LEU A 137 25.32 8.27 -77.89
CA LEU A 137 24.24 9.07 -77.32
C LEU A 137 24.68 9.74 -76.03
N ALA A 138 25.37 8.99 -75.16
CA ALA A 138 25.86 9.57 -73.91
C ALA A 138 26.91 10.64 -74.17
N GLU A 139 27.77 10.43 -75.16
CA GLU A 139 28.76 11.45 -75.50
C GLU A 139 28.10 12.72 -76.03
N THR A 140 27.07 12.57 -76.85
CA THR A 140 26.30 13.73 -77.30
C THR A 140 25.68 14.47 -76.12
N LEU A 141 25.08 13.72 -75.20
CA LEU A 141 24.43 14.35 -74.05
C LEU A 141 25.46 15.00 -73.12
N LEU A 142 26.66 14.43 -73.03
CA LEU A 142 27.75 15.06 -72.29
C LEU A 142 28.32 16.25 -73.04
N LYS A 143 28.10 16.32 -74.35
CA LYS A 143 28.47 17.52 -75.09
C LYS A 143 27.49 18.66 -74.81
N VAL A 144 26.19 18.35 -74.74
CA VAL A 144 25.22 19.41 -74.45
C VAL A 144 25.11 19.65 -72.94
N ASP A 145 24.82 18.61 -72.17
CA ASP A 145 24.56 18.79 -70.74
C ASP A 145 24.71 17.46 -70.03
N ALA A 146 25.69 17.36 -69.13
CA ALA A 146 25.91 16.12 -68.40
C ALA A 146 24.81 15.83 -67.39
N ASN A 147 24.06 16.85 -66.96
CA ASN A 147 22.94 16.62 -66.05
C ASN A 147 21.89 15.73 -66.70
N ALA A 148 21.67 15.90 -68.01
CA ALA A 148 20.75 15.03 -68.73
C ALA A 148 21.29 13.62 -68.89
N VAL A 149 22.59 13.41 -68.67
CA VAL A 149 23.12 12.05 -68.52
C VAL A 149 22.80 11.52 -67.13
N LEU A 150 23.24 12.25 -66.10
CA LEU A 150 23.15 11.73 -64.74
C LEU A 150 21.71 11.50 -64.30
N HIS A 151 20.77 12.28 -64.86
CA HIS A 151 19.35 12.10 -64.55
C HIS A 151 18.51 11.75 -65.76
N GLY A 152 19.12 11.53 -66.92
CA GLY A 152 18.43 10.97 -68.07
C GLY A 152 17.58 11.97 -68.82
N VAL A 153 17.31 11.65 -70.09
CA VAL A 153 16.46 12.47 -70.93
C VAL A 153 16.06 11.65 -72.16
N PHE A 154 14.99 12.07 -72.84
CA PHE A 154 14.60 11.49 -74.11
C PHE A 154 13.95 12.57 -74.97
N LEU A 155 13.86 12.31 -76.27
CA LEU A 155 13.29 13.25 -77.24
C LEU A 155 12.06 12.62 -77.88
N ALA A 156 10.94 13.32 -77.82
CA ALA A 156 9.66 12.79 -78.28
C ALA A 156 9.35 13.11 -79.74
N LYS A 157 10.03 14.08 -80.34
CA LYS A 157 9.62 14.58 -81.66
C LYS A 157 9.73 13.49 -82.71
N LYS A 158 8.76 13.49 -83.64
CA LYS A 158 8.76 12.49 -84.72
C LYS A 158 10.01 12.62 -85.58
N GLU A 159 10.43 13.85 -85.89
CA GLU A 159 11.65 14.08 -86.63
C GLU A 159 12.89 13.65 -85.86
N LEU A 160 12.77 13.39 -84.57
CA LEU A 160 13.86 12.92 -83.73
C LEU A 160 13.67 11.45 -83.35
N ALA A 161 13.27 10.64 -84.33
CA ALA A 161 12.95 9.23 -84.17
C ALA A 161 11.71 8.98 -83.32
N GLY A 162 10.96 10.03 -82.98
CA GLY A 162 9.69 9.82 -82.31
C GLY A 162 9.78 9.13 -80.96
N GLY A 163 10.82 9.42 -80.19
CA GLY A 163 11.01 8.78 -78.90
C GLY A 163 11.72 7.45 -78.94
N ARG A 164 12.19 7.00 -80.10
CA ARG A 164 12.90 5.73 -80.17
C ARG A 164 14.27 5.79 -79.49
N LEU A 165 14.79 6.99 -79.24
CA LEU A 165 16.07 7.17 -78.56
C LEU A 165 15.80 7.78 -77.18
N ARG A 166 16.37 7.14 -76.14
CA ARG A 166 16.00 7.46 -74.77
C ARG A 166 17.08 6.94 -73.83
N LEU A 167 17.58 7.82 -72.95
CA LEU A 167 18.61 7.47 -71.98
C LEU A 167 17.99 7.32 -70.60
N PRO A 168 18.10 6.18 -69.94
CA PRO A 168 17.45 6.01 -68.63
C PRO A 168 18.22 6.73 -67.51
N ARG A 169 17.50 6.92 -66.41
CA ARG A 169 18.07 7.52 -65.21
C ARG A 169 19.27 6.71 -64.72
N ALA A 170 20.27 7.42 -64.19
CA ALA A 170 21.40 6.78 -63.55
C ALA A 170 21.31 6.76 -62.02
N LEU A 171 20.69 7.78 -61.43
CA LEU A 171 20.56 7.90 -59.98
C LEU A 171 19.08 7.85 -59.61
N SER A 172 18.74 7.04 -58.61
CA SER A 172 17.38 6.91 -58.12
C SER A 172 17.33 7.21 -56.64
N ALA A 173 16.19 7.75 -56.18
CA ALA A 173 16.05 8.11 -54.79
C ALA A 173 14.58 8.12 -54.37
N PHE A 174 14.35 7.88 -53.08
CA PHE A 174 13.06 8.17 -52.46
C PHE A 174 13.24 8.21 -50.95
N ILE A 175 12.25 8.78 -50.26
CA ILE A 175 12.23 8.89 -48.81
C ILE A 175 10.96 8.22 -48.28
N GLU A 176 11.10 7.51 -47.16
CA GLU A 176 10.01 6.74 -46.59
C GLU A 176 10.02 6.84 -45.08
N ALA A 177 8.84 6.78 -44.47
CA ALA A 177 8.66 6.69 -43.04
C ALA A 177 7.91 5.40 -42.70
N GLU A 178 8.28 4.80 -41.56
CA GLU A 178 7.77 3.49 -41.16
C GLU A 178 6.97 3.59 -39.86
N ASP A 179 5.93 2.77 -39.76
CA ASP A 179 5.08 2.73 -38.57
C ASP A 179 4.46 4.10 -38.31
N VAL A 180 3.81 4.64 -39.33
CA VAL A 180 3.29 6.01 -39.29
C VAL A 180 1.96 6.02 -38.55
N ARG A 181 1.84 6.92 -37.58
CA ARG A 181 0.60 7.15 -36.84
C ARG A 181 0.08 8.54 -37.15
N VAL A 182 -1.21 8.61 -37.54
CA VAL A 182 -1.79 9.86 -38.03
C VAL A 182 -2.10 10.80 -36.87
N ALA A 183 -2.22 12.09 -37.19
CA ALA A 183 -2.65 13.12 -36.25
C ALA A 183 -3.45 14.15 -37.02
N SER A 184 -4.05 15.10 -36.29
CA SER A 184 -4.96 16.06 -36.91
C SER A 184 -4.86 17.41 -36.21
N SER A 185 -5.26 18.46 -36.96
CA SER A 185 -5.19 19.83 -36.48
C SER A 185 -6.10 20.69 -37.36
N GLY A 186 -6.09 22.00 -37.13
CA GLY A 186 -7.01 22.87 -37.86
C GLY A 186 -6.74 24.34 -37.59
N GLY A 187 -7.66 25.16 -38.09
CA GLY A 187 -7.62 26.60 -37.85
C GLY A 187 -8.82 27.28 -38.49
N VAL A 188 -8.91 28.60 -38.27
CA VAL A 188 -10.02 29.41 -38.77
C VAL A 188 -9.53 30.78 -39.22
N LYS A 189 -10.38 31.48 -39.97
CA LYS A 189 -10.18 32.88 -40.36
C LYS A 189 -10.67 33.75 -39.21
N ASN A 190 -9.73 34.28 -38.42
CA ASN A 190 -10.10 34.86 -37.13
C ASN A 190 -10.82 36.19 -37.27
N ASP A 191 -10.16 37.19 -37.86
CA ASP A 191 -10.59 38.57 -37.70
C ASP A 191 -11.76 38.91 -38.63
N HIS A 192 -12.57 39.87 -38.17
CA HIS A 192 -13.69 40.44 -38.92
C HIS A 192 -14.56 39.36 -39.56
N VAL A 193 -15.18 38.58 -38.68
CA VAL A 193 -16.28 37.71 -39.09
C VAL A 193 -17.62 38.45 -39.04
N ASN A 194 -17.73 39.49 -38.22
CA ASN A 194 -19.00 40.20 -38.07
C ASN A 194 -19.49 40.88 -39.35
N PRO A 195 -18.66 41.59 -40.12
CA PRO A 195 -19.22 42.44 -41.19
C PRO A 195 -20.00 41.66 -42.24
N SER A 196 -19.71 40.38 -42.43
CA SER A 196 -20.49 39.53 -43.33
C SER A 196 -20.15 38.07 -43.11
N GLY A 197 -21.18 37.23 -42.95
CA GLY A 197 -20.96 35.81 -42.77
C GLY A 197 -20.63 35.06 -44.05
N ASP A 198 -20.69 35.73 -45.19
CA ASP A 198 -20.48 35.08 -46.47
C ASP A 198 -19.05 34.56 -46.59
N THR A 199 -18.90 33.37 -47.17
CA THR A 199 -17.59 32.78 -47.39
C THR A 199 -17.01 33.12 -48.76
N SER A 200 -17.85 33.41 -49.75
CA SER A 200 -17.36 33.65 -51.09
C SER A 200 -16.41 34.84 -51.13
N ARG A 201 -16.68 35.86 -50.33
CA ARG A 201 -15.79 37.01 -50.24
C ARG A 201 -14.63 36.79 -49.27
N GLY A 202 -14.68 35.75 -48.45
CA GLY A 202 -13.62 35.46 -47.52
C GLY A 202 -13.62 36.30 -46.27
N PHE A 203 -14.67 37.09 -46.02
CA PHE A 203 -14.76 37.83 -44.77
C PHE A 203 -15.18 36.92 -43.62
N GLY A 204 -16.19 36.09 -43.84
CA GLY A 204 -16.74 35.27 -42.78
C GLY A 204 -15.82 34.14 -42.35
N ASN A 205 -16.21 33.48 -41.27
CA ASN A 205 -15.43 32.38 -40.71
C ASN A 205 -15.49 31.16 -41.62
N VAL A 206 -14.39 30.41 -41.64
CA VAL A 206 -14.33 29.11 -42.32
C VAL A 206 -13.48 28.15 -41.50
N PRO A 207 -13.95 26.92 -41.24
CA PRO A 207 -13.10 25.93 -40.56
C PRO A 207 -12.23 25.14 -41.53
N PHE A 208 -10.91 25.19 -41.33
CA PHE A 208 -9.96 24.44 -42.16
C PHE A 208 -9.34 23.31 -41.34
N ALA A 209 -9.41 22.09 -41.87
CA ALA A 209 -8.80 20.92 -41.26
C ALA A 209 -7.49 20.58 -41.94
N ARG A 210 -6.50 20.17 -41.15
CA ARG A 210 -5.25 19.64 -41.68
C ARG A 210 -4.81 18.44 -40.84
N ASP A 211 -3.87 17.67 -41.38
CA ASP A 211 -3.39 16.46 -40.74
C ASP A 211 -1.87 16.38 -40.84
N GLU A 212 -1.20 16.42 -39.70
CA GLU A 212 0.21 16.09 -39.62
C GLU A 212 0.38 14.62 -39.23
N TYR A 213 1.56 14.07 -39.53
CA TYR A 213 1.85 12.67 -39.30
C TYR A 213 3.13 12.51 -38.48
N VAL A 214 3.20 11.40 -37.76
CA VAL A 214 4.33 11.09 -36.88
C VAL A 214 4.80 9.67 -37.17
N SER A 215 6.09 9.43 -36.97
CA SER A 215 6.66 8.10 -37.18
C SER A 215 7.89 7.94 -36.30
N PRO A 216 8.17 6.73 -35.80
CA PRO A 216 9.40 6.53 -35.02
C PRO A 216 10.67 6.68 -35.85
N ARG A 217 10.66 6.27 -37.11
CA ARG A 217 11.83 6.36 -37.97
C ARG A 217 11.45 6.85 -39.35
N ILE A 218 12.29 7.72 -39.93
CA ILE A 218 12.18 8.14 -41.32
C ILE A 218 13.54 7.95 -41.97
N LYS A 219 13.55 7.58 -43.25
CA LYS A 219 14.77 7.17 -43.93
C LYS A 219 14.71 7.57 -45.40
N ALA A 220 15.88 7.88 -45.96
CA ALA A 220 16.05 8.13 -47.38
C ALA A 220 16.86 7.00 -48.00
N TYR A 221 16.39 6.48 -49.13
CA TYR A 221 17.12 5.51 -49.94
C TYR A 221 17.58 6.16 -51.24
N PHE A 222 18.84 5.90 -51.62
CA PHE A 222 19.34 6.26 -52.93
C PHE A 222 20.16 5.10 -53.50
N ASN A 223 20.07 4.90 -54.81
CA ASN A 223 20.77 3.81 -55.49
C ASN A 223 21.42 4.34 -56.76
N LEU A 224 22.69 3.99 -56.96
CA LEU A 224 23.46 4.42 -58.13
C LEU A 224 23.86 3.18 -58.93
N ASP A 225 23.60 3.22 -60.24
CA ASP A 225 23.83 2.07 -61.12
C ASP A 225 25.23 2.18 -61.70
N LEU A 226 26.21 1.60 -60.99
CA LEU A 226 27.60 1.68 -61.42
C LEU A 226 27.86 0.86 -62.68
N ALA A 227 27.13 -0.23 -62.88
CA ALA A 227 27.34 -1.05 -64.07
C ALA A 227 27.07 -0.25 -65.34
N GLN A 228 26.09 0.65 -65.31
CA GLN A 228 25.80 1.48 -66.47
C GLN A 228 26.90 2.52 -66.68
N ILE A 229 27.39 3.11 -65.59
CA ILE A 229 28.45 4.11 -65.71
C ILE A 229 29.70 3.50 -66.32
N ARG A 230 30.12 2.33 -65.80
CA ARG A 230 31.29 1.70 -66.38
C ARG A 230 31.01 1.09 -67.75
N ALA A 231 29.74 0.81 -68.06
CA ALA A 231 29.38 0.46 -69.43
C ALA A 231 29.45 1.67 -70.36
N PHE A 232 29.50 2.88 -69.81
CA PHE A 232 29.80 4.05 -70.64
C PHE A 232 31.29 4.15 -70.91
N GLY A 233 32.13 3.88 -69.90
CA GLY A 233 33.55 3.70 -70.10
C GLY A 233 34.22 4.77 -70.93
N LEU A 234 33.99 6.04 -70.59
CA LEU A 234 34.51 7.17 -71.36
C LEU A 234 35.91 7.59 -70.93
N GLY A 235 36.68 6.67 -70.38
CA GLY A 235 37.98 7.01 -69.80
C GLY A 235 37.86 7.07 -68.30
N GLU A 236 38.79 6.41 -67.59
CA GLU A 236 38.62 6.19 -66.16
C GLU A 236 38.43 7.52 -65.42
N GLN A 237 39.17 8.56 -65.79
CA GLN A 237 39.06 9.82 -65.07
C GLN A 237 37.68 10.44 -65.23
N VAL A 238 37.03 10.23 -66.37
CA VAL A 238 35.66 10.72 -66.55
C VAL A 238 34.70 9.98 -65.64
N ASP A 239 34.90 8.66 -65.49
CA ASP A 239 34.08 7.89 -64.57
C ASP A 239 34.28 8.37 -63.13
N ARG A 240 35.53 8.65 -62.75
CA ARG A 240 35.77 9.17 -61.40
C ARG A 240 35.08 10.51 -61.21
N LEU A 241 35.05 11.33 -62.26
CA LEU A 241 34.36 12.61 -62.17
C LEU A 241 32.86 12.42 -61.97
N LEU A 242 32.24 11.56 -62.77
CA LEU A 242 30.80 11.35 -62.67
C LEU A 242 30.42 10.80 -61.30
N ILE A 243 31.22 9.85 -60.79
CA ILE A 243 30.95 9.31 -59.46
C ILE A 243 31.08 10.40 -58.40
N ALA A 244 32.10 11.25 -58.53
CA ALA A 244 32.26 12.33 -57.56
C ALA A 244 31.09 13.31 -57.63
N LEU A 245 30.54 13.54 -58.83
CA LEU A 245 29.38 14.42 -58.93
C LEU A 245 28.16 13.81 -58.26
N ALA A 246 27.93 12.51 -58.45
CA ALA A 246 26.78 11.89 -57.80
C ALA A 246 26.93 11.97 -56.27
N LEU A 247 28.15 11.74 -55.77
CA LEU A 247 28.33 11.77 -54.32
C LEU A 247 28.25 13.19 -53.78
N TYR A 248 28.75 14.18 -54.53
CA TYR A 248 28.61 15.57 -54.10
C TYR A 248 27.15 15.98 -54.08
N LYS A 249 26.37 15.54 -55.06
CA LYS A 249 24.93 15.83 -55.06
C LYS A 249 24.28 15.27 -53.79
N VAL A 250 24.60 14.03 -53.43
CA VAL A 250 24.01 13.46 -52.22
C VAL A 250 24.47 14.22 -50.97
N ARG A 251 25.78 14.47 -50.86
CA ARG A 251 26.31 15.14 -49.68
C ARG A 251 25.80 16.57 -49.55
N ARG A 252 25.44 17.20 -50.67
CA ARG A 252 24.80 18.51 -50.60
C ARG A 252 23.36 18.38 -50.12
N PHE A 253 22.59 17.49 -50.76
CA PHE A 253 21.19 17.32 -50.36
C PHE A 253 21.06 16.95 -48.90
N LEU A 254 22.08 16.29 -48.32
CA LEU A 254 22.00 15.86 -46.93
C LEU A 254 22.54 16.89 -45.95
N VAL A 255 23.01 18.05 -46.42
CA VAL A 255 23.51 19.09 -45.51
C VAL A 255 22.68 20.35 -45.70
N HIS A 256 22.12 20.54 -46.90
CA HIS A 256 21.23 21.65 -47.18
C HIS A 256 20.06 21.15 -48.02
N GLY A 257 18.92 21.81 -47.87
CA GLY A 257 17.75 21.46 -48.65
C GLY A 257 16.92 20.32 -48.09
N LEU A 258 17.22 19.83 -46.89
CA LEU A 258 16.45 18.73 -46.33
C LEU A 258 15.01 19.13 -46.04
N ARG A 259 14.76 20.40 -45.78
CA ARG A 259 13.40 20.90 -45.53
C ARG A 259 12.65 20.94 -46.86
N LEU A 260 12.09 19.78 -47.22
CA LEU A 260 11.29 19.73 -48.45
C LEU A 260 10.15 20.72 -48.42
N ARG A 261 9.57 20.94 -47.24
CA ARG A 261 8.50 21.91 -47.07
C ARG A 261 8.78 22.72 -45.81
N THR A 262 8.46 24.01 -45.85
CA THR A 262 8.89 24.93 -44.82
C THR A 262 8.23 24.68 -43.47
N ALA A 263 7.17 23.88 -43.42
CA ALA A 263 6.52 23.60 -42.15
C ALA A 263 7.34 22.69 -41.26
N CYS A 264 8.35 22.01 -41.80
CA CYS A 264 9.07 20.99 -41.03
C CYS A 264 10.49 20.85 -41.55
N ASP A 265 11.45 21.30 -40.77
CA ASP A 265 12.86 21.06 -41.05
C ASP A 265 13.27 19.65 -40.63
N LEU A 266 14.17 19.05 -41.40
CA LEU A 266 14.76 17.76 -41.08
C LEU A 266 16.27 17.87 -41.08
N ASP A 267 16.92 17.02 -40.26
CA ASP A 267 18.35 16.79 -40.38
C ASP A 267 18.62 15.29 -40.29
N CYS A 268 19.70 14.86 -40.95
CA CYS A 268 20.09 13.46 -40.96
C CYS A 268 20.98 13.13 -39.76
N GLN A 269 20.73 11.98 -39.15
CA GLN A 269 21.57 11.52 -38.04
C GLN A 269 22.75 10.66 -38.51
N ALA A 270 22.55 9.84 -39.55
CA ALA A 270 23.67 9.09 -40.12
C ALA A 270 23.42 8.83 -41.59
N LEU A 271 24.52 8.61 -42.31
CA LEU A 271 24.50 8.12 -43.69
C LEU A 271 25.22 6.79 -43.75
N ARG A 272 24.69 5.85 -44.54
CA ARG A 272 25.25 4.51 -44.62
C ARG A 272 25.09 3.96 -46.03
N VAL A 273 25.91 2.96 -46.35
CA VAL A 273 25.81 2.20 -47.59
C VAL A 273 25.66 0.72 -47.23
N THR A 274 24.86 0.01 -48.01
CA THR A 274 24.47 -1.36 -47.67
C THR A 274 25.20 -2.41 -48.51
N ARG A 275 25.10 -2.34 -49.84
CA ARG A 275 25.59 -3.44 -50.66
C ARG A 275 27.11 -3.54 -50.62
N PRO A 276 27.88 -2.58 -51.18
CA PRO A 276 29.35 -2.64 -50.95
C PRO A 276 29.77 -2.00 -49.63
N GLU A 277 29.68 -2.79 -48.55
CA GLU A 277 29.93 -2.29 -47.20
C GLU A 277 31.42 -2.33 -46.90
N GLY A 278 31.77 -2.07 -45.64
CA GLY A 278 33.17 -1.92 -45.25
C GLY A 278 33.74 -0.57 -45.59
N TRP A 279 33.58 -0.13 -46.84
CA TRP A 279 34.03 1.19 -47.27
C TRP A 279 33.17 2.27 -46.63
N GLU A 280 33.81 3.39 -46.28
CA GLU A 280 33.12 4.53 -45.70
C GLU A 280 33.09 5.69 -46.69
N VAL A 281 31.95 6.38 -46.74
CA VAL A 281 31.77 7.52 -47.65
C VAL A 281 32.70 8.65 -47.22
N PRO A 282 33.25 9.43 -48.16
CA PRO A 282 34.16 10.52 -47.77
C PRO A 282 33.43 11.64 -47.05
N GLU A 283 34.22 12.51 -46.44
CA GLU A 283 33.70 13.69 -45.74
C GLU A 283 33.56 14.86 -46.70
N LEU A 284 32.72 15.82 -46.31
CA LEU A 284 32.49 17.00 -47.15
C LEU A 284 33.75 17.85 -47.28
N SER A 285 34.48 18.05 -46.18
CA SER A 285 35.61 18.96 -46.20
C SER A 285 36.78 18.46 -47.05
N GLU A 286 36.82 17.16 -47.36
CA GLU A 286 37.82 16.62 -48.27
C GLU A 286 37.31 16.52 -49.71
N LEU A 287 36.03 16.20 -49.89
CA LEU A 287 35.47 16.18 -51.23
C LEU A 287 35.50 17.57 -51.86
N GLU A 288 35.25 18.60 -51.03
CA GLU A 288 35.36 19.98 -51.50
C GLU A 288 36.77 20.30 -51.97
N ALA A 289 37.78 19.73 -51.33
CA ALA A 289 39.16 20.01 -51.72
C ALA A 289 39.57 19.20 -52.94
N ALA A 290 39.04 17.97 -53.07
CA ALA A 290 39.45 17.10 -54.17
C ALA A 290 38.83 17.52 -55.50
N LEU A 291 37.53 17.85 -55.51
CA LEU A 291 36.81 18.03 -56.78
C LEU A 291 37.51 18.96 -57.78
N PRO A 292 37.97 20.16 -57.40
CA PRO A 292 38.53 21.08 -58.41
C PRO A 292 39.66 20.47 -59.25
N GLY A 293 40.49 19.63 -58.64
CA GLY A 293 41.51 18.95 -59.42
C GLY A 293 40.91 18.07 -60.50
N LEU A 294 39.85 17.33 -60.16
CA LEU A 294 39.18 16.50 -61.16
C LEU A 294 38.60 17.36 -62.27
N ILE A 295 38.02 18.51 -61.91
CA ILE A 295 37.42 19.36 -62.95
C ILE A 295 38.49 19.82 -63.92
N GLU A 296 39.64 20.27 -63.40
CA GLU A 296 40.70 20.74 -64.26
C GLU A 296 41.26 19.60 -65.12
N ALA A 297 41.36 18.40 -64.55
CA ALA A 297 41.85 17.26 -65.32
C ALA A 297 40.92 16.96 -66.50
N VAL A 298 39.63 16.80 -66.24
CA VAL A 298 38.72 16.45 -67.33
C VAL A 298 38.61 17.59 -68.34
N ALA A 299 38.83 18.84 -67.89
CA ALA A 299 38.89 19.94 -68.85
C ALA A 299 40.12 19.82 -69.73
N GLY A 300 41.25 19.38 -69.16
CA GLY A 300 42.43 19.12 -69.96
C GLY A 300 42.28 17.95 -70.90
N GLU A 301 41.39 17.00 -70.58
CA GLU A 301 41.05 15.98 -71.56
C GLU A 301 40.13 16.52 -72.65
N GLY A 302 39.37 17.57 -72.35
CA GLY A 302 38.52 18.20 -73.35
C GLY A 302 37.44 17.28 -73.89
N ARG A 303 36.84 16.47 -73.04
CA ARG A 303 35.83 15.51 -73.49
C ARG A 303 34.50 16.19 -73.78
N PHE A 304 34.13 17.18 -72.98
CA PHE A 304 32.90 17.93 -73.24
C PHE A 304 33.16 19.04 -74.26
N ALA A 305 32.07 19.55 -74.82
CA ALA A 305 32.18 20.56 -75.87
C ALA A 305 32.92 21.79 -75.37
N GLN A 306 33.77 22.35 -76.24
CA GLN A 306 34.72 23.37 -75.82
C GLN A 306 34.10 24.74 -75.53
N PRO A 307 33.01 25.15 -76.22
CA PRO A 307 32.32 26.36 -75.76
C PRO A 307 31.51 26.08 -74.51
N ALA A 308 32.16 26.17 -73.35
CA ALA A 308 31.58 25.65 -72.12
C ALA A 308 30.20 26.24 -71.83
N VAL A 309 29.95 27.48 -72.25
CA VAL A 309 28.65 28.12 -72.12
C VAL A 309 28.02 28.17 -73.51
N THR A 310 26.83 27.61 -73.64
CA THR A 310 26.07 27.63 -74.89
C THR A 310 24.79 28.42 -74.71
N ILE A 311 24.56 29.40 -75.59
CA ILE A 311 23.32 30.16 -75.65
C ILE A 311 22.57 29.73 -76.90
N VAL A 312 21.24 29.70 -76.81
CA VAL A 312 20.38 29.36 -77.94
C VAL A 312 19.21 30.32 -78.00
N THR A 313 18.70 30.52 -79.22
CA THR A 313 17.58 31.43 -79.44
C THR A 313 16.28 30.86 -78.86
N TYR A 314 15.40 31.78 -78.44
CA TYR A 314 14.10 31.42 -77.88
C TYR A 314 13.06 32.39 -78.42
N GLU A 315 11.91 31.85 -78.82
CA GLU A 315 10.85 32.67 -79.41
C GLU A 315 9.50 32.03 -79.12
N LYS A 316 8.48 32.87 -79.01
CA LYS A 316 7.12 32.42 -78.79
C LYS A 316 6.13 33.36 -79.48
N MET B 1 30.80 46.43 -32.92
CA MET B 1 30.57 44.97 -32.78
C MET B 1 29.20 44.60 -33.35
N LYS B 2 29.16 43.53 -34.14
CA LYS B 2 27.94 43.05 -34.77
C LYS B 2 27.84 41.54 -34.63
N LEU B 3 26.62 41.05 -34.51
CA LEU B 3 26.35 39.61 -34.45
C LEU B 3 26.13 39.00 -35.81
N GLU B 4 25.78 39.81 -36.81
CA GLU B 4 25.52 39.29 -38.14
C GLU B 4 26.70 38.53 -38.73
N PRO B 5 27.96 38.93 -38.53
CA PRO B 5 29.06 38.08 -39.02
C PRO B 5 29.00 36.66 -38.46
N LEU B 6 28.76 36.56 -37.14
CA LEU B 6 28.75 35.25 -36.50
C LEU B 6 27.54 34.43 -36.93
N LEU B 7 26.42 35.08 -37.25
CA LEU B 7 25.25 34.33 -37.69
C LEU B 7 25.34 33.97 -39.17
N SER B 8 25.83 34.88 -40.01
CA SER B 8 26.05 34.58 -41.42
C SER B 8 27.17 33.57 -41.63
N ASP B 9 27.93 33.24 -40.58
CA ASP B 9 28.80 32.07 -40.65
C ASP B 9 28.07 30.74 -40.46
N VAL B 10 26.77 30.76 -40.17
CA VAL B 10 26.04 29.56 -39.76
C VAL B 10 24.78 29.43 -40.61
N PRO B 11 24.34 28.20 -40.95
CA PRO B 11 23.19 28.07 -41.86
C PRO B 11 21.83 28.20 -41.20
N ARG B 12 21.74 28.13 -39.87
CA ARG B 12 20.44 28.17 -39.21
C ARG B 12 20.64 28.52 -37.74
N LEU B 13 19.63 29.20 -37.18
CA LEU B 13 19.63 29.57 -35.77
C LEU B 13 18.41 28.97 -35.09
N LEU B 14 18.64 28.26 -33.99
CA LEU B 14 17.59 27.57 -33.24
C LEU B 14 17.69 27.98 -31.78
N MET B 15 16.53 28.27 -31.18
CA MET B 15 16.47 28.65 -29.77
C MET B 15 15.37 27.87 -29.07
N GLU B 16 15.54 27.70 -27.76
CA GLU B 16 14.63 26.90 -26.95
C GLU B 16 14.46 27.54 -25.58
N ALA B 17 13.22 27.61 -25.12
CA ALA B 17 12.90 28.16 -23.79
C ALA B 17 12.03 27.17 -23.03
N ASP B 18 12.29 27.03 -21.74
CA ASP B 18 11.56 26.12 -20.87
C ASP B 18 10.61 26.90 -19.97
N LEU B 19 9.34 26.50 -19.96
CA LEU B 19 8.27 27.26 -19.33
C LEU B 19 7.55 26.40 -18.29
N VAL B 20 7.03 27.07 -17.26
CA VAL B 20 6.20 26.40 -16.24
C VAL B 20 5.06 27.30 -15.86
N PRO B 21 3.92 26.70 -15.48
CA PRO B 21 2.82 27.51 -14.95
C PRO B 21 3.25 28.37 -13.77
N VAL B 22 2.74 29.60 -13.74
CA VAL B 22 3.12 30.54 -12.69
C VAL B 22 2.52 30.10 -11.36
N GLN B 23 1.25 29.67 -11.37
CA GLN B 23 0.55 29.21 -10.18
C GLN B 23 0.00 27.82 -10.43
N GLY B 24 0.05 26.98 -9.40
CA GLY B 24 -0.48 25.63 -9.54
C GLY B 24 0.31 24.80 -10.52
N THR B 25 -0.37 23.82 -11.13
CA THR B 25 0.29 22.89 -12.05
C THR B 25 -0.56 22.56 -13.28
N ARG B 26 -1.59 23.35 -13.58
CA ARG B 26 -2.47 23.10 -14.71
C ARG B 26 -2.37 24.23 -15.72
N PHE B 27 -2.76 23.94 -16.96
CA PHE B 27 -2.85 24.95 -18.00
C PHE B 27 -3.86 24.50 -19.05
N GLN B 28 -4.34 25.47 -19.84
CA GLN B 28 -5.34 25.24 -20.86
C GLN B 28 -4.70 25.32 -22.24
N PRO B 29 -4.72 24.27 -23.06
CA PRO B 29 -4.22 24.37 -24.43
C PRO B 29 -5.26 25.00 -25.36
N THR B 30 -4.80 25.35 -26.55
CA THR B 30 -5.68 25.89 -27.57
C THR B 30 -6.80 24.90 -27.89
N GLY B 31 -8.02 25.42 -28.01
CA GLY B 31 -9.15 24.59 -28.39
C GLY B 31 -9.43 24.64 -29.87
N PHE B 32 -9.00 23.61 -30.59
CA PHE B 32 -9.25 23.56 -32.03
C PHE B 32 -10.72 23.25 -32.28
N PRO B 33 -11.28 23.74 -33.39
CA PRO B 33 -12.75 23.70 -33.55
C PRO B 33 -13.39 22.34 -33.27
N ASP B 34 -12.92 21.28 -33.92
CA ASP B 34 -13.55 19.96 -33.81
C ASP B 34 -12.78 18.99 -32.94
N LEU B 35 -11.62 19.39 -32.40
CA LEU B 35 -10.80 18.50 -31.58
C LEU B 35 -10.59 18.98 -30.16
N GLY B 36 -10.85 20.25 -29.86
CA GLY B 36 -10.44 20.77 -28.58
C GLY B 36 -8.93 20.69 -28.47
N ALA B 37 -8.42 20.19 -27.33
CA ALA B 37 -6.98 20.05 -27.16
C ALA B 37 -6.40 19.19 -28.28
N ALA B 38 -5.18 19.47 -28.70
CA ALA B 38 -4.55 18.74 -29.80
C ALA B 38 -3.31 18.01 -29.34
N HIS B 39 -3.38 16.69 -29.19
CA HIS B 39 -2.27 15.92 -28.66
C HIS B 39 -2.12 14.57 -29.34
N TYR B 40 -0.95 13.95 -29.25
CA TYR B 40 -0.76 12.60 -29.81
C TYR B 40 0.51 11.88 -29.36
N GLU B 41 0.69 10.63 -29.82
CA GLU B 41 1.84 9.84 -29.36
C GLU B 41 3.19 10.30 -29.87
N GLY B 42 4.15 10.47 -28.97
CA GLY B 42 5.48 10.82 -29.39
C GLY B 42 6.23 9.63 -29.94
N PRO B 43 7.48 9.89 -30.39
CA PRO B 43 8.28 8.79 -30.95
C PRO B 43 8.60 7.69 -29.95
N ASP B 44 8.86 8.06 -28.69
CA ASP B 44 9.11 7.10 -27.64
C ASP B 44 7.84 6.56 -27.01
N GLY B 45 6.69 6.76 -27.66
CA GLY B 45 5.41 6.31 -27.12
C GLY B 45 4.77 7.24 -26.13
N ARG B 46 5.53 8.15 -25.51
CA ARG B 46 4.99 9.02 -24.49
C ARG B 46 3.95 9.97 -25.08
N PRO B 47 2.95 10.35 -24.30
CA PRO B 47 1.92 11.27 -24.83
C PRO B 47 2.43 12.70 -24.93
N MET B 48 2.12 13.34 -26.06
CA MET B 48 2.57 14.69 -26.37
C MET B 48 1.35 15.59 -26.58
N LEU B 49 1.53 16.89 -26.29
CA LEU B 49 0.48 17.88 -26.48
C LEU B 49 1.03 19.09 -27.21
N LEU B 50 0.32 19.51 -28.26
CA LEU B 50 0.61 20.77 -28.97
C LEU B 50 -0.05 21.91 -28.20
N VAL B 51 0.74 22.64 -27.42
CA VAL B 51 0.16 23.66 -26.54
C VAL B 51 -0.43 24.81 -27.35
N GLU B 52 0.35 25.36 -28.29
CA GLU B 52 -0.17 26.40 -29.17
C GLU B 52 0.51 26.30 -30.53
N SER B 53 -0.28 26.55 -31.59
CA SER B 53 0.20 26.45 -32.95
C SER B 53 1.06 27.65 -33.32
N ALA B 54 1.93 27.42 -34.31
CA ALA B 54 2.83 28.49 -34.76
C ALA B 54 2.06 29.64 -35.39
N GLN B 55 0.98 29.34 -36.09
CA GLN B 55 0.24 30.39 -36.80
C GLN B 55 -0.28 31.47 -35.85
N SER B 56 -0.58 31.09 -34.60
CA SER B 56 -0.97 32.08 -33.59
C SER B 56 0.23 32.67 -32.86
N MET B 57 1.30 31.91 -32.69
CA MET B 57 2.54 32.48 -32.16
C MET B 57 3.01 33.64 -33.03
N ALA B 58 2.81 33.54 -34.35
CA ALA B 58 3.14 34.66 -35.23
C ALA B 58 2.31 35.88 -34.90
N ASN B 59 0.99 35.70 -34.75
CA ASN B 59 0.13 36.81 -34.36
C ASN B 59 0.56 37.40 -33.02
N ARG B 60 1.11 36.58 -32.12
CA ARG B 60 1.53 37.09 -30.82
C ARG B 60 2.82 37.90 -30.95
N LEU B 61 3.76 37.44 -31.76
CA LEU B 61 4.98 38.21 -32.00
C LEU B 61 4.65 39.54 -32.67
N GLU B 62 3.73 39.51 -33.63
CA GLU B 62 3.24 40.74 -34.25
C GLU B 62 2.58 41.65 -33.22
N THR B 63 1.77 41.08 -32.33
CA THR B 63 1.03 41.89 -31.38
C THR B 63 1.93 42.51 -30.32
N VAL B 64 3.06 41.86 -30.03
CA VAL B 64 4.01 42.47 -29.10
C VAL B 64 4.82 43.55 -29.81
N CYS B 65 5.15 43.35 -31.09
CA CYS B 65 5.99 44.35 -31.76
C CYS B 65 5.24 45.62 -32.17
N TRP B 66 3.91 45.62 -32.15
CA TRP B 66 3.11 46.70 -32.71
C TRP B 66 2.01 47.11 -31.75
N ASP B 67 1.66 48.38 -31.77
CA ASP B 67 0.62 48.96 -30.91
C ASP B 67 -0.57 49.37 -31.77
N LYS B 68 -1.72 48.72 -31.54
CA LYS B 68 -2.94 49.08 -32.25
C LYS B 68 -3.61 50.31 -31.67
N ASP B 69 -3.21 50.76 -30.48
CA ASP B 69 -3.80 51.95 -29.88
C ASP B 69 -3.26 53.22 -30.54
N ALA B 70 -1.93 53.38 -30.53
CA ALA B 70 -1.30 54.53 -31.15
C ALA B 70 -1.17 54.39 -32.66
N ASP B 71 -1.48 53.22 -33.22
CA ASP B 71 -1.32 52.97 -34.66
C ASP B 71 0.12 53.24 -35.09
N ASP B 72 1.07 52.76 -34.30
CA ASP B 72 2.48 53.03 -34.55
C ASP B 72 3.31 51.94 -33.90
N TRP B 73 4.57 51.85 -34.33
CA TRP B 73 5.51 50.90 -33.74
C TRP B 73 5.91 51.35 -32.34
N VAL B 74 6.45 50.41 -31.57
CA VAL B 74 7.06 50.78 -30.29
C VAL B 74 8.27 51.66 -30.56
N VAL B 75 8.70 52.38 -29.53
CA VAL B 75 9.75 53.39 -29.64
C VAL B 75 10.91 52.90 -30.51
N PRO B 76 11.42 51.68 -30.31
CA PRO B 76 12.56 51.23 -31.12
C PRO B 76 12.24 51.09 -32.60
N LEU B 77 11.15 50.37 -32.91
CA LEU B 77 10.79 50.11 -34.30
C LEU B 77 10.14 51.30 -34.99
N ARG B 78 10.07 52.46 -34.32
CA ARG B 78 9.43 53.64 -34.90
C ARG B 78 10.18 54.12 -36.13
N GLY B 79 9.59 53.90 -37.31
CA GLY B 79 10.23 54.30 -38.56
C GLY B 79 10.03 53.29 -39.67
N LEU B 80 9.64 52.07 -39.32
CA LEU B 80 9.48 51.01 -40.31
C LEU B 80 8.18 51.21 -41.11
N PRO B 81 8.15 50.74 -42.36
CA PRO B 81 6.96 50.94 -43.19
C PRO B 81 5.80 50.06 -42.76
N VAL B 82 4.59 50.56 -42.98
CA VAL B 82 3.35 49.84 -42.67
C VAL B 82 2.19 50.45 -43.45
N VAL B 83 1.40 49.60 -44.11
CA VAL B 83 0.17 50.06 -44.76
C VAL B 83 -0.96 50.12 -43.75
N LYS B 84 -1.72 51.22 -43.78
CA LYS B 84 -2.91 51.38 -42.96
C LYS B 84 -4.15 51.47 -43.85
N VAL B 85 -5.25 50.88 -43.39
CA VAL B 85 -6.54 50.95 -44.07
C VAL B 85 -7.43 51.92 -43.30
N LEU B 86 -7.87 52.98 -43.97
CA LEU B 86 -8.84 53.91 -43.41
C LEU B 86 -10.25 53.54 -43.83
N ASP B 87 -11.23 54.05 -43.09
CA ASP B 87 -12.63 53.92 -43.44
C ASP B 87 -13.12 55.22 -44.09
N LYS B 88 -14.37 55.20 -44.55
CA LYS B 88 -14.90 56.35 -45.28
C LYS B 88 -14.95 57.61 -44.42
N ALA B 89 -14.98 57.48 -43.10
CA ALA B 89 -14.99 58.62 -42.20
C ALA B 89 -13.60 59.06 -41.77
N GLY B 90 -12.55 58.42 -42.29
CA GLY B 90 -11.19 58.80 -41.96
C GLY B 90 -10.64 58.21 -40.69
N LYS B 91 -11.36 57.26 -40.07
CA LYS B 91 -10.90 56.59 -38.86
C LYS B 91 -10.15 55.31 -39.21
N PRO B 92 -9.07 54.95 -38.50
CA PRO B 92 -8.33 53.74 -38.85
C PRO B 92 -9.17 52.47 -38.73
N LEU B 93 -9.45 51.83 -39.87
CA LEU B 93 -10.18 50.57 -39.85
C LEU B 93 -9.29 49.40 -39.46
N THR B 94 -8.08 49.32 -40.03
CA THR B 94 -7.12 48.30 -39.64
C THR B 94 -5.73 48.70 -40.14
N ASN B 95 -4.75 47.86 -39.87
CA ASN B 95 -3.40 48.03 -40.37
C ASN B 95 -2.80 46.65 -40.61
N SER B 96 -1.69 46.62 -41.36
CA SER B 96 -1.14 45.34 -41.81
C SER B 96 -0.77 44.45 -40.63
N VAL B 97 -0.11 45.02 -39.61
CA VAL B 97 0.33 44.19 -38.49
C VAL B 97 -0.88 43.68 -37.72
N LEU B 98 -1.98 44.43 -37.70
CA LEU B 98 -3.22 43.92 -37.12
C LEU B 98 -3.83 42.82 -37.99
N GLU B 99 -3.61 42.90 -39.30
CA GLU B 99 -4.21 41.95 -40.23
C GLU B 99 -3.57 40.57 -40.09
N ALA B 100 -4.18 39.59 -40.75
CA ALA B 100 -3.68 38.22 -40.71
C ALA B 100 -2.55 38.01 -41.72
N HIS B 101 -2.85 38.19 -43.02
CA HIS B 101 -1.81 38.02 -44.04
C HIS B 101 -0.95 39.26 -44.19
N ARG B 102 -1.49 40.42 -43.83
CA ARG B 102 -0.83 41.71 -43.86
C ARG B 102 -0.72 42.28 -45.27
N LEU B 103 -0.88 41.44 -46.31
CA LEU B 103 -0.87 41.93 -47.69
C LEU B 103 -2.14 41.52 -48.43
N ASN B 104 -2.48 40.23 -48.37
CA ASN B 104 -3.63 39.70 -49.10
C ASN B 104 -4.94 39.90 -48.36
N SER B 105 -4.97 40.87 -47.46
CA SER B 105 -6.22 41.22 -46.79
C SER B 105 -7.26 41.64 -47.81
N PRO B 106 -8.53 41.26 -47.63
CA PRO B 106 -9.58 41.75 -48.55
C PRO B 106 -9.94 43.20 -48.29
N TYR B 107 -9.16 43.87 -47.42
CA TYR B 107 -9.31 45.30 -47.19
C TYR B 107 -8.14 46.12 -47.74
N ILE B 108 -7.00 45.50 -48.00
CA ILE B 108 -5.86 46.14 -48.62
C ILE B 108 -5.82 45.71 -50.08
N LEU B 109 -5.58 46.66 -50.97
CA LEU B 109 -5.55 46.35 -52.39
C LEU B 109 -6.88 45.76 -52.84
N GLU B 110 -7.96 46.22 -52.22
CA GLU B 110 -9.30 45.74 -52.53
C GLU B 110 -10.27 46.91 -52.47
N GLY B 111 -11.46 46.69 -52.99
CA GLY B 111 -12.41 47.76 -53.19
C GLY B 111 -12.25 48.38 -54.56
N LYS B 112 -12.94 49.51 -54.74
CA LYS B 112 -13.05 50.08 -56.08
C LYS B 112 -11.71 50.56 -56.60
N ASP B 113 -10.85 51.08 -55.73
CA ASP B 113 -9.52 51.51 -56.17
C ASP B 113 -8.56 51.50 -54.99
N LYS B 114 -7.31 51.11 -55.26
CA LYS B 114 -6.24 51.17 -54.27
C LYS B 114 -4.92 51.41 -55.00
N THR B 115 -4.15 52.38 -54.52
CA THR B 115 -2.85 52.65 -55.12
C THR B 115 -1.90 51.47 -54.96
N LEU B 116 -2.02 50.75 -53.85
CA LEU B 116 -1.16 49.58 -53.65
C LEU B 116 -1.35 48.55 -54.76
N PHE B 117 -2.53 48.50 -55.37
CA PHE B 117 -2.76 47.54 -56.45
C PHE B 117 -1.85 47.82 -57.64
N ASP B 118 -1.78 49.10 -58.03
CA ASP B 118 -0.91 49.46 -59.15
C ASP B 118 0.56 49.45 -58.74
N LEU B 119 0.86 49.81 -57.49
CA LEU B 119 2.23 49.70 -57.01
C LEU B 119 2.75 48.26 -57.13
N LEU B 120 1.97 47.29 -56.66
CA LEU B 120 2.37 45.90 -56.76
C LEU B 120 2.42 45.46 -58.22
N LYS B 121 1.46 45.89 -59.04
CA LYS B 121 1.50 45.54 -60.45
C LYS B 121 2.81 45.99 -61.09
N GLN B 122 3.19 47.25 -60.85
CA GLN B 122 4.38 47.81 -61.49
C GLN B 122 5.66 47.19 -60.93
N GLU B 123 5.70 46.93 -59.62
CA GLU B 123 6.90 46.34 -59.03
C GLU B 123 7.09 44.90 -59.49
N LEU B 124 6.03 44.10 -59.41
CA LEU B 124 6.09 42.68 -59.75
C LEU B 124 6.05 42.40 -61.24
N ALA B 125 5.90 43.43 -62.08
CA ALA B 125 5.93 43.20 -63.52
C ALA B 125 7.15 42.38 -63.94
N HIS B 126 8.27 42.50 -63.23
CA HIS B 126 9.43 41.68 -63.56
C HIS B 126 9.15 40.19 -63.39
N MET B 127 8.30 39.82 -62.41
CA MET B 127 7.92 38.43 -62.26
C MET B 127 6.80 38.04 -63.20
N GLU B 128 5.94 38.99 -63.56
CA GLU B 128 4.86 38.69 -64.50
C GLU B 128 5.39 38.43 -65.91
N GLU B 129 6.58 38.92 -66.25
CA GLU B 129 7.15 38.78 -67.58
C GLU B 129 8.51 38.10 -67.57
N GLY B 130 8.81 37.31 -66.54
CA GLY B 130 10.10 36.66 -66.45
C GLY B 130 10.23 35.75 -65.24
N PRO B 131 11.46 35.32 -64.96
CA PRO B 131 11.67 34.38 -63.85
C PRO B 131 11.41 35.05 -62.50
N VAL B 132 11.20 34.21 -61.49
CA VAL B 132 10.79 34.65 -60.17
C VAL B 132 12.02 35.11 -59.39
N ASP B 133 12.30 36.41 -59.41
CA ASP B 133 13.47 36.98 -58.74
C ASP B 133 13.16 37.15 -57.26
N ILE B 134 13.65 36.22 -56.44
CA ILE B 134 13.31 36.22 -55.02
C ILE B 134 13.83 37.49 -54.34
N ARG B 135 15.03 37.95 -54.74
CA ARG B 135 15.62 39.12 -54.11
C ARG B 135 14.79 40.37 -54.40
N LYS B 136 14.27 40.49 -55.62
CA LYS B 136 13.53 41.69 -56.00
C LYS B 136 12.16 41.71 -55.33
N LEU B 137 11.52 40.54 -55.22
CA LEU B 137 10.30 40.44 -54.43
C LEU B 137 10.55 40.80 -52.97
N ALA B 138 11.65 40.29 -52.42
CA ALA B 138 11.96 40.52 -51.02
C ALA B 138 12.10 41.99 -50.75
N GLU B 139 12.89 42.68 -51.56
CA GLU B 139 13.04 44.12 -51.39
C GLU B 139 11.71 44.79 -51.73
N THR B 140 10.91 44.14 -52.56
CA THR B 140 9.59 44.68 -52.86
C THR B 140 8.86 44.72 -51.54
N LEU B 141 8.95 43.64 -50.78
CA LEU B 141 8.33 43.61 -49.47
C LEU B 141 8.98 44.67 -48.61
N LEU B 142 10.30 44.65 -48.50
CA LEU B 142 11.01 45.64 -47.71
C LEU B 142 10.37 47.02 -47.87
N LYS B 143 10.06 47.39 -49.12
CA LYS B 143 9.48 48.70 -49.36
C LYS B 143 8.20 48.92 -48.60
N VAL B 144 7.26 47.98 -48.68
CA VAL B 144 5.96 48.15 -48.05
C VAL B 144 5.80 47.48 -46.71
N ASP B 145 6.03 46.17 -46.64
CA ASP B 145 5.81 45.43 -45.40
C ASP B 145 7.05 44.70 -44.94
N ALA B 146 7.76 45.30 -43.98
CA ALA B 146 8.97 44.68 -43.46
C ALA B 146 8.65 43.45 -42.62
N ASN B 147 7.45 43.39 -42.07
CA ASN B 147 7.04 42.22 -41.28
C ASN B 147 6.61 41.06 -42.16
N ALA B 148 5.99 41.36 -43.31
CA ALA B 148 5.62 40.31 -44.25
C ALA B 148 6.84 39.60 -44.82
N VAL B 149 8.03 40.21 -44.71
CA VAL B 149 9.25 39.51 -45.07
C VAL B 149 9.53 38.39 -44.08
N LEU B 150 9.37 38.67 -42.79
CA LEU B 150 9.58 37.63 -41.78
C LEU B 150 8.53 36.54 -41.89
N HIS B 151 7.26 36.91 -42.07
CA HIS B 151 6.18 35.93 -41.98
C HIS B 151 5.58 35.52 -43.33
N GLY B 152 6.02 36.10 -44.44
CA GLY B 152 5.63 35.63 -45.75
C GLY B 152 4.23 36.08 -46.17
N VAL B 153 3.89 35.78 -47.42
CA VAL B 153 2.62 36.16 -48.02
C VAL B 153 2.24 35.15 -49.11
N PHE B 154 0.99 35.21 -49.55
CA PHE B 154 0.50 34.42 -50.68
C PHE B 154 -0.51 35.27 -51.44
N LEU B 155 -0.15 35.69 -52.65
CA LEU B 155 -0.95 36.65 -53.43
C LEU B 155 -1.79 35.91 -54.47
N ALA B 156 -2.81 35.20 -53.97
CA ALA B 156 -3.51 34.20 -54.75
C ALA B 156 -4.28 34.77 -55.95
N LYS B 157 -4.59 36.07 -55.96
CA LYS B 157 -5.55 36.57 -56.93
C LYS B 157 -5.00 36.50 -58.36
N LYS B 158 -5.93 36.50 -59.32
CA LYS B 158 -5.56 36.29 -60.72
C LYS B 158 -4.63 37.37 -61.23
N GLU B 159 -4.88 38.63 -60.86
CA GLU B 159 -4.08 39.73 -61.40
C GLU B 159 -2.62 39.62 -60.99
N LEU B 160 -2.32 39.00 -59.86
CA LEU B 160 -0.95 38.87 -59.38
C LEU B 160 -0.39 37.49 -59.75
N ALA B 161 -0.22 37.30 -61.05
CA ALA B 161 0.37 36.08 -61.61
C ALA B 161 -0.44 34.84 -61.23
N GLY B 162 -1.73 35.02 -60.97
CA GLY B 162 -2.56 33.91 -60.54
C GLY B 162 -2.10 33.26 -59.25
N GLY B 163 -1.40 34.00 -58.39
CA GLY B 163 -0.87 33.44 -57.17
C GLY B 163 0.39 32.63 -57.33
N ARG B 164 0.97 32.59 -58.53
CA ARG B 164 2.15 31.77 -58.77
C ARG B 164 3.41 32.31 -58.09
N LEU B 165 3.33 33.43 -57.36
CA LEU B 165 4.45 33.94 -56.60
C LEU B 165 4.12 33.90 -55.11
N ARG B 166 5.13 33.59 -54.30
CA ARG B 166 4.95 33.42 -52.86
C ARG B 166 6.30 33.62 -52.19
N LEU B 167 6.25 33.85 -50.88
CA LEU B 167 7.45 34.03 -50.06
C LEU B 167 7.24 33.27 -48.76
N PRO B 168 7.85 32.09 -48.60
CA PRO B 168 7.64 31.33 -47.38
C PRO B 168 8.31 31.97 -46.17
N ARG B 169 7.72 31.71 -45.00
CA ARG B 169 8.18 32.31 -43.76
C ARG B 169 9.65 32.05 -43.52
N ALA B 170 10.36 33.08 -43.05
CA ALA B 170 11.74 32.93 -42.61
C ALA B 170 11.87 32.62 -41.13
N LEU B 171 10.80 32.82 -40.35
CA LEU B 171 10.81 32.53 -38.93
C LEU B 171 9.61 31.64 -38.60
N SER B 172 9.87 30.56 -37.87
CA SER B 172 8.82 29.69 -37.36
C SER B 172 9.06 29.43 -35.88
N ALA B 173 7.99 29.46 -35.09
CA ALA B 173 8.09 29.21 -33.67
C ALA B 173 6.81 28.54 -33.18
N PHE B 174 6.97 27.63 -32.22
CA PHE B 174 5.84 26.90 -31.64
C PHE B 174 6.23 26.42 -30.26
N ILE B 175 5.23 26.05 -29.47
CA ILE B 175 5.40 25.72 -28.06
C ILE B 175 4.71 24.38 -27.79
N GLU B 176 5.39 23.51 -27.03
CA GLU B 176 5.02 22.11 -26.97
C GLU B 176 5.33 21.55 -25.59
N ALA B 177 4.52 20.57 -25.17
CA ALA B 177 4.65 19.93 -23.87
C ALA B 177 4.62 18.41 -24.06
N GLU B 178 5.45 17.70 -23.30
CA GLU B 178 5.73 16.30 -23.54
C GLU B 178 5.41 15.46 -22.31
N ASP B 179 4.82 14.29 -22.53
CA ASP B 179 4.42 13.37 -21.46
C ASP B 179 3.30 13.99 -20.61
N VAL B 180 2.22 14.38 -21.28
CA VAL B 180 1.14 15.08 -20.61
C VAL B 180 0.21 14.09 -19.91
N ARG B 181 -0.51 14.59 -18.91
CA ARG B 181 -1.52 13.82 -18.20
C ARG B 181 -2.74 14.71 -17.99
N VAL B 182 -3.93 14.19 -18.33
CA VAL B 182 -5.14 15.00 -18.35
C VAL B 182 -5.71 15.16 -16.94
N ALA B 183 -6.53 16.20 -16.77
CA ALA B 183 -7.24 16.44 -15.51
C ALA B 183 -8.61 17.02 -15.83
N SER B 184 -9.66 16.25 -15.61
CA SER B 184 -11.02 16.64 -15.96
C SER B 184 -11.69 17.38 -14.80
N SER B 185 -12.37 18.48 -15.13
CA SER B 185 -13.12 19.25 -14.13
C SER B 185 -14.21 20.04 -14.84
N GLY B 186 -15.46 19.60 -14.70
CA GLY B 186 -16.60 20.30 -15.26
C GLY B 186 -17.19 21.32 -14.30
N GLY B 187 -18.44 21.69 -14.58
CA GLY B 187 -19.14 22.63 -13.72
C GLY B 187 -20.58 22.78 -14.15
N VAL B 188 -21.29 23.69 -13.48
CA VAL B 188 -22.69 23.95 -13.74
C VAL B 188 -22.96 25.45 -13.59
N LYS B 189 -23.82 25.97 -14.46
CA LYS B 189 -24.47 27.25 -14.19
C LYS B 189 -25.56 27.03 -13.16
N ASN B 190 -25.52 27.78 -12.06
CA ASN B 190 -26.29 27.43 -10.86
C ASN B 190 -26.84 28.68 -10.20
N ASP B 191 -28.11 29.00 -10.48
CA ASP B 191 -28.85 29.95 -9.68
C ASP B 191 -30.32 29.89 -10.07
N HIS B 192 -31.21 29.91 -9.07
CA HIS B 192 -32.65 29.94 -9.27
C HIS B 192 -33.09 28.83 -10.23
N VAL B 193 -32.84 27.59 -9.80
CA VAL B 193 -33.11 26.44 -10.67
C VAL B 193 -34.61 26.28 -10.91
N ASN B 194 -35.43 26.47 -9.87
CA ASN B 194 -36.86 26.25 -10.00
C ASN B 194 -37.55 27.45 -10.67
N PRO B 195 -37.25 28.68 -10.26
CA PRO B 195 -37.84 29.82 -10.98
C PRO B 195 -37.56 29.81 -12.47
N SER B 196 -36.38 29.33 -12.87
CA SER B 196 -35.93 29.39 -14.26
C SER B 196 -36.02 27.99 -14.85
N GLY B 197 -36.75 27.86 -15.96
CA GLY B 197 -36.99 26.57 -16.57
C GLY B 197 -36.15 26.28 -17.80
N ASP B 198 -36.74 26.50 -18.98
CA ASP B 198 -36.15 26.08 -20.25
C ASP B 198 -34.71 26.55 -20.40
N THR B 199 -33.78 25.59 -20.48
CA THR B 199 -32.37 25.93 -20.61
C THR B 199 -32.06 26.58 -21.96
N SER B 200 -32.83 26.26 -23.00
CA SER B 200 -32.57 26.84 -24.31
C SER B 200 -32.81 28.34 -24.30
N ARG B 201 -33.67 28.82 -23.41
CA ARG B 201 -33.90 30.26 -23.23
C ARG B 201 -33.00 30.86 -22.15
N GLY B 202 -31.90 30.18 -21.80
CA GLY B 202 -30.99 30.66 -20.80
C GLY B 202 -31.43 30.42 -19.37
N PHE B 203 -32.55 29.74 -19.16
CA PHE B 203 -33.07 29.49 -17.82
C PHE B 203 -32.48 28.19 -17.27
N GLY B 204 -32.91 27.82 -16.07
CA GLY B 204 -32.49 26.58 -15.44
C GLY B 204 -31.00 26.53 -15.13
N ASN B 205 -30.57 25.31 -14.78
CA ASN B 205 -29.17 24.97 -14.59
C ASN B 205 -28.74 24.00 -15.69
N VAL B 206 -27.51 24.16 -16.16
CA VAL B 206 -26.99 23.27 -17.20
C VAL B 206 -25.54 22.89 -16.87
N PRO B 207 -25.16 21.62 -17.01
CA PRO B 207 -23.78 21.23 -16.76
C PRO B 207 -22.88 21.40 -17.98
N PHE B 208 -21.57 21.48 -17.70
CA PHE B 208 -20.55 21.50 -18.73
C PHE B 208 -19.34 20.70 -18.25
N ALA B 209 -18.50 20.31 -19.20
CA ALA B 209 -17.30 19.54 -18.91
C ALA B 209 -16.08 20.25 -19.48
N ARG B 210 -14.97 20.21 -18.74
CA ARG B 210 -13.72 20.81 -19.18
C ARG B 210 -12.55 19.89 -18.82
N ASP B 211 -11.53 19.90 -19.67
CA ASP B 211 -10.32 19.11 -19.48
C ASP B 211 -9.11 20.03 -19.51
N GLU B 212 -8.34 20.02 -18.42
CA GLU B 212 -7.03 20.65 -18.39
C GLU B 212 -5.95 19.57 -18.54
N TYR B 213 -4.69 20.01 -18.62
CA TYR B 213 -3.56 19.10 -18.71
C TYR B 213 -2.44 19.55 -17.80
N VAL B 214 -1.54 18.62 -17.49
CA VAL B 214 -0.30 18.89 -16.77
C VAL B 214 0.82 18.15 -17.50
N SER B 215 2.03 18.68 -17.38
CA SER B 215 3.20 18.09 -18.02
C SER B 215 4.43 18.32 -17.15
N PRO B 216 5.41 17.42 -17.20
CA PRO B 216 6.66 17.68 -16.47
C PRO B 216 7.50 18.78 -17.10
N ARG B 217 7.44 18.96 -18.42
CA ARG B 217 8.23 19.98 -19.10
C ARG B 217 7.41 20.62 -20.21
N ILE B 218 7.57 21.92 -20.38
CA ILE B 218 6.97 22.68 -21.46
C ILE B 218 8.08 23.47 -22.15
N LYS B 219 8.17 23.35 -23.48
CA LYS B 219 9.21 24.00 -24.25
C LYS B 219 8.61 24.89 -25.33
N ALA B 220 9.19 26.08 -25.49
CA ALA B 220 8.93 26.95 -26.64
C ALA B 220 10.10 26.87 -27.59
N TYR B 221 9.82 26.71 -28.88
CA TYR B 221 10.85 26.56 -29.91
C TYR B 221 10.79 27.74 -30.85
N PHE B 222 11.97 28.30 -31.17
CA PHE B 222 12.10 29.36 -32.16
C PHE B 222 13.08 28.91 -33.24
N ASN B 223 12.65 29.00 -34.49
CA ASN B 223 13.43 28.49 -35.63
C ASN B 223 13.54 29.60 -36.67
N LEU B 224 14.71 30.25 -36.71
CA LEU B 224 14.98 31.34 -37.64
C LEU B 224 15.99 30.85 -38.66
N ASP B 225 15.60 30.89 -39.94
CA ASP B 225 16.41 30.33 -41.02
C ASP B 225 17.30 31.43 -41.59
N LEU B 226 18.57 31.43 -41.18
CA LEU B 226 19.53 32.41 -41.71
C LEU B 226 19.87 32.16 -43.17
N ALA B 227 19.48 31.01 -43.74
CA ALA B 227 19.72 30.78 -45.15
C ALA B 227 18.80 31.64 -46.03
N GLN B 228 17.58 31.91 -45.58
CA GLN B 228 16.64 32.66 -46.41
C GLN B 228 17.04 34.14 -46.51
N ILE B 229 17.47 34.75 -45.40
CA ILE B 229 17.85 36.16 -45.46
C ILE B 229 19.09 36.34 -46.32
N ARG B 230 20.02 35.39 -46.28
CA ARG B 230 21.17 35.44 -47.19
C ARG B 230 20.83 34.99 -48.60
N ALA B 231 19.70 34.31 -48.79
CA ALA B 231 19.23 34.02 -50.14
C ALA B 231 18.55 35.23 -50.76
N PHE B 232 17.88 36.04 -49.95
CA PHE B 232 17.50 37.37 -50.38
C PHE B 232 18.75 38.20 -50.66
N GLY B 233 19.75 38.12 -49.79
CA GLY B 233 21.05 38.73 -50.01
C GLY B 233 20.94 40.20 -50.36
N LEU B 234 19.88 40.85 -49.89
CA LEU B 234 19.58 42.20 -50.33
C LEU B 234 20.52 43.23 -49.72
N GLY B 235 21.02 42.98 -48.52
CA GLY B 235 21.98 43.88 -47.89
C GLY B 235 22.42 43.39 -46.52
N GLU B 236 23.72 43.52 -46.23
CA GLU B 236 24.22 42.95 -44.98
C GLU B 236 23.78 43.77 -43.77
N GLN B 237 23.60 45.09 -43.94
CA GLN B 237 22.97 45.86 -42.88
C GLN B 237 21.47 45.60 -42.82
N VAL B 238 20.87 45.20 -43.95
CA VAL B 238 19.48 44.78 -43.94
C VAL B 238 19.34 43.45 -43.20
N ASP B 239 20.30 42.54 -43.41
CA ASP B 239 20.30 41.30 -42.63
C ASP B 239 20.52 41.58 -41.15
N ARG B 240 21.43 42.50 -40.82
CA ARG B 240 21.57 42.96 -39.44
C ARG B 240 20.23 43.39 -38.87
N LEU B 241 19.51 44.22 -39.62
CA LEU B 241 18.20 44.69 -39.17
C LEU B 241 17.24 43.54 -38.94
N LEU B 242 17.15 42.61 -39.90
CA LEU B 242 16.18 41.53 -39.79
C LEU B 242 16.48 40.63 -38.58
N ILE B 243 17.77 40.32 -38.34
CA ILE B 243 18.11 39.49 -37.19
C ILE B 243 17.86 40.23 -35.88
N ALA B 244 18.21 41.51 -35.82
CA ALA B 244 17.98 42.26 -34.59
C ALA B 244 16.49 42.36 -34.30
N LEU B 245 15.68 42.57 -35.35
CA LEU B 245 14.24 42.61 -35.20
C LEU B 245 13.70 41.30 -34.65
N ALA B 246 14.16 40.18 -35.21
CA ALA B 246 13.66 38.89 -34.73
C ALA B 246 14.06 38.64 -33.28
N LEU B 247 15.33 38.92 -32.95
CA LEU B 247 15.80 38.72 -31.58
C LEU B 247 15.01 39.60 -30.60
N TYR B 248 14.83 40.87 -30.93
CA TYR B 248 14.04 41.76 -30.08
C TYR B 248 12.64 41.22 -29.90
N LYS B 249 12.00 40.81 -31.00
CA LYS B 249 10.60 40.41 -30.94
C LYS B 249 10.42 39.19 -30.04
N VAL B 250 11.36 38.24 -30.10
CA VAL B 250 11.26 37.06 -29.24
C VAL B 250 11.61 37.41 -27.80
N ARG B 251 12.73 38.11 -27.59
CA ARG B 251 13.16 38.42 -26.23
C ARG B 251 12.08 39.20 -25.49
N ARG B 252 11.34 40.06 -26.19
CA ARG B 252 10.28 40.81 -25.53
C ARG B 252 9.00 39.99 -25.39
N PHE B 253 8.65 39.18 -26.39
CA PHE B 253 7.49 38.32 -26.23
C PHE B 253 7.63 37.43 -25.01
N LEU B 254 8.82 36.88 -24.79
CA LEU B 254 9.04 35.99 -23.66
C LEU B 254 8.87 36.67 -22.30
N VAL B 255 8.65 37.98 -22.26
CA VAL B 255 8.38 38.68 -21.01
C VAL B 255 6.96 39.26 -20.98
N HIS B 256 6.47 39.77 -22.12
CA HIS B 256 5.18 40.46 -22.12
C HIS B 256 4.03 39.62 -22.64
N GLY B 257 4.29 38.54 -23.37
CA GLY B 257 3.22 37.70 -23.88
C GLY B 257 3.06 36.42 -23.08
N LEU B 258 3.42 36.47 -21.79
CA LEU B 258 3.66 35.24 -21.05
C LEU B 258 2.41 34.37 -20.94
N ARG B 259 1.28 34.94 -20.52
CA ARG B 259 0.07 34.14 -20.33
C ARG B 259 -0.75 34.20 -21.62
N LEU B 260 -0.86 33.05 -22.28
CA LEU B 260 -1.51 32.96 -23.59
C LEU B 260 -3.03 33.00 -23.48
N ARG B 261 -3.58 32.46 -22.39
CA ARG B 261 -5.02 32.45 -22.16
C ARG B 261 -5.27 32.72 -20.68
N THR B 262 -6.53 33.00 -20.36
CA THR B 262 -6.88 33.32 -18.98
C THR B 262 -6.45 32.22 -18.02
N ALA B 263 -6.48 30.96 -18.46
CA ALA B 263 -6.09 29.82 -17.64
C ALA B 263 -4.81 29.16 -18.17
N CYS B 264 -3.90 29.95 -18.74
CA CYS B 264 -2.65 29.43 -19.29
C CYS B 264 -1.49 30.35 -18.92
N ASP B 265 -1.43 30.77 -17.67
CA ASP B 265 -0.32 31.60 -17.20
C ASP B 265 0.95 30.77 -17.07
N LEU B 266 2.02 31.22 -17.74
CA LEU B 266 3.29 30.53 -17.75
C LEU B 266 4.42 31.51 -17.44
N ASP B 267 5.56 30.97 -17.00
CA ASP B 267 6.75 31.76 -16.71
C ASP B 267 7.98 31.07 -17.30
N CYS B 268 8.88 31.87 -17.85
CA CYS B 268 10.11 31.38 -18.44
C CYS B 268 11.21 31.26 -17.39
N GLN B 269 11.88 30.11 -17.35
CA GLN B 269 12.99 29.88 -16.45
C GLN B 269 14.33 30.22 -17.10
N ALA B 270 14.56 29.74 -18.32
CA ALA B 270 15.79 30.04 -19.04
C ALA B 270 15.52 30.04 -20.53
N LEU B 271 16.39 30.74 -21.27
CA LEU B 271 16.43 30.70 -22.72
C LEU B 271 17.78 30.13 -23.16
N ARG B 272 17.76 29.31 -24.21
CA ARG B 272 18.98 28.67 -24.69
C ARG B 272 19.00 28.67 -26.21
N VAL B 273 20.20 28.67 -26.78
CA VAL B 273 20.41 28.55 -28.22
C VAL B 273 20.85 27.13 -28.52
N THR B 274 20.25 26.52 -29.54
CA THR B 274 20.64 25.20 -30.03
C THR B 274 21.59 25.29 -31.22
N ARG B 275 21.35 26.23 -32.14
CA ARG B 275 22.31 26.63 -33.15
C ARG B 275 22.26 28.14 -33.24
N PRO B 276 23.41 28.82 -33.38
CA PRO B 276 24.78 28.31 -33.36
C PRO B 276 25.19 27.85 -31.95
N GLU B 277 26.02 26.81 -31.85
CA GLU B 277 26.44 26.33 -30.55
C GLU B 277 27.46 27.27 -29.93
N GLY B 278 27.32 27.53 -28.62
CA GLY B 278 28.21 28.41 -27.92
C GLY B 278 27.96 29.88 -28.13
N TRP B 279 26.97 30.24 -28.95
CA TRP B 279 26.70 31.63 -29.29
C TRP B 279 25.93 32.31 -28.16
N GLU B 280 26.13 33.63 -28.03
CA GLU B 280 25.52 34.42 -26.97
C GLU B 280 24.33 35.19 -27.50
N VAL B 281 23.33 35.36 -26.63
CA VAL B 281 22.11 36.10 -26.94
C VAL B 281 22.24 37.49 -26.34
N PRO B 282 21.99 38.56 -27.10
CA PRO B 282 22.07 39.91 -26.52
C PRO B 282 20.88 40.21 -25.62
N GLU B 283 21.11 41.14 -24.69
CA GLU B 283 20.07 41.55 -23.76
C GLU B 283 19.06 42.48 -24.45
N LEU B 284 17.82 42.43 -23.97
CA LEU B 284 16.75 43.20 -24.59
C LEU B 284 17.00 44.70 -24.46
N SER B 285 17.53 45.14 -23.30
CA SER B 285 17.84 46.55 -23.12
C SER B 285 18.89 47.04 -24.09
N GLU B 286 19.69 46.13 -24.67
CA GLU B 286 20.72 46.51 -25.64
C GLU B 286 20.18 46.48 -27.06
N LEU B 287 19.35 45.47 -27.38
CA LEU B 287 18.62 45.50 -28.64
C LEU B 287 17.83 46.79 -28.78
N GLU B 288 17.17 47.21 -27.70
CA GLU B 288 16.38 48.45 -27.75
C GLU B 288 17.25 49.69 -27.92
N ALA B 289 18.53 49.63 -27.53
CA ALA B 289 19.42 50.76 -27.75
C ALA B 289 20.01 50.75 -29.15
N ALA B 290 20.23 49.58 -29.74
CA ALA B 290 20.89 49.47 -31.03
C ALA B 290 19.92 49.61 -32.21
N LEU B 291 18.75 48.98 -32.13
CA LEU B 291 17.89 48.84 -33.31
C LEU B 291 17.55 50.17 -34.00
N PRO B 292 17.31 51.28 -33.29
CA PRO B 292 17.10 52.55 -34.00
C PRO B 292 18.20 52.88 -34.99
N GLY B 293 19.45 52.59 -34.63
CA GLY B 293 20.54 52.88 -35.55
C GLY B 293 20.49 52.03 -36.80
N LEU B 294 20.15 50.74 -36.67
CA LEU B 294 20.02 49.89 -37.84
C LEU B 294 18.89 50.38 -38.75
N ILE B 295 17.79 50.85 -38.15
CA ILE B 295 16.70 51.38 -38.97
C ILE B 295 17.14 52.64 -39.69
N GLU B 296 17.84 53.54 -38.99
CA GLU B 296 18.35 54.74 -39.63
C GLU B 296 19.31 54.39 -40.77
N ALA B 297 20.16 53.40 -40.56
CA ALA B 297 21.08 52.97 -41.61
C ALA B 297 20.33 52.47 -42.84
N VAL B 298 19.31 51.64 -42.65
CA VAL B 298 18.60 51.11 -43.80
C VAL B 298 17.76 52.20 -44.47
N ALA B 299 17.35 53.23 -43.72
CA ALA B 299 16.69 54.36 -44.34
C ALA B 299 17.67 55.19 -45.16
N GLY B 300 18.90 55.36 -44.65
CA GLY B 300 19.92 56.06 -45.43
C GLY B 300 20.29 55.31 -46.69
N GLU B 301 20.30 53.98 -46.61
CA GLU B 301 20.51 53.14 -47.79
C GLU B 301 19.34 53.21 -48.75
N GLY B 302 18.22 53.80 -48.33
CA GLY B 302 17.08 53.99 -49.22
C GLY B 302 16.40 52.72 -49.67
N ARG B 303 16.34 51.71 -48.82
CA ARG B 303 15.62 50.49 -49.16
C ARG B 303 14.13 50.60 -48.82
N PHE B 304 13.78 51.44 -47.85
CA PHE B 304 12.38 51.68 -47.53
C PHE B 304 11.73 52.55 -48.62
N ALA B 305 10.40 52.45 -48.71
CA ALA B 305 9.65 53.32 -49.60
C ALA B 305 9.51 54.71 -49.00
N GLN B 306 9.05 55.65 -49.82
CA GLN B 306 8.80 57.03 -49.38
C GLN B 306 7.41 57.43 -49.84
N PRO B 307 6.50 57.81 -48.94
CA PRO B 307 6.64 57.85 -47.47
C PRO B 307 6.62 56.44 -46.88
N ALA B 308 7.22 56.24 -45.70
CA ALA B 308 7.27 54.90 -45.13
C ALA B 308 5.86 54.37 -44.85
N VAL B 309 5.01 55.20 -44.25
CA VAL B 309 3.63 54.84 -43.96
C VAL B 309 2.76 55.21 -45.16
N THR B 310 2.00 54.25 -45.67
CA THR B 310 1.11 54.45 -46.79
C THR B 310 -0.33 54.19 -46.35
N ILE B 311 -1.21 55.16 -46.62
CA ILE B 311 -2.58 55.15 -46.14
C ILE B 311 -3.52 55.00 -47.33
N VAL B 312 -4.43 54.03 -47.25
CA VAL B 312 -5.43 53.80 -48.29
C VAL B 312 -6.80 53.71 -47.63
N THR B 313 -7.81 54.29 -48.29
CA THR B 313 -9.17 54.35 -47.77
C THR B 313 -10.00 53.23 -48.38
N TYR B 314 -10.72 52.50 -47.52
CA TYR B 314 -11.47 51.32 -47.95
C TYR B 314 -12.95 51.63 -48.10
N GLU B 315 -13.54 51.09 -49.17
CA GLU B 315 -14.99 51.02 -49.32
C GLU B 315 -15.31 49.73 -50.07
N LYS B 316 -16.43 49.11 -49.73
CA LYS B 316 -16.81 47.85 -50.36
C LYS B 316 -17.26 48.08 -51.79
N MET C 1 -1.75 58.58 2.68
CA MET C 1 -1.18 57.20 2.65
C MET C 1 -1.20 56.66 1.22
N LYS C 2 -0.16 55.93 0.84
CA LYS C 2 -0.02 55.41 -0.51
C LYS C 2 0.55 54.00 -0.49
N LEU C 3 0.05 53.17 -1.40
CA LEU C 3 0.68 51.88 -1.70
C LEU C 3 0.78 51.58 -3.19
N GLU C 4 -0.02 52.23 -4.04
CA GLU C 4 -0.04 51.87 -5.45
C GLU C 4 1.29 52.12 -6.17
N PRO C 5 2.12 53.09 -5.80
CA PRO C 5 3.40 53.26 -6.51
C PRO C 5 4.22 51.98 -6.55
N LEU C 6 4.18 51.16 -5.49
CA LEU C 6 4.91 49.91 -5.48
C LEU C 6 4.34 48.89 -6.46
N LEU C 7 3.10 49.08 -6.91
CA LEU C 7 2.47 48.19 -7.87
C LEU C 7 2.11 48.90 -9.18
N SER C 8 2.62 50.12 -9.39
CA SER C 8 2.27 50.87 -10.59
C SER C 8 2.98 50.36 -11.84
N ASP C 9 4.05 49.57 -11.69
CA ASP C 9 4.79 49.04 -12.82
C ASP C 9 5.01 47.53 -12.75
N VAL C 10 4.81 46.90 -11.60
CA VAL C 10 4.97 45.45 -11.47
C VAL C 10 4.02 44.76 -12.44
N PRO C 11 4.43 43.69 -13.12
CA PRO C 11 3.54 43.08 -14.13
C PRO C 11 2.41 42.25 -13.55
N ARG C 12 2.61 41.67 -12.37
CA ARG C 12 1.61 40.77 -11.81
C ARG C 12 1.78 40.66 -10.30
N LEU C 13 0.68 40.42 -9.61
CA LEU C 13 0.68 40.19 -8.17
C LEU C 13 0.25 38.77 -7.88
N LEU C 14 1.04 38.05 -7.09
CA LEU C 14 0.79 36.66 -6.72
C LEU C 14 0.77 36.53 -5.21
N MET C 15 -0.24 35.84 -4.68
CA MET C 15 -0.37 35.64 -3.24
C MET C 15 -0.67 34.18 -2.95
N GLU C 16 -0.07 33.66 -1.88
CA GLU C 16 -0.23 32.28 -1.46
C GLU C 16 -0.67 32.23 0.00
N ALA C 17 -1.65 31.39 0.29
CA ALA C 17 -2.10 31.13 1.65
C ALA C 17 -2.13 29.63 1.91
N ASP C 18 -1.63 29.24 3.08
CA ASP C 18 -1.58 27.83 3.49
C ASP C 18 -2.59 27.60 4.59
N LEU C 19 -3.38 26.53 4.46
CA LEU C 19 -4.51 26.25 5.34
C LEU C 19 -4.33 24.95 6.09
N VAL C 20 -5.13 24.77 7.13
CA VAL C 20 -5.27 23.48 7.81
C VAL C 20 -6.71 23.28 8.22
N PRO C 21 -7.19 22.03 8.19
CA PRO C 21 -8.48 21.75 8.82
C PRO C 21 -8.44 22.11 10.30
N VAL C 22 -9.54 22.69 10.78
CA VAL C 22 -9.54 23.24 12.13
C VAL C 22 -9.50 22.11 13.16
N GLN C 23 -10.28 21.05 12.94
CA GLN C 23 -10.26 19.88 13.80
C GLN C 23 -10.13 18.64 12.92
N GLY C 24 -9.44 17.62 13.46
CA GLY C 24 -9.21 16.43 12.67
C GLY C 24 -8.24 16.72 11.53
N THR C 25 -8.22 15.80 10.55
CA THR C 25 -7.31 15.88 9.42
C THR C 25 -8.01 15.47 8.13
N ARG C 26 -9.24 15.97 7.91
CA ARG C 26 -10.00 15.61 6.72
C ARG C 26 -10.80 16.81 6.23
N PHE C 27 -11.22 16.73 4.96
CA PHE C 27 -12.06 17.76 4.36
C PHE C 27 -12.85 17.14 3.21
N GLN C 28 -13.98 17.80 2.88
CA GLN C 28 -14.82 17.37 1.77
C GLN C 28 -14.51 18.20 0.54
N PRO C 29 -14.02 17.61 -0.54
CA PRO C 29 -13.74 18.39 -1.75
C PRO C 29 -14.97 18.54 -2.65
N THR C 30 -14.80 19.36 -3.69
CA THR C 30 -15.89 19.64 -4.61
C THR C 30 -16.35 18.36 -5.32
N GLY C 31 -17.66 18.28 -5.55
CA GLY C 31 -18.29 17.08 -6.07
C GLY C 31 -18.70 17.15 -7.53
N PHE C 32 -17.80 17.65 -8.39
CA PHE C 32 -18.07 17.93 -9.80
C PHE C 32 -18.97 16.87 -10.42
N PRO C 33 -19.96 17.26 -11.24
CA PRO C 33 -21.02 16.30 -11.63
C PRO C 33 -20.51 15.02 -12.28
N ASP C 34 -19.51 15.09 -13.16
CA ASP C 34 -19.20 13.93 -13.98
C ASP C 34 -18.30 12.92 -13.26
N LEU C 35 -17.51 13.37 -12.28
CA LEU C 35 -16.56 12.47 -11.64
C LEU C 35 -16.46 12.63 -10.12
N GLY C 36 -17.21 13.55 -9.52
CA GLY C 36 -17.00 13.81 -8.10
C GLY C 36 -15.68 14.52 -7.87
N ALA C 37 -14.96 14.08 -6.83
CA ALA C 37 -13.69 14.71 -6.49
C ALA C 37 -12.73 14.64 -7.66
N ALA C 38 -12.11 15.78 -7.99
CA ALA C 38 -11.25 15.91 -9.16
C ALA C 38 -9.81 15.61 -8.77
N HIS C 39 -9.45 14.33 -8.83
CA HIS C 39 -8.09 13.88 -8.55
C HIS C 39 -7.30 13.75 -9.85
N TYR C 40 -6.03 14.11 -9.80
CA TYR C 40 -5.14 13.96 -10.96
C TYR C 40 -3.72 13.77 -10.49
N GLU C 41 -2.88 13.24 -11.38
CA GLU C 41 -1.48 13.00 -11.07
C GLU C 41 -0.66 14.25 -11.37
N GLY C 42 0.16 14.66 -10.41
CA GLY C 42 0.96 15.86 -10.53
C GLY C 42 2.10 15.70 -11.50
N PRO C 43 2.75 16.82 -11.85
CA PRO C 43 3.91 16.73 -12.76
C PRO C 43 5.04 15.91 -12.19
N ASP C 44 5.24 15.94 -10.87
CA ASP C 44 6.28 15.16 -10.21
C ASP C 44 5.77 13.78 -9.81
N GLY C 45 4.72 13.28 -10.48
CA GLY C 45 4.20 11.95 -10.23
C GLY C 45 3.20 11.88 -9.09
N ARG C 46 3.38 12.69 -8.07
CA ARG C 46 2.61 12.53 -6.84
C ARG C 46 1.13 12.86 -7.06
N PRO C 47 0.23 12.20 -6.33
CA PRO C 47 -1.21 12.47 -6.51
C PRO C 47 -1.56 13.91 -6.14
N MET C 48 -2.48 14.49 -6.91
CA MET C 48 -2.96 15.85 -6.71
C MET C 48 -4.49 15.86 -6.70
N LEU C 49 -5.05 16.87 -6.05
CA LEU C 49 -6.51 17.07 -6.00
C LEU C 49 -6.83 18.54 -6.10
N LEU C 50 -7.84 18.86 -6.91
CA LEU C 50 -8.39 20.21 -6.99
C LEU C 50 -9.52 20.35 -5.98
N VAL C 51 -9.34 21.25 -5.00
CA VAL C 51 -10.36 21.44 -3.98
C VAL C 51 -11.64 22.02 -4.61
N GLU C 52 -11.50 23.08 -5.38
CA GLU C 52 -12.65 23.71 -6.01
C GLU C 52 -12.18 24.49 -7.23
N SER C 53 -13.14 24.81 -8.10
CA SER C 53 -12.85 25.54 -9.32
C SER C 53 -12.75 27.03 -9.04
N ALA C 54 -11.93 27.72 -9.84
CA ALA C 54 -11.77 29.16 -9.68
C ALA C 54 -13.06 29.91 -9.98
N GLN C 55 -13.96 29.34 -10.77
CA GLN C 55 -15.26 29.97 -10.97
C GLN C 55 -16.09 29.95 -9.70
N SER C 56 -16.06 28.84 -8.95
CA SER C 56 -16.74 28.80 -7.67
C SER C 56 -16.03 29.68 -6.64
N MET C 57 -14.70 29.76 -6.73
CA MET C 57 -13.96 30.66 -5.85
C MET C 57 -14.36 32.11 -6.11
N ALA C 58 -14.62 32.44 -7.37
CA ALA C 58 -15.09 33.79 -7.71
C ALA C 58 -16.51 34.01 -7.21
N ASN C 59 -17.40 33.04 -7.43
CA ASN C 59 -18.77 33.15 -6.92
C ASN C 59 -18.79 33.38 -5.41
N ARG C 60 -17.80 32.83 -4.68
CA ARG C 60 -17.70 33.10 -3.25
C ARG C 60 -17.09 34.47 -2.96
N LEU C 61 -16.00 34.78 -3.65
CA LEU C 61 -15.21 35.98 -3.36
C LEU C 61 -15.95 37.25 -3.74
N GLU C 62 -16.89 37.18 -4.69
CA GLU C 62 -17.78 38.30 -4.94
C GLU C 62 -18.85 38.40 -3.86
N THR C 63 -19.34 37.26 -3.38
CA THR C 63 -20.45 37.27 -2.44
C THR C 63 -20.05 37.82 -1.09
N VAL C 64 -18.79 37.64 -0.69
CA VAL C 64 -18.39 38.10 0.64
C VAL C 64 -18.55 39.60 0.84
N CYS C 65 -18.80 40.37 -0.24
CA CYS C 65 -18.91 41.83 -0.14
C CYS C 65 -20.35 42.34 -0.20
N TRP C 66 -21.34 41.48 -0.37
CA TRP C 66 -22.73 41.90 -0.54
C TRP C 66 -23.56 41.45 0.64
N ASP C 67 -24.28 42.40 1.24
CA ASP C 67 -25.16 42.13 2.39
C ASP C 67 -26.55 41.82 1.83
N LYS C 68 -26.89 40.53 1.79
CA LYS C 68 -28.08 40.11 1.06
C LYS C 68 -29.37 40.62 1.69
N ASP C 69 -29.39 40.81 3.01
CA ASP C 69 -30.60 41.29 3.65
C ASP C 69 -30.87 42.76 3.31
N ALA C 70 -29.83 43.59 3.33
CA ALA C 70 -30.00 45.00 3.02
C ALA C 70 -30.00 45.29 1.52
N ASP C 71 -29.58 44.33 0.70
CA ASP C 71 -29.42 44.57 -0.73
C ASP C 71 -28.49 45.76 -0.98
N ASP C 72 -27.34 45.72 -0.32
CA ASP C 72 -26.37 46.81 -0.41
C ASP C 72 -24.97 46.27 -0.14
N TRP C 73 -23.98 47.07 -0.53
CA TRP C 73 -22.60 46.72 -0.24
C TRP C 73 -22.34 46.81 1.26
N VAL C 74 -21.25 46.17 1.69
CA VAL C 74 -20.77 46.40 3.04
C VAL C 74 -20.53 47.90 3.22
N VAL C 75 -20.59 48.35 4.47
CA VAL C 75 -20.48 49.79 4.74
C VAL C 75 -19.25 50.40 4.08
N PRO C 76 -18.04 49.84 4.23
CA PRO C 76 -16.88 50.43 3.56
C PRO C 76 -17.04 50.53 2.05
N LEU C 77 -17.75 49.59 1.42
CA LEU C 77 -17.93 49.57 -0.01
C LEU C 77 -19.22 50.25 -0.48
N ARG C 78 -19.96 50.86 0.43
CA ARG C 78 -21.26 51.41 0.08
C ARG C 78 -21.11 52.58 -0.89
N GLY C 79 -21.99 52.63 -1.88
CA GLY C 79 -21.99 53.69 -2.87
C GLY C 79 -21.39 53.34 -4.21
N LEU C 80 -20.80 52.15 -4.34
CA LEU C 80 -20.22 51.76 -5.62
C LEU C 80 -21.31 51.34 -6.60
N PRO C 81 -21.11 51.55 -7.90
CA PRO C 81 -22.18 51.23 -8.86
C PRO C 81 -22.62 49.78 -8.79
N VAL C 82 -23.94 49.59 -8.85
CA VAL C 82 -24.54 48.26 -8.91
C VAL C 82 -25.91 48.41 -9.58
N VAL C 83 -26.30 47.40 -10.35
CA VAL C 83 -27.62 47.33 -10.96
C VAL C 83 -28.42 46.26 -10.24
N LYS C 84 -29.69 46.54 -9.94
CA LYS C 84 -30.51 45.63 -9.16
C LYS C 84 -31.88 45.41 -9.79
N VAL C 85 -32.31 44.13 -9.83
CA VAL C 85 -33.60 43.75 -10.38
C VAL C 85 -34.66 43.72 -9.29
N LEU C 86 -35.87 44.11 -9.68
CA LEU C 86 -37.02 44.04 -8.81
C LEU C 86 -38.09 43.28 -9.57
N ASP C 87 -38.96 42.60 -8.82
CA ASP C 87 -40.04 41.87 -9.44
C ASP C 87 -41.23 42.80 -9.67
N LYS C 88 -42.31 42.24 -10.22
CA LYS C 88 -43.46 43.06 -10.55
C LYS C 88 -44.06 43.72 -9.32
N ALA C 89 -43.90 43.10 -8.15
CA ALA C 89 -44.41 43.65 -6.90
C ALA C 89 -43.39 44.53 -6.18
N GLY C 90 -42.23 44.77 -6.78
CA GLY C 90 -41.22 45.61 -6.17
C GLY C 90 -40.31 44.92 -5.19
N LYS C 91 -40.43 43.61 -5.01
CA LYS C 91 -39.52 42.89 -4.13
C LYS C 91 -38.15 42.78 -4.78
N PRO C 92 -37.08 42.76 -3.98
CA PRO C 92 -35.74 42.64 -4.57
C PRO C 92 -35.48 41.24 -5.12
N LEU C 93 -35.60 41.10 -6.44
CA LEU C 93 -35.46 39.79 -7.08
C LEU C 93 -34.01 39.34 -7.10
N THR C 94 -33.12 40.18 -7.65
CA THR C 94 -31.72 39.82 -7.81
C THR C 94 -30.92 41.10 -8.05
N ASN C 95 -29.60 40.96 -7.98
CA ASN C 95 -28.69 42.03 -8.35
C ASN C 95 -27.47 41.42 -9.05
N SER C 96 -26.80 42.25 -9.86
CA SER C 96 -25.71 41.75 -10.69
C SER C 96 -24.47 41.37 -9.90
N VAL C 97 -24.36 41.75 -8.63
CA VAL C 97 -23.25 41.28 -7.82
C VAL C 97 -23.39 39.79 -7.55
N LEU C 98 -24.62 39.28 -7.55
CA LEU C 98 -24.89 37.87 -7.28
C LEU C 98 -25.31 37.10 -8.53
N GLU C 99 -25.61 37.78 -9.63
CA GLU C 99 -26.06 37.09 -10.83
C GLU C 99 -24.94 36.19 -11.38
N ALA C 100 -25.34 35.26 -12.24
CA ALA C 100 -24.38 34.32 -12.82
C ALA C 100 -23.51 35.02 -13.87
N HIS C 101 -24.13 35.59 -14.90
CA HIS C 101 -23.39 36.11 -16.04
C HIS C 101 -22.96 37.57 -15.89
N ARG C 102 -23.42 38.28 -14.86
CA ARG C 102 -22.95 39.66 -14.67
C ARG C 102 -23.28 40.55 -15.88
N LEU C 103 -24.54 41.00 -15.98
CA LEU C 103 -25.07 41.87 -17.01
C LEU C 103 -25.51 41.13 -18.28
N ASN C 104 -25.44 39.80 -18.32
CA ASN C 104 -25.86 39.03 -19.48
C ASN C 104 -26.80 37.90 -19.07
N SER C 105 -27.81 38.26 -18.27
CA SER C 105 -28.76 37.30 -17.73
C SER C 105 -30.15 37.51 -18.30
N PRO C 106 -31.00 36.48 -18.32
CA PRO C 106 -32.38 36.68 -18.77
C PRO C 106 -33.19 37.59 -17.87
N TYR C 107 -32.73 37.88 -16.65
CA TYR C 107 -33.39 38.79 -15.74
C TYR C 107 -32.81 40.20 -15.79
N ILE C 108 -31.76 40.42 -16.58
CA ILE C 108 -31.15 41.73 -16.78
C ILE C 108 -30.54 41.76 -18.18
N LEU C 109 -30.88 42.77 -18.96
CA LEU C 109 -30.62 42.81 -20.40
C LEU C 109 -31.59 41.94 -21.16
N GLU C 110 -32.72 41.59 -20.54
CA GLU C 110 -33.76 40.81 -21.16
C GLU C 110 -35.07 41.14 -20.46
N GLY C 111 -36.17 40.92 -21.16
CA GLY C 111 -37.49 41.28 -20.69
C GLY C 111 -38.18 42.26 -21.62
N LYS C 112 -39.43 42.55 -21.28
CA LYS C 112 -40.26 43.36 -22.16
C LYS C 112 -39.75 44.80 -22.28
N ASP C 113 -39.13 45.33 -21.22
CA ASP C 113 -38.56 46.66 -21.25
C ASP C 113 -37.28 46.68 -20.44
N LYS C 114 -36.33 47.52 -20.86
CA LYS C 114 -35.07 47.65 -20.13
C LYS C 114 -34.39 48.95 -20.53
N THR C 115 -34.18 49.83 -19.55
CA THR C 115 -33.45 51.07 -19.81
C THR C 115 -31.97 50.81 -20.05
N LEU C 116 -31.38 49.89 -19.28
CA LEU C 116 -29.94 49.66 -19.38
C LEU C 116 -29.57 49.03 -20.72
N PHE C 117 -30.49 48.31 -21.34
CA PHE C 117 -30.23 47.73 -22.66
C PHE C 117 -30.00 48.84 -23.68
N ASP C 118 -30.90 49.82 -23.74
CA ASP C 118 -30.72 50.93 -24.67
C ASP C 118 -29.55 51.83 -24.25
N LEU C 119 -29.27 51.92 -22.95
CA LEU C 119 -28.12 52.68 -22.49
C LEU C 119 -26.83 52.07 -23.01
N LEU C 120 -26.69 50.75 -22.91
CA LEU C 120 -25.50 50.08 -23.42
C LEU C 120 -25.45 50.14 -24.94
N LYS C 121 -26.61 50.05 -25.61
CA LYS C 121 -26.64 50.24 -27.06
C LYS C 121 -26.08 51.61 -27.44
N GLN C 122 -26.48 52.66 -26.73
CA GLN C 122 -25.93 53.98 -26.99
C GLN C 122 -24.43 54.03 -26.72
N GLU C 123 -24.00 53.45 -25.60
CA GLU C 123 -22.58 53.49 -25.25
C GLU C 123 -21.72 52.79 -26.30
N LEU C 124 -22.22 51.70 -26.87
CA LEU C 124 -21.45 50.85 -27.76
C LEU C 124 -21.81 51.03 -29.23
N ALA C 125 -22.60 52.04 -29.57
CA ALA C 125 -23.09 52.17 -30.94
C ALA C 125 -21.96 52.35 -31.94
N HIS C 126 -20.86 52.99 -31.55
CA HIS C 126 -19.74 53.19 -32.45
C HIS C 126 -18.89 51.94 -32.61
N MET C 127 -19.04 50.95 -31.73
CA MET C 127 -18.23 49.75 -31.74
C MET C 127 -18.92 48.57 -32.41
N GLU C 128 -20.11 48.78 -32.97
CA GLU C 128 -20.84 47.68 -33.61
C GLU C 128 -20.09 47.13 -34.81
N GLU C 129 -19.23 47.93 -35.43
CA GLU C 129 -18.39 47.49 -36.54
C GLU C 129 -17.00 48.07 -36.35
N GLY C 130 -16.01 47.41 -36.96
CA GLY C 130 -14.63 47.82 -36.84
C GLY C 130 -14.01 47.33 -35.54
N PRO C 131 -12.76 47.72 -35.31
CA PRO C 131 -12.05 47.23 -34.12
C PRO C 131 -12.79 47.56 -32.83
N VAL C 132 -12.83 46.58 -31.93
CA VAL C 132 -13.38 46.76 -30.59
C VAL C 132 -12.26 47.20 -29.66
N ASP C 133 -12.53 48.21 -28.85
CA ASP C 133 -11.53 48.80 -27.95
C ASP C 133 -11.87 48.43 -26.52
N ILE C 134 -10.91 47.82 -25.82
CA ILE C 134 -11.16 47.37 -24.46
C ILE C 134 -11.40 48.55 -23.52
N ARG C 135 -10.80 49.71 -23.80
CA ARG C 135 -10.90 50.82 -22.85
C ARG C 135 -12.33 51.37 -22.81
N LYS C 136 -13.01 51.44 -23.95
CA LYS C 136 -14.39 51.90 -23.94
C LYS C 136 -15.30 50.91 -23.23
N LEU C 137 -15.08 49.62 -23.44
CA LEU C 137 -15.88 48.60 -22.75
C LEU C 137 -15.63 48.65 -21.24
N ALA C 138 -14.36 48.74 -20.84
CA ALA C 138 -14.03 48.79 -19.42
C ALA C 138 -14.61 50.04 -18.76
N GLU C 139 -14.58 51.19 -19.45
CA GLU C 139 -15.19 52.39 -18.89
C GLU C 139 -16.71 52.25 -18.83
N THR C 140 -17.31 51.62 -19.84
CA THR C 140 -18.76 51.43 -19.82
C THR C 140 -19.16 50.53 -18.65
N LEU C 141 -18.37 49.51 -18.36
CA LEU C 141 -18.66 48.65 -17.21
C LEU C 141 -18.44 49.40 -15.90
N LEU C 142 -17.30 50.07 -15.75
CA LEU C 142 -17.04 50.83 -14.53
C LEU C 142 -18.09 51.89 -14.30
N LYS C 143 -18.76 52.36 -15.36
CA LYS C 143 -19.87 53.29 -15.19
C LYS C 143 -21.03 52.64 -14.42
N VAL C 144 -21.36 51.40 -14.76
CA VAL C 144 -22.59 50.78 -14.25
C VAL C 144 -22.32 49.60 -13.31
N ASP C 145 -21.11 49.02 -13.33
CA ASP C 145 -20.84 47.81 -12.55
C ASP C 145 -19.43 47.90 -11.99
N ALA C 146 -19.33 47.92 -10.65
CA ALA C 146 -18.05 48.13 -9.99
C ALA C 146 -17.17 46.89 -9.96
N ASN C 147 -17.74 45.68 -10.06
CA ASN C 147 -16.99 44.46 -9.87
C ASN C 147 -16.88 43.57 -11.10
N ALA C 148 -17.79 43.70 -12.06
CA ALA C 148 -17.67 42.91 -13.29
C ALA C 148 -16.41 43.26 -14.07
N VAL C 149 -15.73 44.35 -13.70
CA VAL C 149 -14.40 44.63 -14.24
C VAL C 149 -13.41 43.56 -13.79
N LEU C 150 -13.28 43.38 -12.49
CA LEU C 150 -12.29 42.44 -11.97
C LEU C 150 -12.57 41.01 -12.43
N HIS C 151 -13.84 40.63 -12.52
CA HIS C 151 -14.22 39.25 -12.82
C HIS C 151 -14.61 39.03 -14.28
N GLY C 152 -14.48 40.04 -15.13
CA GLY C 152 -14.72 39.87 -16.56
C GLY C 152 -16.17 39.65 -16.93
N VAL C 153 -16.49 39.75 -18.22
CA VAL C 153 -17.86 39.62 -18.71
C VAL C 153 -17.85 38.98 -20.09
N PHE C 154 -19.02 38.53 -20.52
CA PHE C 154 -19.23 38.00 -21.87
C PHE C 154 -20.65 38.40 -22.28
N LEU C 155 -20.77 39.03 -23.46
CA LEU C 155 -22.00 39.69 -23.86
C LEU C 155 -22.57 39.09 -25.14
N ALA C 156 -22.73 37.77 -25.16
CA ALA C 156 -23.06 37.03 -26.37
C ALA C 156 -24.38 37.42 -27.02
N LYS C 157 -25.11 38.39 -26.44
CA LYS C 157 -26.39 38.79 -27.00
C LYS C 157 -26.27 39.08 -28.49
N LYS C 158 -27.16 38.47 -29.27
CA LYS C 158 -27.14 38.65 -30.72
C LYS C 158 -27.30 40.12 -31.10
N GLU C 159 -28.20 40.83 -30.43
CA GLU C 159 -28.47 42.21 -30.77
C GLU C 159 -27.25 43.11 -30.57
N LEU C 160 -26.31 42.72 -29.72
CA LEU C 160 -25.09 43.51 -29.49
C LEU C 160 -23.99 43.07 -30.45
N ALA C 161 -24.30 43.16 -31.74
CA ALA C 161 -23.36 42.81 -32.81
C ALA C 161 -22.79 41.40 -32.62
N GLY C 162 -23.70 40.44 -32.46
CA GLY C 162 -23.30 39.07 -32.22
C GLY C 162 -22.61 38.82 -30.90
N GLY C 163 -22.51 39.83 -30.04
CA GLY C 163 -21.79 39.69 -28.78
C GLY C 163 -20.29 39.57 -28.95
N ARG C 164 -19.71 40.48 -29.74
CA ARG C 164 -18.27 40.45 -29.97
C ARG C 164 -17.48 40.89 -28.74
N LEU C 165 -18.12 41.52 -27.76
CA LEU C 165 -17.41 42.13 -26.65
C LEU C 165 -16.98 41.08 -25.62
N ARG C 166 -15.79 41.26 -25.06
CA ARG C 166 -15.22 40.33 -24.11
C ARG C 166 -14.36 41.08 -23.10
N LEU C 167 -14.10 40.43 -21.96
CA LEU C 167 -13.12 40.93 -20.99
C LEU C 167 -12.56 39.78 -20.16
N PRO C 168 -11.29 39.40 -20.36
CA PRO C 168 -10.72 38.34 -19.54
C PRO C 168 -10.62 38.73 -18.07
N ARG C 169 -10.73 37.73 -17.19
CA ARG C 169 -10.63 37.96 -15.76
C ARG C 169 -9.32 38.64 -15.41
N ALA C 170 -9.39 39.67 -14.57
CA ALA C 170 -8.20 40.28 -14.00
C ALA C 170 -7.79 39.62 -12.69
N LEU C 171 -8.71 38.97 -12.00
CA LEU C 171 -8.45 38.31 -10.72
C LEU C 171 -8.86 36.86 -10.81
N SER C 172 -7.96 35.96 -10.39
CA SER C 172 -8.23 34.52 -10.38
C SER C 172 -7.62 33.92 -9.14
N ALA C 173 -8.29 32.90 -8.59
CA ALA C 173 -7.76 32.18 -7.43
C ALA C 173 -8.36 30.79 -7.37
N PHE C 174 -7.61 29.88 -6.75
CA PHE C 174 -8.07 28.51 -6.49
C PHE C 174 -7.32 27.94 -5.30
N ILE C 175 -7.87 26.86 -4.75
CA ILE C 175 -7.24 26.11 -3.66
C ILE C 175 -6.89 24.72 -4.19
N GLU C 176 -5.66 24.27 -3.93
CA GLU C 176 -5.12 23.06 -4.51
C GLU C 176 -4.47 22.20 -3.44
N ALA C 177 -4.67 20.89 -3.54
CA ALA C 177 -4.22 19.92 -2.54
C ALA C 177 -3.20 18.96 -3.16
N GLU C 178 -2.03 18.85 -2.53
CA GLU C 178 -0.99 17.93 -2.95
C GLU C 178 -0.93 16.72 -2.01
N ASP C 179 -0.25 15.67 -2.49
CA ASP C 179 0.01 14.46 -1.70
C ASP C 179 -1.28 13.93 -1.07
N VAL C 180 -2.31 13.84 -1.88
CA VAL C 180 -3.63 13.49 -1.40
C VAL C 180 -3.71 11.99 -1.12
N ARG C 181 -4.36 11.63 -0.01
CA ARG C 181 -4.65 10.25 0.33
C ARG C 181 -6.14 10.13 0.61
N VAL C 182 -6.81 9.19 -0.06
CA VAL C 182 -8.25 9.00 0.10
C VAL C 182 -8.53 8.28 1.42
N ALA C 183 -9.66 8.63 2.03
CA ALA C 183 -10.15 7.97 3.24
C ALA C 183 -11.63 7.67 3.05
N SER C 184 -11.97 6.40 2.85
CA SER C 184 -13.34 6.00 2.57
C SER C 184 -14.17 5.95 3.85
N SER C 185 -15.49 6.07 3.69
CA SER C 185 -16.43 6.09 4.79
C SER C 185 -17.82 5.78 4.23
N GLY C 186 -18.85 5.96 5.05
CA GLY C 186 -20.21 5.70 4.60
C GLY C 186 -21.20 5.80 5.75
N GLY C 187 -22.35 5.17 5.55
CA GLY C 187 -23.41 5.18 6.55
C GLY C 187 -24.64 4.46 6.05
N VAL C 188 -25.73 4.60 6.81
CA VAL C 188 -27.00 3.97 6.45
C VAL C 188 -28.15 4.76 7.08
N LYS C 189 -29.31 4.70 6.43
CA LYS C 189 -30.56 5.15 7.03
C LYS C 189 -31.07 4.09 7.99
N ASN C 190 -31.21 4.44 9.27
CA ASN C 190 -31.83 3.54 10.24
C ASN C 190 -33.33 3.81 10.35
N ASP C 191 -34.00 3.86 9.20
CA ASP C 191 -35.46 3.91 9.18
C ASP C 191 -35.99 2.49 9.27
N HIS C 192 -36.95 2.29 10.17
CA HIS C 192 -37.40 0.94 10.48
C HIS C 192 -38.04 0.30 9.25
N VAL C 193 -37.55 -0.87 8.87
CA VAL C 193 -37.95 -1.47 7.60
C VAL C 193 -39.24 -2.27 7.72
N ASN C 194 -39.58 -2.77 8.91
CA ASN C 194 -40.78 -3.59 9.05
C ASN C 194 -42.02 -2.93 8.47
N PRO C 195 -42.36 -1.68 8.82
CA PRO C 195 -43.59 -1.08 8.26
C PRO C 195 -43.72 -1.32 6.77
N SER C 196 -42.60 -1.21 6.05
CA SER C 196 -42.58 -1.44 4.62
C SER C 196 -41.13 -1.60 4.19
N GLY C 197 -40.85 -2.67 3.44
CA GLY C 197 -39.51 -3.03 3.05
C GLY C 197 -38.97 -2.36 1.80
N ASP C 198 -39.77 -1.54 1.13
CA ASP C 198 -39.40 -1.00 -0.18
C ASP C 198 -38.82 0.39 -0.03
N THR C 199 -37.60 0.59 -0.54
CA THR C 199 -36.97 1.90 -0.55
C THR C 199 -37.51 2.81 -1.66
N SER C 200 -38.36 2.29 -2.54
CA SER C 200 -38.90 3.12 -3.62
C SER C 200 -39.67 4.30 -3.05
N ARG C 201 -40.52 4.06 -2.05
CA ARG C 201 -41.25 5.13 -1.37
C ARG C 201 -40.49 5.69 -0.18
N GLY C 202 -39.19 5.41 -0.08
CA GLY C 202 -38.38 5.96 0.99
C GLY C 202 -38.41 5.19 2.28
N PHE C 203 -39.06 4.03 2.33
CA PHE C 203 -39.07 3.20 3.52
C PHE C 203 -37.85 2.29 3.54
N GLY C 204 -37.66 1.59 4.67
CA GLY C 204 -36.57 0.65 4.79
C GLY C 204 -35.22 1.32 4.99
N ASN C 205 -34.20 0.48 5.13
CA ASN C 205 -32.84 0.93 5.30
C ASN C 205 -32.18 1.19 3.95
N VAL C 206 -31.29 2.18 3.93
CA VAL C 206 -30.54 2.53 2.71
C VAL C 206 -29.08 2.76 3.08
N PRO C 207 -28.16 1.88 2.67
CA PRO C 207 -26.74 2.14 2.90
C PRO C 207 -26.15 3.00 1.79
N PHE C 208 -25.11 3.77 2.16
CA PHE C 208 -24.42 4.63 1.20
C PHE C 208 -22.94 4.68 1.55
N ALA C 209 -22.15 5.03 0.53
CA ALA C 209 -20.70 5.17 0.65
C ALA C 209 -20.29 6.60 0.32
N ARG C 210 -19.26 7.09 1.02
CA ARG C 210 -18.68 8.39 0.71
C ARG C 210 -17.18 8.33 0.92
N ASP C 211 -16.47 9.27 0.28
CA ASP C 211 -15.02 9.34 0.35
C ASP C 211 -14.57 10.73 0.76
N GLU C 212 -13.53 10.78 1.60
CA GLU C 212 -12.87 12.01 1.99
C GLU C 212 -11.38 11.88 1.71
N TYR C 213 -10.65 12.98 1.89
CA TYR C 213 -9.24 13.01 1.54
C TYR C 213 -8.40 13.65 2.65
N VAL C 214 -7.10 13.36 2.61
CA VAL C 214 -6.11 13.92 3.54
C VAL C 214 -4.94 14.44 2.73
N SER C 215 -4.35 15.55 3.17
CA SER C 215 -3.16 16.10 2.53
C SER C 215 -2.29 16.78 3.57
N PRO C 216 -0.96 16.72 3.42
CA PRO C 216 -0.09 17.45 4.36
C PRO C 216 0.07 18.93 4.05
N ARG C 217 -0.12 19.35 2.79
CA ARG C 217 -0.06 20.76 2.42
C ARG C 217 -1.28 21.08 1.57
N ILE C 218 -1.91 22.21 1.87
CA ILE C 218 -3.14 22.65 1.20
C ILE C 218 -3.08 24.16 1.08
N LYS C 219 -3.07 24.67 -0.15
CA LYS C 219 -2.74 26.06 -0.42
C LYS C 219 -3.79 26.73 -1.30
N ALA C 220 -4.13 27.97 -0.96
CA ALA C 220 -4.89 28.85 -1.82
C ALA C 220 -3.95 29.78 -2.58
N TYR C 221 -4.21 29.94 -3.88
CA TYR C 221 -3.41 30.81 -4.75
C TYR C 221 -4.28 31.92 -5.30
N PHE C 222 -3.78 33.15 -5.22
CA PHE C 222 -4.46 34.33 -5.75
C PHE C 222 -3.58 35.01 -6.79
N ASN C 223 -4.16 35.32 -7.95
CA ASN C 223 -3.43 35.93 -9.06
C ASN C 223 -4.17 37.18 -9.52
N LEU C 224 -3.48 38.32 -9.51
CA LEU C 224 -4.03 39.60 -9.95
C LEU C 224 -3.19 40.13 -11.10
N ASP C 225 -3.84 40.58 -12.17
CA ASP C 225 -3.16 41.02 -13.39
C ASP C 225 -3.08 42.55 -13.37
N LEU C 226 -2.02 43.07 -12.76
CA LEU C 226 -1.83 44.51 -12.68
C LEU C 226 -1.61 45.13 -14.05
N ALA C 227 -0.92 44.40 -14.94
CA ALA C 227 -0.62 44.94 -16.25
C ALA C 227 -1.89 45.16 -17.07
N GLN C 228 -2.86 44.26 -16.96
CA GLN C 228 -4.12 44.46 -17.67
C GLN C 228 -4.92 45.59 -17.04
N ILE C 229 -4.83 45.75 -15.73
CA ILE C 229 -5.45 46.89 -15.06
C ILE C 229 -4.93 48.19 -15.68
N ARG C 230 -3.61 48.32 -15.77
CA ARG C 230 -3.06 49.50 -16.43
C ARG C 230 -3.47 49.57 -17.89
N ALA C 231 -3.58 48.41 -18.55
CA ALA C 231 -3.99 48.38 -19.95
C ALA C 231 -5.39 48.93 -20.15
N PHE C 232 -6.22 48.95 -19.10
CA PHE C 232 -7.50 49.63 -19.22
C PHE C 232 -7.32 51.14 -19.38
N GLY C 233 -6.26 51.70 -18.82
CA GLY C 233 -5.99 53.12 -18.95
C GLY C 233 -7.03 54.01 -18.30
N LEU C 234 -7.64 53.57 -17.21
CA LEU C 234 -8.67 54.34 -16.52
C LEU C 234 -8.11 55.33 -15.51
N GLY C 235 -6.80 55.32 -15.28
CA GLY C 235 -6.16 56.33 -14.47
C GLY C 235 -5.73 55.80 -13.11
N GLU C 236 -4.83 56.54 -12.47
CA GLU C 236 -4.22 56.10 -11.22
C GLU C 236 -5.24 55.97 -10.10
N GLN C 237 -6.24 56.85 -10.06
CA GLN C 237 -7.24 56.76 -9.00
C GLN C 237 -8.05 55.47 -9.11
N VAL C 238 -8.38 55.08 -10.34
CA VAL C 238 -9.12 53.84 -10.54
C VAL C 238 -8.25 52.64 -10.22
N ASP C 239 -6.96 52.71 -10.55
CA ASP C 239 -6.04 51.64 -10.18
C ASP C 239 -5.96 51.49 -8.66
N ARG C 240 -5.85 52.61 -7.95
CA ARG C 240 -5.85 52.55 -6.48
C ARG C 240 -7.11 51.87 -5.98
N LEU C 241 -8.26 52.26 -6.52
CA LEU C 241 -9.52 51.71 -6.04
C LEU C 241 -9.60 50.21 -6.30
N LEU C 242 -9.27 49.77 -7.52
CA LEU C 242 -9.40 48.35 -7.83
C LEU C 242 -8.38 47.50 -7.10
N ILE C 243 -7.20 48.06 -6.80
CA ILE C 243 -6.21 47.31 -6.02
C ILE C 243 -6.69 47.13 -4.59
N ALA C 244 -7.21 48.21 -3.98
CA ALA C 244 -7.73 48.10 -2.62
C ALA C 244 -8.92 47.15 -2.58
N LEU C 245 -9.77 47.20 -3.60
CA LEU C 245 -10.92 46.30 -3.67
C LEU C 245 -10.49 44.84 -3.75
N ALA C 246 -9.50 44.52 -4.58
CA ALA C 246 -9.03 43.15 -4.68
C ALA C 246 -8.45 42.67 -3.35
N LEU C 247 -7.58 43.48 -2.74
CA LEU C 247 -7.02 43.10 -1.45
C LEU C 247 -8.12 42.90 -0.41
N TYR C 248 -9.16 43.75 -0.45
CA TYR C 248 -10.25 43.63 0.50
C TYR C 248 -11.00 42.31 0.32
N LYS C 249 -11.38 41.99 -0.91
CA LYS C 249 -12.07 40.73 -1.17
C LYS C 249 -11.26 39.56 -0.62
N VAL C 250 -9.97 39.52 -0.94
CA VAL C 250 -9.14 38.40 -0.50
C VAL C 250 -9.09 38.36 1.02
N ARG C 251 -8.83 39.49 1.67
CA ARG C 251 -8.71 39.51 3.12
C ARG C 251 -9.99 39.00 3.80
N ARG C 252 -11.15 39.45 3.32
CA ARG C 252 -12.40 39.01 3.94
C ARG C 252 -12.59 37.51 3.77
N PHE C 253 -12.43 37.01 2.53
CA PHE C 253 -12.64 35.59 2.31
C PHE C 253 -11.69 34.76 3.17
N LEU C 254 -10.43 35.18 3.26
CA LEU C 254 -9.45 34.45 4.05
C LEU C 254 -9.80 34.49 5.54
N VAL C 255 -10.29 35.63 6.04
CA VAL C 255 -10.49 35.75 7.48
C VAL C 255 -11.71 34.95 7.94
N HIS C 256 -12.85 35.11 7.27
CA HIS C 256 -14.03 34.37 7.72
C HIS C 256 -14.92 33.94 6.55
N GLY C 257 -14.33 33.35 5.52
CA GLY C 257 -15.10 32.69 4.48
C GLY C 257 -14.67 31.25 4.24
N LEU C 258 -13.86 30.71 5.16
CA LEU C 258 -13.19 29.44 4.91
C LEU C 258 -14.06 28.21 5.13
N ARG C 259 -15.25 28.35 5.71
CA ARG C 259 -16.14 27.21 5.91
C ARG C 259 -16.81 26.89 4.57
N LEU C 260 -16.03 26.24 3.69
CA LEU C 260 -16.47 26.02 2.32
C LEU C 260 -17.72 25.17 2.27
N ARG C 261 -17.80 24.14 3.11
CA ARG C 261 -18.93 23.23 3.12
C ARG C 261 -19.14 22.73 4.55
N THR C 262 -20.25 22.03 4.75
CA THR C 262 -20.60 21.56 6.09
C THR C 262 -19.48 20.74 6.70
N ALA C 263 -18.75 19.97 5.88
CA ALA C 263 -17.66 19.13 6.35
C ALA C 263 -16.32 19.57 5.77
N CYS C 264 -16.15 20.87 5.54
CA CYS C 264 -14.96 21.40 4.89
C CYS C 264 -14.44 22.64 5.62
N ASP C 265 -14.30 22.55 6.93
CA ASP C 265 -13.75 23.65 7.70
C ASP C 265 -12.24 23.78 7.48
N LEU C 266 -11.77 25.01 7.34
CA LEU C 266 -10.35 25.30 7.17
C LEU C 266 -9.96 26.48 8.05
N ASP C 267 -8.67 26.56 8.34
CA ASP C 267 -8.10 27.68 9.10
C ASP C 267 -6.82 28.14 8.42
N CYS C 268 -6.66 29.46 8.30
CA CYS C 268 -5.50 30.03 7.65
C CYS C 268 -4.32 30.09 8.62
N GLN C 269 -3.18 29.58 8.17
CA GLN C 269 -1.95 29.69 8.96
C GLN C 269 -1.27 31.03 8.72
N ALA C 270 -0.95 31.34 7.46
CA ALA C 270 -0.27 32.57 7.13
C ALA C 270 -0.60 32.96 5.70
N LEU C 271 -0.33 34.23 5.37
CA LEU C 271 -0.50 34.76 4.02
C LEU C 271 0.83 35.34 3.55
N ARG C 272 1.25 34.98 2.34
CA ARG C 272 2.49 35.46 1.75
C ARG C 272 2.25 35.86 0.30
N VAL C 273 2.92 36.92 -0.13
CA VAL C 273 2.93 37.32 -1.54
C VAL C 273 4.07 36.61 -2.24
N THR C 274 3.73 35.83 -3.28
CA THR C 274 4.77 35.16 -4.07
C THR C 274 5.52 36.15 -4.94
N ARG C 275 4.82 37.13 -5.49
CA ARG C 275 5.41 38.11 -6.40
C ARG C 275 4.56 39.38 -6.40
N PRO C 276 5.17 40.57 -6.30
CA PRO C 276 6.60 40.85 -6.19
C PRO C 276 7.16 40.52 -4.81
N GLU C 277 8.39 40.02 -4.75
CA GLU C 277 9.02 39.70 -3.47
C GLU C 277 9.28 40.97 -2.67
N GLY C 278 9.41 40.81 -1.35
CA GLY C 278 9.71 41.90 -0.45
C GLY C 278 8.52 42.74 -0.03
N TRP C 279 7.43 42.71 -0.80
CA TRP C 279 6.26 43.51 -0.48
C TRP C 279 5.50 42.91 0.70
N GLU C 280 4.78 43.77 1.43
CA GLU C 280 4.02 43.37 2.60
C GLU C 280 2.60 43.89 2.48
N VAL C 281 1.63 43.08 2.90
CA VAL C 281 0.22 43.35 2.63
C VAL C 281 -0.41 44.13 3.79
N PRO C 282 -1.27 45.10 3.52
CA PRO C 282 -1.94 45.81 4.62
C PRO C 282 -2.90 44.94 5.40
N GLU C 283 -3.26 45.43 6.58
CA GLU C 283 -4.29 44.80 7.41
C GLU C 283 -5.68 45.10 6.84
N LEU C 284 -6.64 44.24 7.20
CA LEU C 284 -8.01 44.41 6.72
C LEU C 284 -8.65 45.68 7.30
N SER C 285 -8.33 46.02 8.55
CA SER C 285 -8.88 47.23 9.14
C SER C 285 -8.33 48.47 8.44
N GLU C 286 -7.16 48.37 7.80
CA GLU C 286 -6.61 49.51 7.07
C GLU C 286 -7.27 49.65 5.71
N LEU C 287 -7.61 48.52 5.07
CA LEU C 287 -8.38 48.58 3.84
C LEU C 287 -9.77 49.16 4.10
N GLU C 288 -10.39 48.77 5.21
CA GLU C 288 -11.70 49.33 5.55
C GLU C 288 -11.60 50.81 5.89
N ALA C 289 -10.45 51.25 6.42
CA ALA C 289 -10.27 52.68 6.64
C ALA C 289 -10.11 53.44 5.32
N ALA C 290 -9.34 52.88 4.38
CA ALA C 290 -9.00 53.61 3.16
C ALA C 290 -10.11 53.60 2.12
N LEU C 291 -10.84 52.49 1.98
CA LEU C 291 -11.79 52.32 0.87
C LEU C 291 -12.73 53.50 0.66
N PRO C 292 -13.42 54.04 1.68
CA PRO C 292 -14.40 55.10 1.39
C PRO C 292 -13.80 56.33 0.73
N GLY C 293 -12.56 56.69 1.09
CA GLY C 293 -11.93 57.83 0.44
C GLY C 293 -11.67 57.59 -1.03
N LEU C 294 -11.20 56.40 -1.39
CA LEU C 294 -10.98 56.07 -2.79
C LEU C 294 -12.30 56.07 -3.56
N ILE C 295 -13.36 55.55 -2.94
CA ILE C 295 -14.65 55.51 -3.63
C ILE C 295 -15.16 56.93 -3.87
N GLU C 296 -15.04 57.80 -2.87
CA GLU C 296 -15.46 59.19 -3.05
C GLU C 296 -14.64 59.87 -4.14
N ALA C 297 -13.32 59.62 -4.16
CA ALA C 297 -12.48 60.21 -5.19
C ALA C 297 -12.94 59.79 -6.58
N VAL C 298 -13.22 58.50 -6.78
CA VAL C 298 -13.60 58.05 -8.11
C VAL C 298 -15.01 58.50 -8.46
N ALA C 299 -15.88 58.67 -7.47
CA ALA C 299 -17.16 59.30 -7.74
C ALA C 299 -16.98 60.74 -8.22
N GLY C 300 -16.09 61.48 -7.57
CA GLY C 300 -15.82 62.84 -8.00
C GLY C 300 -15.19 62.92 -9.38
N GLU C 301 -14.38 61.91 -9.73
CA GLU C 301 -13.83 61.85 -11.09
C GLU C 301 -14.91 61.65 -12.13
N GLY C 302 -16.12 61.23 -11.73
CA GLY C 302 -17.23 61.14 -12.64
C GLY C 302 -17.31 59.88 -13.47
N ARG C 303 -16.52 58.85 -13.16
CA ARG C 303 -16.64 57.59 -13.88
C ARG C 303 -17.97 56.91 -13.59
N PHE C 304 -18.42 56.97 -12.33
CA PHE C 304 -19.66 56.31 -11.94
C PHE C 304 -20.86 56.99 -12.59
N ALA C 305 -21.88 56.18 -12.88
CA ALA C 305 -23.17 56.73 -13.27
C ALA C 305 -23.84 57.39 -12.06
N GLN C 306 -24.75 58.31 -12.35
CA GLN C 306 -25.51 59.00 -11.31
C GLN C 306 -26.99 58.83 -11.62
N PRO C 307 -27.77 58.19 -10.74
CA PRO C 307 -27.40 57.62 -9.44
C PRO C 307 -26.53 56.37 -9.59
N ALA C 308 -25.64 56.11 -8.63
CA ALA C 308 -24.75 54.97 -8.75
C ALA C 308 -25.50 53.66 -8.82
N VAL C 309 -26.54 53.51 -8.00
CA VAL C 309 -27.39 52.33 -8.05
C VAL C 309 -28.41 52.51 -9.18
N THR C 310 -28.47 51.53 -10.08
CA THR C 310 -29.45 51.51 -11.16
C THR C 310 -30.48 50.43 -10.85
N ILE C 311 -31.75 50.82 -10.79
CA ILE C 311 -32.84 49.89 -10.50
C ILE C 311 -33.57 49.56 -11.78
N VAL C 312 -33.90 48.27 -11.96
CA VAL C 312 -34.69 47.81 -13.10
C VAL C 312 -35.71 46.79 -12.59
N THR C 313 -36.74 46.56 -13.39
CA THR C 313 -37.78 45.59 -13.09
C THR C 313 -37.76 44.48 -14.13
N TYR C 314 -38.15 43.28 -13.72
CA TYR C 314 -38.22 42.13 -14.60
C TYR C 314 -39.66 41.69 -14.78
N GLU C 315 -40.05 41.45 -16.03
CA GLU C 315 -41.37 40.92 -16.36
C GLU C 315 -41.24 40.04 -17.59
N LYS C 316 -42.13 39.07 -17.69
CA LYS C 316 -42.17 38.17 -18.84
C LYS C 316 -43.50 37.44 -18.91
N MET D 1 -20.74 31.09 34.90
CA MET D 1 -20.48 32.16 33.90
C MET D 1 -21.61 32.24 32.87
N LYS D 2 -21.94 33.46 32.45
CA LYS D 2 -22.93 33.67 31.40
C LYS D 2 -22.37 33.25 30.04
N LEU D 3 -23.28 33.00 29.09
CA LEU D 3 -22.96 32.54 27.74
C LEU D 3 -22.77 33.67 26.73
N GLU D 4 -23.60 34.71 26.85
CA GLU D 4 -23.61 35.74 25.84
C GLU D 4 -22.31 36.53 25.75
N PRO D 5 -21.51 36.67 26.82
CA PRO D 5 -20.19 37.29 26.63
C PRO D 5 -19.40 36.66 25.50
N LEU D 6 -19.30 35.33 25.47
CA LEU D 6 -18.56 34.70 24.38
C LEU D 6 -19.33 34.72 23.09
N LEU D 7 -20.66 34.73 23.14
CA LEU D 7 -21.38 34.74 21.88
C LEU D 7 -21.25 36.08 21.16
N SER D 8 -21.18 37.18 21.91
CA SER D 8 -20.95 38.48 21.29
C SER D 8 -19.57 38.58 20.65
N ASP D 9 -18.60 37.78 21.10
CA ASP D 9 -17.21 37.92 20.67
C ASP D 9 -16.85 37.06 19.46
N VAL D 10 -16.97 35.75 19.60
CA VAL D 10 -16.17 34.81 18.81
C VAL D 10 -17.00 34.10 17.75
N PRO D 11 -16.42 33.77 16.58
CA PRO D 11 -17.23 33.14 15.53
C PRO D 11 -17.59 31.68 15.79
N ARG D 12 -16.74 30.90 16.45
CA ARG D 12 -17.05 29.49 16.63
C ARG D 12 -16.46 28.98 17.95
N LEU D 13 -17.09 27.92 18.46
CA LEU D 13 -16.68 27.25 19.69
C LEU D 13 -16.12 25.88 19.34
N LEU D 14 -14.91 25.60 19.82
CA LEU D 14 -14.24 24.32 19.57
C LEU D 14 -13.84 23.69 20.89
N MET D 15 -14.14 22.40 21.04
CA MET D 15 -13.80 21.64 22.24
C MET D 15 -13.33 20.26 21.82
N GLU D 16 -12.50 19.64 22.66
CA GLU D 16 -12.10 18.26 22.48
C GLU D 16 -12.03 17.54 23.82
N ALA D 17 -12.33 16.24 23.78
CA ALA D 17 -12.23 15.37 24.94
C ALA D 17 -11.41 14.14 24.55
N ASP D 18 -10.44 13.78 25.38
CA ASP D 18 -9.61 12.60 25.13
C ASP D 18 -10.14 11.42 25.93
N LEU D 19 -10.36 10.30 25.25
CA LEU D 19 -10.99 9.11 25.82
C LEU D 19 -9.97 8.04 26.12
N VAL D 20 -10.36 7.11 26.99
CA VAL D 20 -9.66 5.84 27.16
C VAL D 20 -10.68 4.72 27.20
N PRO D 21 -10.25 3.49 26.88
CA PRO D 21 -11.07 2.33 27.25
C PRO D 21 -10.99 2.08 28.74
N VAL D 22 -12.14 1.78 29.34
CA VAL D 22 -12.20 1.74 30.81
C VAL D 22 -11.40 0.57 31.35
N GLN D 23 -11.42 -0.57 30.65
CA GLN D 23 -10.61 -1.73 31.01
C GLN D 23 -9.91 -2.25 29.77
N GLY D 24 -8.63 -2.60 29.94
CA GLY D 24 -7.87 -3.16 28.83
C GLY D 24 -7.31 -2.09 27.91
N THR D 25 -7.10 -2.48 26.65
CA THR D 25 -6.54 -1.58 25.65
C THR D 25 -7.28 -1.61 24.30
N ARG D 26 -8.00 -2.67 23.97
CA ARG D 26 -8.65 -2.78 22.67
C ARG D 26 -10.04 -2.15 22.69
N PHE D 27 -10.53 -1.81 21.50
CA PHE D 27 -11.88 -1.28 21.35
C PHE D 27 -12.42 -1.64 19.97
N GLN D 28 -13.74 -1.59 19.83
CA GLN D 28 -14.40 -1.93 18.58
C GLN D 28 -14.85 -0.65 17.88
N PRO D 29 -14.28 -0.29 16.73
CA PRO D 29 -14.74 0.88 15.99
C PRO D 29 -15.88 0.55 15.03
N THR D 30 -16.43 1.61 14.44
CA THR D 30 -17.58 1.48 13.55
C THR D 30 -17.25 0.56 12.37
N GLY D 31 -18.27 -0.20 11.94
CA GLY D 31 -18.04 -1.35 11.08
C GLY D 31 -18.78 -1.41 9.75
N PHE D 32 -18.86 -0.30 9.01
CA PHE D 32 -19.47 -0.34 7.68
C PHE D 32 -18.92 -1.54 6.91
N PRO D 33 -19.74 -2.56 6.63
CA PRO D 33 -19.18 -3.80 6.07
C PRO D 33 -18.72 -3.68 4.62
N ASP D 34 -19.20 -2.69 3.86
CA ASP D 34 -18.61 -2.44 2.55
C ASP D 34 -17.18 -1.94 2.65
N LEU D 35 -16.75 -1.55 3.85
CA LEU D 35 -15.36 -1.18 4.11
C LEU D 35 -14.79 -1.82 5.37
N GLY D 36 -15.63 -2.33 6.27
CA GLY D 36 -15.14 -2.72 7.57
C GLY D 36 -14.70 -1.49 8.36
N ALA D 37 -13.68 -1.67 9.21
CA ALA D 37 -13.13 -0.55 9.93
C ALA D 37 -12.49 0.44 8.96
N ALA D 38 -12.80 1.72 9.13
CA ALA D 38 -12.33 2.77 8.23
C ALA D 38 -11.01 3.32 8.74
N HIS D 39 -9.91 2.96 8.07
CA HIS D 39 -8.57 3.36 8.44
C HIS D 39 -7.91 4.10 7.30
N TYR D 40 -6.98 5.01 7.64
CA TYR D 40 -6.36 5.87 6.65
C TYR D 40 -5.02 6.36 7.20
N GLU D 41 -4.27 7.03 6.33
CA GLU D 41 -2.95 7.54 6.65
C GLU D 41 -3.03 9.04 6.92
N GLY D 42 -2.41 9.48 8.01
CA GLY D 42 -2.49 10.88 8.42
C GLY D 42 -1.49 11.74 7.69
N PRO D 43 -1.63 13.06 7.88
CA PRO D 43 -0.67 13.99 7.26
C PRO D 43 0.78 13.70 7.64
N ASP D 44 1.03 13.39 8.90
CA ASP D 44 2.36 13.08 9.38
C ASP D 44 2.81 11.66 9.02
N GLY D 45 2.05 10.97 8.17
CA GLY D 45 2.38 9.62 7.76
C GLY D 45 1.89 8.54 8.68
N ARG D 46 1.42 8.88 9.87
CA ARG D 46 0.99 7.88 10.83
C ARG D 46 -0.31 7.23 10.35
N PRO D 47 -0.58 6.00 10.78
CA PRO D 47 -1.89 5.40 10.52
C PRO D 47 -2.97 5.99 11.41
N MET D 48 -4.17 6.11 10.86
CA MET D 48 -5.26 6.82 11.50
C MET D 48 -6.55 6.03 11.37
N LEU D 49 -7.49 6.32 12.26
CA LEU D 49 -8.77 5.62 12.32
C LEU D 49 -9.81 6.57 12.89
N LEU D 50 -10.90 6.82 12.16
CA LEU D 50 -12.05 7.51 12.73
C LEU D 50 -12.90 6.50 13.49
N VAL D 51 -13.05 6.72 14.79
CA VAL D 51 -13.69 5.72 15.65
C VAL D 51 -15.21 5.80 15.55
N GLU D 52 -15.77 7.00 15.43
CA GLU D 52 -17.21 7.13 15.23
C GLU D 52 -17.50 8.24 14.23
N SER D 53 -18.51 7.99 13.39
CA SER D 53 -18.90 8.93 12.35
C SER D 53 -19.59 10.15 12.96
N ALA D 54 -19.43 11.29 12.29
CA ALA D 54 -20.01 12.53 12.79
C ALA D 54 -21.53 12.48 12.80
N GLN D 55 -22.14 11.89 11.76
CA GLN D 55 -23.59 11.81 11.71
C GLN D 55 -24.15 10.93 12.81
N SER D 56 -23.37 9.95 13.26
CA SER D 56 -23.82 9.06 14.33
C SER D 56 -23.56 9.66 15.70
N MET D 57 -22.43 10.34 15.87
CA MET D 57 -22.24 11.15 17.07
C MET D 57 -23.39 12.14 17.23
N ALA D 58 -23.83 12.74 16.12
CA ALA D 58 -24.98 13.66 16.19
C ALA D 58 -26.27 12.92 16.56
N ASN D 59 -26.51 11.76 15.96
CA ASN D 59 -27.72 11.02 16.31
C ASN D 59 -27.71 10.60 17.78
N ARG D 60 -26.52 10.34 18.34
CA ARG D 60 -26.44 10.05 19.76
C ARG D 60 -26.65 11.31 20.59
N LEU D 61 -26.07 12.44 20.19
CA LEU D 61 -26.32 13.68 20.91
C LEU D 61 -27.80 14.03 20.92
N GLU D 62 -28.55 13.66 19.88
CA GLU D 62 -29.98 13.88 19.86
C GLU D 62 -30.77 12.77 20.55
N THR D 63 -30.17 11.60 20.78
CA THR D 63 -30.84 10.53 21.51
C THR D 63 -30.54 10.53 23.00
N VAL D 64 -29.51 11.26 23.44
CA VAL D 64 -29.16 11.28 24.85
C VAL D 64 -30.21 12.06 25.64
N CYS D 65 -30.65 13.19 25.11
CA CYS D 65 -31.84 13.85 25.64
C CYS D 65 -33.07 13.08 25.14
N TRP D 66 -34.24 13.51 25.57
CA TRP D 66 -35.49 12.80 25.28
C TRP D 66 -35.50 11.47 26.02
N ASP D 67 -36.69 10.95 26.33
CA ASP D 67 -36.84 9.73 27.13
C ASP D 67 -37.91 8.88 26.47
N LYS D 68 -37.56 7.63 26.17
CA LYS D 68 -38.49 6.77 25.44
C LYS D 68 -39.66 6.33 26.31
N ASP D 69 -39.40 6.04 27.59
CA ASP D 69 -40.48 5.57 28.45
C ASP D 69 -41.41 6.71 28.88
N ALA D 70 -40.85 7.89 29.13
CA ALA D 70 -41.67 9.06 29.38
C ALA D 70 -42.29 9.63 28.11
N ASP D 71 -41.76 9.25 26.94
CA ASP D 71 -42.28 9.71 25.66
C ASP D 71 -42.18 11.22 25.53
N ASP D 72 -41.24 11.84 26.24
CA ASP D 72 -41.06 13.28 26.22
C ASP D 72 -39.64 13.62 26.62
N TRP D 73 -39.31 14.91 26.49
CA TRP D 73 -37.99 15.42 26.85
C TRP D 73 -37.64 15.07 28.28
N VAL D 74 -36.36 15.09 28.62
CA VAL D 74 -35.97 15.12 30.02
C VAL D 74 -36.41 16.44 30.63
N VAL D 75 -36.52 16.47 31.96
CA VAL D 75 -37.17 17.59 32.64
C VAL D 75 -36.57 18.93 32.23
N PRO D 76 -35.25 19.13 32.22
CA PRO D 76 -34.72 20.43 31.77
C PRO D 76 -35.18 20.81 30.37
N LEU D 77 -35.25 19.85 29.44
CA LEU D 77 -35.64 20.13 28.07
C LEU D 77 -37.15 20.18 27.89
N ARG D 78 -37.93 19.82 28.90
CA ARG D 78 -39.37 19.76 28.77
C ARG D 78 -39.94 21.12 28.39
N GLY D 79 -40.90 21.13 27.48
CA GLY D 79 -41.55 22.34 27.03
C GLY D 79 -41.08 22.87 25.69
N LEU D 80 -39.97 22.35 25.17
CA LEU D 80 -39.53 22.75 23.84
C LEU D 80 -40.44 22.13 22.78
N PRO D 81 -40.62 22.81 21.64
CA PRO D 81 -41.53 22.29 20.63
C PRO D 81 -41.02 21.00 20.01
N VAL D 82 -41.97 20.13 19.66
CA VAL D 82 -41.65 18.84 19.04
C VAL D 82 -42.90 18.35 18.33
N VAL D 83 -42.72 17.39 17.42
CA VAL D 83 -43.83 16.69 16.78
C VAL D 83 -43.64 15.19 16.99
N LYS D 84 -44.74 14.50 17.25
CA LYS D 84 -44.75 13.04 17.37
C LYS D 84 -45.86 12.47 16.49
N VAL D 85 -45.58 11.32 15.88
CA VAL D 85 -46.51 10.65 14.98
C VAL D 85 -47.20 9.52 15.74
N LEU D 86 -48.54 9.54 15.73
CA LEU D 86 -49.34 8.48 16.31
C LEU D 86 -49.80 7.52 15.24
N ASP D 87 -49.97 6.25 15.62
CA ASP D 87 -50.58 5.26 14.75
C ASP D 87 -52.10 5.31 14.91
N LYS D 88 -52.79 4.42 14.19
CA LYS D 88 -54.23 4.33 14.34
C LYS D 88 -54.62 4.03 15.78
N ALA D 89 -53.89 3.12 16.43
CA ALA D 89 -54.25 2.72 17.79
C ALA D 89 -54.08 3.88 18.77
N GLY D 90 -52.99 4.65 18.65
CA GLY D 90 -52.80 5.82 19.49
C GLY D 90 -51.51 5.85 20.28
N LYS D 91 -50.61 4.88 20.04
CA LYS D 91 -49.29 4.90 20.69
C LYS D 91 -48.26 5.43 19.72
N PRO D 92 -47.43 6.40 20.09
CA PRO D 92 -46.61 7.11 19.09
C PRO D 92 -45.58 6.19 18.44
N LEU D 93 -45.68 6.05 17.12
CA LEU D 93 -44.65 5.37 16.35
C LEU D 93 -43.34 6.14 16.37
N THR D 94 -43.39 7.45 16.07
CA THR D 94 -42.19 8.20 15.68
C THR D 94 -42.22 9.59 16.28
N ASN D 95 -41.47 9.78 17.36
CA ASN D 95 -41.04 11.13 17.76
C ASN D 95 -40.04 11.65 16.73
N SER D 96 -40.14 12.96 16.42
CA SER D 96 -39.30 13.54 15.39
C SER D 96 -37.86 13.74 15.85
N VAL D 97 -37.64 13.98 17.15
CA VAL D 97 -36.27 14.13 17.64
C VAL D 97 -35.49 12.85 17.40
N LEU D 98 -36.15 11.70 17.47
CA LEU D 98 -35.49 10.41 17.29
C LEU D 98 -35.23 10.08 15.82
N GLU D 99 -36.09 10.55 14.92
CA GLU D 99 -36.04 10.09 13.54
C GLU D 99 -34.81 10.62 12.81
N ALA D 100 -34.44 9.93 11.74
CA ALA D 100 -33.20 10.22 11.03
C ALA D 100 -33.29 11.53 10.25
N HIS D 101 -34.19 11.61 9.27
CA HIS D 101 -34.29 12.77 8.40
C HIS D 101 -35.08 13.92 9.01
N ARG D 102 -35.36 13.87 10.32
CA ARG D 102 -35.96 14.98 11.08
C ARG D 102 -37.25 15.40 10.38
N LEU D 103 -37.48 16.70 10.16
CA LEU D 103 -38.80 17.16 9.71
C LEU D 103 -39.20 16.56 8.37
N ASN D 104 -38.24 16.05 7.60
CA ASN D 104 -38.52 15.37 6.34
C ASN D 104 -38.54 13.86 6.61
N SER D 105 -39.63 13.20 6.25
CA SER D 105 -39.80 11.79 6.54
C SER D 105 -41.02 11.28 5.78
N PRO D 106 -41.13 9.96 5.59
CA PRO D 106 -42.38 9.40 5.04
C PRO D 106 -43.53 9.37 6.03
N TYR D 107 -43.30 9.75 7.30
CA TYR D 107 -44.33 9.68 8.33
C TYR D 107 -44.90 11.06 8.66
N ILE D 108 -44.05 12.02 9.00
CA ILE D 108 -44.47 13.42 9.01
C ILE D 108 -44.36 13.97 7.60
N LEU D 109 -45.27 14.89 7.27
CA LEU D 109 -45.35 15.52 5.95
C LEU D 109 -45.56 14.50 4.82
N GLU D 110 -45.98 13.27 5.14
CA GLU D 110 -46.31 12.30 4.10
C GLU D 110 -47.32 11.29 4.64
N GLY D 111 -48.33 10.98 3.81
CA GLY D 111 -49.36 10.05 4.21
C GLY D 111 -50.75 10.44 3.73
N LYS D 112 -51.76 9.68 4.12
CA LYS D 112 -53.11 9.86 3.58
C LYS D 112 -53.64 11.25 3.89
N ASP D 113 -53.44 11.73 5.11
CA ASP D 113 -53.82 13.09 5.50
C ASP D 113 -52.66 13.71 6.27
N LYS D 114 -52.51 15.02 6.14
CA LYS D 114 -51.37 15.69 6.76
C LYS D 114 -51.69 17.15 7.03
N THR D 115 -51.70 17.52 8.31
CA THR D 115 -51.87 18.92 8.71
C THR D 115 -50.57 19.70 8.59
N LEU D 116 -49.49 19.17 9.18
CA LEU D 116 -48.23 19.91 9.26
C LEU D 116 -47.69 20.27 7.88
N PHE D 117 -47.98 19.45 6.88
CA PHE D 117 -47.59 19.73 5.50
C PHE D 117 -48.09 21.11 5.07
N ASP D 118 -49.35 21.39 5.34
CA ASP D 118 -49.90 22.70 4.97
C ASP D 118 -49.32 23.80 5.86
N LEU D 119 -49.13 23.51 7.16
CA LEU D 119 -48.58 24.52 8.05
C LEU D 119 -47.21 24.99 7.59
N LEU D 120 -46.36 24.06 7.13
CA LEU D 120 -45.07 24.47 6.56
C LEU D 120 -45.22 25.15 5.21
N LYS D 121 -46.08 24.59 4.33
CA LYS D 121 -46.22 25.16 3.00
C LYS D 121 -46.67 26.62 3.05
N GLN D 122 -47.59 26.93 3.97
CA GLN D 122 -48.04 28.31 4.12
C GLN D 122 -46.87 29.24 4.42
N GLU D 123 -46.01 28.85 5.36
CA GLU D 123 -44.90 29.69 5.77
C GLU D 123 -43.75 29.71 4.76
N LEU D 124 -43.73 28.76 3.81
CA LEU D 124 -42.67 28.71 2.81
C LEU D 124 -43.11 29.15 1.42
N ALA D 125 -44.40 29.47 1.24
CA ALA D 125 -44.87 29.89 -0.07
C ALA D 125 -44.07 31.08 -0.61
N HIS D 126 -43.85 32.10 0.22
CA HIS D 126 -43.07 33.25 -0.21
C HIS D 126 -41.60 32.89 -0.43
N MET D 127 -41.11 31.78 0.12
CA MET D 127 -39.77 31.30 -0.17
C MET D 127 -39.73 30.44 -1.43
N GLU D 128 -40.88 30.04 -1.97
CA GLU D 128 -40.89 29.26 -3.20
C GLU D 128 -40.23 30.01 -4.35
N GLU D 129 -40.33 31.33 -4.38
CA GLU D 129 -39.86 32.13 -5.49
C GLU D 129 -38.77 33.09 -5.03
N GLY D 130 -37.82 33.35 -5.92
CA GLY D 130 -36.70 34.22 -5.62
C GLY D 130 -35.73 33.59 -4.66
N PRO D 131 -34.89 34.40 -4.02
CA PRO D 131 -33.90 33.85 -3.09
C PRO D 131 -34.53 33.41 -1.78
N VAL D 132 -34.05 32.27 -1.26
CA VAL D 132 -34.45 31.78 0.05
C VAL D 132 -33.74 32.60 1.12
N ASP D 133 -34.44 32.84 2.23
CA ASP D 133 -33.91 33.62 3.34
C ASP D 133 -33.71 32.68 4.54
N ILE D 134 -32.47 32.64 5.05
CA ILE D 134 -32.16 31.76 6.16
C ILE D 134 -32.94 32.16 7.41
N ARG D 135 -33.24 33.45 7.55
CA ARG D 135 -33.89 33.93 8.78
C ARG D 135 -35.33 33.43 8.86
N LYS D 136 -36.03 33.40 7.74
CA LYS D 136 -37.43 32.96 7.75
C LYS D 136 -37.52 31.45 7.97
N LEU D 137 -36.67 30.68 7.29
CA LEU D 137 -36.65 29.23 7.51
C LEU D 137 -36.23 28.89 8.92
N ALA D 138 -35.22 29.59 9.45
CA ALA D 138 -34.77 29.34 10.82
C ALA D 138 -35.87 29.66 11.82
N GLU D 139 -36.62 30.75 11.59
CA GLU D 139 -37.78 31.03 12.43
C GLU D 139 -38.79 29.91 12.37
N THR D 140 -39.09 29.42 11.17
CA THR D 140 -40.12 28.40 11.01
C THR D 140 -39.72 27.11 11.71
N LEU D 141 -38.45 26.72 11.58
CA LEU D 141 -37.96 25.54 12.29
C LEU D 141 -38.00 25.75 13.79
N LEU D 142 -37.53 26.91 14.26
CA LEU D 142 -37.51 27.15 15.70
C LEU D 142 -38.91 27.17 16.28
N LYS D 143 -39.93 27.46 15.47
CA LYS D 143 -41.30 27.35 15.97
C LYS D 143 -41.83 25.91 15.88
N VAL D 144 -41.31 25.09 14.96
CA VAL D 144 -41.80 23.71 14.82
C VAL D 144 -40.91 22.72 15.55
N ASP D 145 -39.59 22.81 15.39
CA ASP D 145 -38.69 21.83 15.98
C ASP D 145 -37.40 22.54 16.37
N ALA D 146 -37.19 22.70 17.68
CA ALA D 146 -36.06 23.50 18.19
C ALA D 146 -34.73 22.78 18.11
N ASN D 147 -34.71 21.47 17.88
CA ASN D 147 -33.45 20.73 17.81
C ASN D 147 -32.96 20.56 16.39
N ALA D 148 -33.85 20.50 15.41
CA ALA D 148 -33.45 20.38 14.01
C ALA D 148 -32.63 21.58 13.56
N VAL D 149 -32.73 22.72 14.26
CA VAL D 149 -31.89 23.87 13.94
C VAL D 149 -30.42 23.53 14.08
N LEU D 150 -30.05 22.79 15.13
CA LEU D 150 -28.65 22.51 15.39
C LEU D 150 -28.10 21.43 14.46
N HIS D 151 -28.93 20.53 13.95
CA HIS D 151 -28.45 19.42 13.15
C HIS D 151 -28.74 19.56 11.65
N GLY D 152 -29.57 20.50 11.25
CA GLY D 152 -29.81 20.76 9.84
C GLY D 152 -30.88 19.85 9.25
N VAL D 153 -31.44 20.29 8.13
CA VAL D 153 -32.54 19.58 7.47
C VAL D 153 -32.47 19.87 5.97
N PHE D 154 -32.98 18.92 5.18
CA PHE D 154 -33.11 19.08 3.73
C PHE D 154 -34.49 18.58 3.33
N LEU D 155 -35.32 19.48 2.78
CA LEU D 155 -36.72 19.19 2.49
C LEU D 155 -36.85 18.81 1.02
N ALA D 156 -36.51 17.56 0.72
CA ALA D 156 -36.36 17.12 -0.67
C ALA D 156 -37.68 17.03 -1.42
N LYS D 157 -38.83 17.07 -0.76
CA LYS D 157 -40.09 16.92 -1.48
C LYS D 157 -40.22 18.01 -2.54
N LYS D 158 -40.55 17.59 -3.76
CA LYS D 158 -40.68 18.54 -4.86
C LYS D 158 -41.90 19.45 -4.69
N GLU D 159 -42.86 19.06 -3.84
CA GLU D 159 -44.00 19.93 -3.58
C GLU D 159 -43.60 21.16 -2.79
N LEU D 160 -42.56 21.05 -1.95
CA LEU D 160 -42.09 22.17 -1.14
C LEU D 160 -41.01 22.92 -1.94
N ALA D 161 -41.48 23.76 -2.86
CA ALA D 161 -40.59 24.63 -3.64
C ALA D 161 -39.53 23.84 -4.39
N GLY D 162 -39.90 22.67 -4.90
CA GLY D 162 -38.95 21.83 -5.59
C GLY D 162 -37.87 21.24 -4.71
N GLY D 163 -38.00 21.38 -3.39
CA GLY D 163 -36.94 20.98 -2.49
C GLY D 163 -35.74 21.90 -2.47
N ARG D 164 -35.93 23.19 -2.82
CA ARG D 164 -34.82 24.13 -2.77
C ARG D 164 -34.35 24.40 -1.35
N LEU D 165 -35.24 24.30 -0.37
CA LEU D 165 -34.92 24.69 0.99
C LEU D 165 -33.98 23.68 1.65
N ARG D 166 -32.94 24.18 2.30
CA ARG D 166 -32.00 23.34 3.02
C ARG D 166 -31.26 24.19 4.05
N LEU D 167 -30.73 23.54 5.07
CA LEU D 167 -30.04 24.21 6.15
C LEU D 167 -28.92 23.31 6.67
N PRO D 168 -27.68 23.80 6.74
CA PRO D 168 -26.57 22.94 7.18
C PRO D 168 -26.53 22.79 8.69
N ARG D 169 -25.86 21.71 9.12
CA ARG D 169 -25.71 21.44 10.54
C ARG D 169 -24.89 22.54 11.21
N ALA D 170 -25.31 22.93 12.42
CA ALA D 170 -24.59 23.91 13.21
C ALA D 170 -23.67 23.27 14.23
N LEU D 171 -24.09 22.15 14.83
CA LEU D 171 -23.26 21.39 15.75
C LEU D 171 -22.67 20.19 15.02
N SER D 172 -21.35 20.05 15.09
CA SER D 172 -20.65 18.90 14.52
C SER D 172 -19.68 18.33 15.53
N ALA D 173 -19.65 17.00 15.63
CA ALA D 173 -18.70 16.31 16.49
C ALA D 173 -18.41 14.94 15.92
N PHE D 174 -17.23 14.42 16.24
CA PHE D 174 -16.82 13.08 15.80
C PHE D 174 -15.70 12.60 16.72
N ILE D 175 -15.41 11.30 16.64
CA ILE D 175 -14.37 10.67 17.44
C ILE D 175 -13.31 10.12 16.49
N GLU D 176 -12.04 10.42 16.79
CA GLU D 176 -10.93 10.09 15.92
C GLU D 176 -9.77 9.58 16.75
N ALA D 177 -9.07 8.57 16.23
CA ALA D 177 -7.97 7.92 16.94
C ALA D 177 -6.73 7.92 16.05
N GLU D 178 -5.57 8.09 16.69
CA GLU D 178 -4.31 8.33 15.99
C GLU D 178 -3.28 7.28 16.36
N ASP D 179 -2.34 7.04 15.45
CA ASP D 179 -1.24 6.11 15.67
C ASP D 179 -1.76 4.72 16.03
N VAL D 180 -2.67 4.21 15.19
CA VAL D 180 -3.43 3.01 15.49
C VAL D 180 -2.61 1.76 15.16
N ARG D 181 -2.74 0.74 16.01
CA ARG D 181 -2.19 -0.58 15.76
C ARG D 181 -3.31 -1.61 15.83
N VAL D 182 -3.33 -2.54 14.88
CA VAL D 182 -4.40 -3.52 14.80
C VAL D 182 -4.13 -4.68 15.74
N ALA D 183 -5.21 -5.36 16.15
CA ALA D 183 -5.15 -6.53 17.03
C ALA D 183 -6.20 -7.54 16.57
N SER D 184 -5.81 -8.45 15.69
CA SER D 184 -6.73 -9.42 15.11
C SER D 184 -7.06 -10.53 16.11
N SER D 185 -8.23 -11.14 15.92
CA SER D 185 -8.72 -12.21 16.78
C SER D 185 -9.78 -13.00 16.01
N GLY D 186 -10.47 -13.90 16.71
CA GLY D 186 -11.47 -14.73 16.05
C GLY D 186 -12.14 -15.67 17.03
N GLY D 187 -12.85 -16.65 16.47
CA GLY D 187 -13.48 -17.68 17.29
C GLY D 187 -14.19 -18.70 16.42
N VAL D 188 -14.95 -19.57 17.08
CA VAL D 188 -15.75 -20.59 16.40
C VAL D 188 -17.09 -20.74 17.11
N LYS D 189 -18.15 -20.97 16.32
CA LYS D 189 -19.42 -21.43 16.85
C LYS D 189 -19.39 -22.96 16.98
N ASN D 190 -19.27 -23.46 18.21
CA ASN D 190 -19.22 -24.89 18.41
C ASN D 190 -20.61 -25.52 18.23
N ASP D 191 -20.63 -26.85 18.19
CA ASP D 191 -21.88 -27.59 18.07
C ASP D 191 -21.67 -28.99 18.67
N HIS D 192 -22.77 -29.60 19.11
CA HIS D 192 -22.69 -30.91 19.76
C HIS D 192 -23.83 -31.84 19.37
N VAL D 193 -24.49 -31.62 18.23
CA VAL D 193 -25.60 -32.48 17.83
C VAL D 193 -25.07 -33.78 17.25
N ASN D 194 -25.98 -34.76 17.14
CA ASN D 194 -25.64 -36.11 16.71
C ASN D 194 -25.55 -36.26 15.19
N PRO D 195 -26.53 -35.76 14.40
CA PRO D 195 -26.64 -36.23 13.01
C PRO D 195 -25.52 -35.78 12.07
N SER D 196 -25.25 -34.49 11.97
CA SER D 196 -24.29 -33.98 11.01
C SER D 196 -24.04 -32.50 11.28
N GLY D 197 -22.89 -32.02 10.80
CA GLY D 197 -22.53 -30.63 10.94
C GLY D 197 -22.89 -29.79 9.73
N ASP D 198 -24.14 -29.86 9.29
CA ASP D 198 -24.59 -29.13 8.10
C ASP D 198 -24.64 -27.64 8.41
N THR D 199 -23.61 -26.91 7.97
CA THR D 199 -23.56 -25.47 8.23
C THR D 199 -24.66 -24.73 7.49
N SER D 200 -25.08 -25.23 6.31
CA SER D 200 -26.17 -24.60 5.59
C SER D 200 -27.46 -24.62 6.38
N ARG D 201 -27.60 -25.53 7.35
CA ARG D 201 -28.75 -25.57 8.24
C ARG D 201 -28.47 -24.94 9.60
N GLY D 202 -27.25 -24.45 9.82
CA GLY D 202 -26.88 -23.85 11.09
C GLY D 202 -26.13 -24.75 12.05
N PHE D 203 -25.85 -25.99 11.66
CA PHE D 203 -25.19 -26.95 12.53
C PHE D 203 -23.68 -26.97 12.28
N GLY D 204 -22.98 -27.69 13.16
CA GLY D 204 -21.55 -27.90 13.00
C GLY D 204 -20.72 -26.72 13.45
N ASN D 205 -19.41 -26.94 13.51
CA ASN D 205 -18.47 -25.87 13.83
C ASN D 205 -18.38 -24.88 12.67
N VAL D 206 -18.31 -23.60 13.00
CA VAL D 206 -18.13 -22.55 11.99
C VAL D 206 -17.19 -21.48 12.55
N PRO D 207 -16.00 -21.31 12.00
CA PRO D 207 -15.10 -20.27 12.49
C PRO D 207 -15.46 -18.87 11.99
N PHE D 208 -14.96 -17.86 12.71
CA PHE D 208 -15.13 -16.48 12.31
C PHE D 208 -13.92 -15.67 12.75
N ALA D 209 -13.72 -14.53 12.09
CA ALA D 209 -12.61 -13.63 12.37
C ALA D 209 -13.12 -12.24 12.76
N ARG D 210 -12.38 -11.56 13.62
CA ARG D 210 -12.66 -10.18 13.99
C ARG D 210 -11.36 -9.42 14.19
N ASP D 211 -11.42 -8.10 13.97
CA ASP D 211 -10.29 -7.21 14.19
C ASP D 211 -10.64 -6.16 15.23
N GLU D 212 -9.80 -6.02 16.26
CA GLU D 212 -9.83 -4.90 17.18
C GLU D 212 -8.63 -3.99 16.92
N TYR D 213 -8.63 -2.83 17.59
CA TYR D 213 -7.57 -1.84 17.44
C TYR D 213 -7.19 -1.27 18.80
N VAL D 214 -5.99 -0.68 18.86
CA VAL D 214 -5.53 0.05 20.03
C VAL D 214 -4.97 1.38 19.56
N SER D 215 -4.86 2.33 20.51
CA SER D 215 -4.31 3.64 20.20
C SER D 215 -3.78 4.28 21.48
N PRO D 216 -2.67 5.02 21.41
CA PRO D 216 -2.24 5.79 22.60
C PRO D 216 -2.95 7.12 22.74
N ARG D 217 -3.55 7.64 21.66
CA ARG D 217 -4.28 8.91 21.70
C ARG D 217 -5.58 8.74 20.93
N ILE D 218 -6.71 8.89 21.61
CA ILE D 218 -8.02 8.90 21.00
C ILE D 218 -8.84 10.01 21.65
N LYS D 219 -9.58 10.76 20.84
CA LYS D 219 -10.31 11.91 21.35
C LYS D 219 -11.54 12.18 20.50
N ALA D 220 -12.52 12.85 21.12
CA ALA D 220 -13.73 13.30 20.46
C ALA D 220 -13.66 14.82 20.27
N TYR D 221 -14.00 15.28 19.08
CA TYR D 221 -13.99 16.70 18.74
C TYR D 221 -15.42 17.21 18.69
N PHE D 222 -15.63 18.43 19.21
CA PHE D 222 -16.91 19.11 19.13
C PHE D 222 -16.71 20.49 18.52
N ASN D 223 -17.60 20.86 17.61
CA ASN D 223 -17.52 22.14 16.90
C ASN D 223 -18.90 22.77 16.81
N LEU D 224 -19.00 24.03 17.24
CA LEU D 224 -20.24 24.79 17.18
C LEU D 224 -19.93 26.15 16.57
N ASP D 225 -20.57 26.45 15.45
CA ASP D 225 -20.29 27.68 14.71
C ASP D 225 -21.24 28.78 15.20
N LEU D 226 -20.75 29.57 16.15
CA LEU D 226 -21.51 30.69 16.67
C LEU D 226 -21.88 31.68 15.57
N ALA D 227 -21.01 31.82 14.57
CA ALA D 227 -21.29 32.72 13.45
C ALA D 227 -22.58 32.33 12.74
N GLN D 228 -22.83 31.03 12.57
CA GLN D 228 -24.00 30.60 11.83
C GLN D 228 -25.30 31.03 12.53
N ILE D 229 -25.37 30.83 13.85
CA ILE D 229 -26.59 31.20 14.56
C ILE D 229 -26.70 32.71 14.71
N ARG D 230 -25.58 33.39 14.94
CA ARG D 230 -25.61 34.85 14.91
C ARG D 230 -26.11 35.36 13.56
N ALA D 231 -25.82 34.63 12.48
CA ALA D 231 -26.34 35.00 11.18
C ALA D 231 -27.83 34.70 11.06
N PHE D 232 -28.33 33.66 11.74
CA PHE D 232 -29.77 33.47 11.81
C PHE D 232 -30.46 34.67 12.45
N GLY D 233 -29.95 35.13 13.58
CA GLY D 233 -30.53 36.29 14.25
C GLY D 233 -31.95 36.09 14.72
N LEU D 234 -32.27 34.94 15.33
CA LEU D 234 -33.58 34.79 15.95
C LEU D 234 -33.71 35.59 17.23
N GLY D 235 -32.60 36.06 17.76
CA GLY D 235 -32.59 36.95 18.92
C GLY D 235 -31.49 36.55 19.88
N GLU D 236 -31.10 37.50 20.73
CA GLU D 236 -30.05 37.22 21.71
C GLU D 236 -30.53 36.17 22.71
N GLN D 237 -31.80 36.22 23.10
CA GLN D 237 -32.34 35.21 24.00
C GLN D 237 -32.39 33.84 23.33
N VAL D 238 -32.67 33.81 22.03
CA VAL D 238 -32.71 32.55 21.30
C VAL D 238 -31.31 31.98 21.14
N ASP D 239 -30.34 32.83 20.83
CA ASP D 239 -28.95 32.39 20.75
C ASP D 239 -28.49 31.82 22.09
N ARG D 240 -28.79 32.53 23.19
CA ARG D 240 -28.43 32.05 24.51
C ARG D 240 -29.05 30.69 24.79
N LEU D 241 -30.32 30.51 24.38
CA LEU D 241 -30.99 29.23 24.59
C LEU D 241 -30.29 28.12 23.80
N LEU D 242 -30.01 28.36 22.51
CA LEU D 242 -29.43 27.30 21.70
C LEU D 242 -28.02 26.95 22.17
N ILE D 243 -27.29 27.93 22.69
CA ILE D 243 -25.95 27.64 23.21
C ILE D 243 -26.05 26.79 24.46
N ALA D 244 -26.97 27.14 25.37
CA ALA D 244 -27.17 26.31 26.55
C ALA D 244 -27.55 24.89 26.16
N LEU D 245 -28.47 24.75 25.21
CA LEU D 245 -28.94 23.42 24.80
C LEU D 245 -27.79 22.59 24.22
N ALA D 246 -26.97 23.18 23.35
CA ALA D 246 -25.85 22.44 22.77
C ALA D 246 -24.87 22.01 23.85
N LEU D 247 -24.47 22.95 24.71
CA LEU D 247 -23.52 22.62 25.77
C LEU D 247 -24.06 21.48 26.64
N TYR D 248 -25.33 21.57 27.02
CA TYR D 248 -25.95 20.53 27.83
C TYR D 248 -25.92 19.18 27.13
N LYS D 249 -26.30 19.15 25.85
CA LYS D 249 -26.32 17.88 25.13
C LYS D 249 -24.93 17.25 25.12
N VAL D 250 -23.89 18.04 24.91
CA VAL D 250 -22.52 17.50 24.96
C VAL D 250 -22.19 16.98 26.36
N ARG D 251 -22.41 17.83 27.37
CA ARG D 251 -22.01 17.47 28.74
C ARG D 251 -22.73 16.22 29.24
N ARG D 252 -23.91 15.90 28.71
CA ARG D 252 -24.57 14.65 29.07
C ARG D 252 -24.18 13.48 28.18
N PHE D 253 -23.91 13.72 26.89
CA PHE D 253 -23.40 12.64 26.06
C PHE D 253 -22.12 12.07 26.66
N LEU D 254 -21.28 12.94 27.21
CA LEU D 254 -20.01 12.45 27.75
C LEU D 254 -20.19 11.44 28.89
N VAL D 255 -21.38 11.32 29.46
CA VAL D 255 -21.59 10.36 30.55
C VAL D 255 -22.78 9.45 30.25
N HIS D 256 -23.26 9.46 29.01
CA HIS D 256 -24.24 8.44 28.61
C HIS D 256 -23.93 7.72 27.31
N GLY D 257 -23.07 8.24 26.44
CA GLY D 257 -22.74 7.59 25.19
C GLY D 257 -21.47 6.77 25.19
N LEU D 258 -20.76 6.71 26.31
CA LEU D 258 -19.47 6.01 26.35
C LEU D 258 -19.61 4.57 25.87
N ARG D 259 -20.73 3.92 26.20
CA ARG D 259 -20.99 2.55 25.77
C ARG D 259 -21.56 2.59 24.34
N LEU D 260 -20.69 2.95 23.40
CA LEU D 260 -21.11 3.04 22.01
C LEU D 260 -21.47 1.68 21.43
N ARG D 261 -20.77 0.64 21.86
CA ARG D 261 -20.96 -0.71 21.33
C ARG D 261 -20.72 -1.71 22.43
N THR D 262 -21.07 -2.97 22.16
CA THR D 262 -20.98 -4.00 23.17
C THR D 262 -19.56 -4.17 23.71
N ALA D 263 -18.55 -3.87 22.90
CA ALA D 263 -17.17 -4.18 23.25
C ALA D 263 -16.26 -2.96 23.37
N CYS D 264 -16.81 -1.74 23.34
CA CYS D 264 -15.98 -0.55 23.34
C CYS D 264 -15.74 -0.02 24.76
N ASP D 265 -16.82 0.34 25.46
CA ASP D 265 -16.77 0.81 26.84
C ASP D 265 -15.67 1.86 27.04
N LEU D 266 -15.83 3.01 26.38
CA LEU D 266 -14.89 4.12 26.52
C LEU D 266 -15.10 4.83 27.85
N ASP D 267 -14.23 5.81 28.13
CA ASP D 267 -14.28 6.55 29.39
C ASP D 267 -13.55 7.88 29.20
N CYS D 268 -14.24 8.99 29.46
CA CYS D 268 -13.63 10.31 29.37
C CYS D 268 -12.65 10.54 30.52
N GLN D 269 -11.49 11.11 30.20
CA GLN D 269 -10.50 11.49 31.20
C GLN D 269 -10.49 12.98 31.48
N ALA D 270 -10.59 13.82 30.45
CA ALA D 270 -10.52 15.26 30.63
C ALA D 270 -11.21 15.96 29.46
N LEU D 271 -11.60 17.21 29.69
CA LEU D 271 -12.31 18.02 28.71
C LEU D 271 -11.65 19.38 28.61
N ARG D 272 -11.41 19.85 27.38
CA ARG D 272 -10.69 21.09 27.14
C ARG D 272 -11.33 21.83 25.97
N VAL D 273 -11.31 23.16 26.05
CA VAL D 273 -11.81 24.04 24.99
C VAL D 273 -10.64 24.56 24.18
N THR D 274 -10.84 24.71 22.88
CA THR D 274 -9.81 25.18 21.96
C THR D 274 -10.03 26.62 21.52
N ARG D 275 -11.26 26.96 21.07
CA ARG D 275 -11.63 28.34 20.82
C ARG D 275 -13.03 28.54 21.39
N PRO D 276 -13.28 29.64 22.12
CA PRO D 276 -12.31 30.69 22.53
C PRO D 276 -11.31 30.17 23.56
N GLU D 277 -10.06 30.62 23.47
CA GLU D 277 -9.05 30.21 24.44
C GLU D 277 -9.18 31.00 25.71
N GLY D 278 -8.92 30.34 26.85
CA GLY D 278 -9.03 30.96 28.15
C GLY D 278 -10.42 30.91 28.76
N TRP D 279 -11.41 30.40 28.04
CA TRP D 279 -12.76 30.28 28.58
C TRP D 279 -12.89 29.05 29.46
N GLU D 280 -13.91 29.08 30.33
CA GLU D 280 -14.20 27.99 31.25
C GLU D 280 -15.62 27.51 30.98
N VAL D 281 -15.74 26.25 30.54
CA VAL D 281 -17.05 25.69 30.19
C VAL D 281 -17.86 25.47 31.45
N PRO D 282 -19.18 25.63 31.43
CA PRO D 282 -19.98 25.40 32.64
C PRO D 282 -20.07 23.92 32.98
N GLU D 283 -20.47 23.66 34.23
CA GLU D 283 -20.72 22.31 34.70
C GLU D 283 -22.16 21.90 34.39
N LEU D 284 -22.39 20.59 34.39
CA LEU D 284 -23.66 20.06 33.91
C LEU D 284 -24.82 20.46 34.80
N SER D 285 -24.60 20.52 36.12
CA SER D 285 -25.70 20.91 37.02
C SER D 285 -26.15 22.33 36.75
N GLU D 286 -25.24 23.20 36.28
CA GLU D 286 -25.61 24.59 36.05
C GLU D 286 -26.48 24.73 34.81
N LEU D 287 -26.13 24.02 33.74
CA LEU D 287 -26.97 24.02 32.54
C LEU D 287 -28.30 23.36 32.82
N GLU D 288 -28.27 22.26 33.58
CA GLU D 288 -29.50 21.55 33.94
C GLU D 288 -30.45 22.46 34.72
N ALA D 289 -29.90 23.31 35.60
CA ALA D 289 -30.76 24.24 36.32
C ALA D 289 -31.24 25.38 35.43
N ALA D 290 -30.35 25.96 34.62
CA ALA D 290 -30.67 27.18 33.89
C ALA D 290 -31.66 26.92 32.75
N LEU D 291 -31.51 25.80 32.04
CA LEU D 291 -32.21 25.62 30.77
C LEU D 291 -33.72 25.82 30.84
N PRO D 292 -34.46 25.34 31.84
CA PRO D 292 -35.91 25.60 31.86
C PRO D 292 -36.27 27.08 31.88
N GLY D 293 -35.47 27.93 32.54
CA GLY D 293 -35.78 29.34 32.55
C GLY D 293 -35.61 29.99 31.18
N LEU D 294 -34.61 29.55 30.42
CA LEU D 294 -34.43 30.08 29.07
C LEU D 294 -35.53 29.57 28.13
N ILE D 295 -35.96 28.33 28.33
CA ILE D 295 -37.09 27.84 27.54
C ILE D 295 -38.35 28.65 27.87
N GLU D 296 -38.51 29.00 29.15
CA GLU D 296 -39.61 29.87 29.54
C GLU D 296 -39.53 31.22 28.84
N ALA D 297 -38.35 31.84 28.85
CA ALA D 297 -38.19 33.16 28.22
C ALA D 297 -38.55 33.09 26.74
N VAL D 298 -38.00 32.10 26.02
CA VAL D 298 -38.26 32.04 24.59
C VAL D 298 -39.71 31.69 24.30
N ALA D 299 -40.35 30.91 25.19
CA ALA D 299 -41.79 30.68 25.05
C ALA D 299 -42.55 31.99 25.24
N GLY D 300 -42.10 32.83 26.18
CA GLY D 300 -42.72 34.11 26.38
C GLY D 300 -42.62 35.02 25.17
N GLU D 301 -41.50 34.92 24.44
CA GLU D 301 -41.40 35.67 23.19
C GLU D 301 -42.36 35.17 22.12
N GLY D 302 -43.00 34.01 22.32
CA GLY D 302 -43.93 33.49 21.35
C GLY D 302 -43.30 32.87 20.12
N ARG D 303 -42.01 32.53 20.19
CA ARG D 303 -41.36 31.90 19.05
C ARG D 303 -41.79 30.45 18.91
N PHE D 304 -41.86 29.72 20.02
CA PHE D 304 -42.39 28.36 19.99
C PHE D 304 -43.88 28.40 19.66
N ALA D 305 -44.31 27.52 18.76
CA ALA D 305 -45.73 27.40 18.45
C ALA D 305 -46.48 26.82 19.64
N GLN D 306 -47.74 27.23 19.78
CA GLN D 306 -48.63 26.67 20.79
C GLN D 306 -49.77 25.94 20.12
N PRO D 307 -50.02 24.66 20.45
CA PRO D 307 -49.34 23.84 21.45
C PRO D 307 -47.91 23.50 21.05
N ALA D 308 -46.99 23.42 22.02
CA ALA D 308 -45.60 23.13 21.70
C ALA D 308 -45.46 21.76 21.04
N VAL D 309 -46.18 20.77 21.55
CA VAL D 309 -46.17 19.43 21.00
C VAL D 309 -47.20 19.36 19.87
N THR D 310 -46.75 18.97 18.68
CA THR D 310 -47.63 18.75 17.54
C THR D 310 -47.93 17.27 17.42
N ILE D 311 -49.22 16.94 17.31
CA ILE D 311 -49.68 15.56 17.17
C ILE D 311 -50.21 15.37 15.75
N VAL D 312 -49.80 14.26 15.12
CA VAL D 312 -50.24 13.94 13.77
C VAL D 312 -50.29 12.42 13.64
N THR D 313 -51.22 11.93 12.83
CA THR D 313 -51.40 10.51 12.59
C THR D 313 -50.79 10.10 11.25
N TYR D 314 -50.62 8.79 11.08
CA TYR D 314 -50.11 8.21 9.84
C TYR D 314 -50.98 7.03 9.43
N GLU D 315 -51.32 6.97 8.15
CA GLU D 315 -52.03 5.82 7.58
C GLU D 315 -51.60 5.67 6.12
N LYS D 316 -50.86 4.61 5.83
CA LYS D 316 -50.32 4.35 4.49
C LYS D 316 -49.92 5.63 3.78
N MET E 1 -22.10 -8.29 53.42
CA MET E 1 -22.93 -7.05 53.37
C MET E 1 -23.94 -7.12 52.21
N LYS E 2 -25.03 -6.38 52.34
CA LYS E 2 -26.03 -6.34 51.29
C LYS E 2 -25.47 -5.65 50.04
N LEU E 3 -26.02 -5.99 48.89
CA LEU E 3 -25.47 -5.57 47.61
C LEU E 3 -26.24 -4.41 46.96
N GLU E 4 -27.42 -4.06 47.46
CA GLU E 4 -28.27 -3.03 46.86
C GLU E 4 -27.67 -1.62 46.99
N PRO E 5 -26.90 -1.31 48.03
CA PRO E 5 -26.25 0.02 48.07
C PRO E 5 -25.45 0.29 46.82
N LEU E 6 -24.76 -0.74 46.32
CA LEU E 6 -24.03 -0.62 45.06
C LEU E 6 -25.00 -0.37 43.90
N LEU E 7 -26.20 -0.94 43.97
CA LEU E 7 -27.20 -0.67 42.94
C LEU E 7 -27.75 0.73 43.03
N SER E 8 -27.47 1.45 44.12
CA SER E 8 -27.82 2.86 44.18
C SER E 8 -26.67 3.76 43.75
N ASP E 9 -25.42 3.38 44.04
CA ASP E 9 -24.32 4.34 43.94
C ASP E 9 -23.90 4.62 42.49
N VAL E 10 -23.73 3.59 41.66
CA VAL E 10 -22.88 3.72 40.47
C VAL E 10 -23.59 3.14 39.25
N PRO E 11 -23.08 3.47 38.04
CA PRO E 11 -23.64 2.90 36.81
C PRO E 11 -23.05 1.55 36.41
N ARG E 12 -21.80 1.28 36.79
CA ARG E 12 -21.12 0.06 36.33
C ARG E 12 -20.24 -0.50 37.45
N LEU E 13 -20.08 -1.82 37.43
CA LEU E 13 -19.22 -2.54 38.36
C LEU E 13 -18.01 -3.10 37.61
N LEU E 14 -16.81 -2.77 38.09
CA LEU E 14 -15.56 -3.19 37.47
C LEU E 14 -14.68 -3.92 38.47
N MET E 15 -14.24 -5.12 38.11
CA MET E 15 -13.35 -5.93 38.95
C MET E 15 -12.19 -6.47 38.12
N GLU E 16 -11.06 -6.72 38.78
CA GLU E 16 -9.89 -7.32 38.15
C GLU E 16 -9.21 -8.26 39.13
N ALA E 17 -8.58 -9.32 38.59
CA ALA E 17 -7.96 -10.37 39.39
C ALA E 17 -6.58 -10.70 38.86
N ASP E 18 -5.61 -10.82 39.77
CA ASP E 18 -4.21 -11.12 39.42
C ASP E 18 -4.02 -12.63 39.34
N LEU E 19 -3.91 -13.16 38.12
CA LEU E 19 -3.62 -14.57 37.91
C LEU E 19 -2.12 -14.82 37.85
N VAL E 20 -1.69 -15.94 38.44
CA VAL E 20 -0.31 -16.41 38.35
C VAL E 20 -0.31 -17.86 37.90
N PRO E 21 0.58 -18.29 37.00
CA PRO E 21 0.71 -19.73 36.73
C PRO E 21 1.02 -20.49 38.02
N VAL E 22 0.36 -21.64 38.18
CA VAL E 22 0.48 -22.38 39.43
C VAL E 22 1.89 -22.95 39.58
N GLN E 23 2.51 -23.36 38.47
CA GLN E 23 3.86 -23.90 38.51
C GLN E 23 4.56 -23.52 37.21
N GLY E 24 5.89 -23.38 37.30
CA GLY E 24 6.66 -22.94 36.16
C GLY E 24 6.52 -21.45 35.92
N THR E 25 6.93 -21.02 34.73
CA THR E 25 6.88 -19.61 34.35
C THR E 25 6.21 -19.34 33.01
N ARG E 26 5.69 -20.35 32.32
CA ARG E 26 5.12 -20.14 30.99
C ARG E 26 3.84 -20.94 30.85
N PHE E 27 3.00 -20.52 29.90
CA PHE E 27 1.65 -21.05 29.77
C PHE E 27 1.26 -21.10 28.29
N GLN E 28 0.16 -21.79 28.00
CA GLN E 28 -0.35 -21.95 26.65
C GLN E 28 -1.54 -21.04 26.43
N PRO E 29 -1.45 -20.01 25.59
CA PRO E 29 -2.62 -19.18 25.29
C PRO E 29 -3.52 -19.83 24.24
N THR E 30 -4.66 -19.18 23.99
CA THR E 30 -5.63 -19.69 23.04
C THR E 30 -5.05 -19.76 21.64
N GLY E 31 -5.39 -20.82 20.92
CA GLY E 31 -5.08 -20.92 19.50
C GLY E 31 -6.27 -20.51 18.65
N PHE E 32 -6.28 -19.27 18.18
CA PHE E 32 -7.39 -18.80 17.36
C PHE E 32 -7.30 -19.43 15.96
N PRO E 33 -8.43 -19.77 15.35
CA PRO E 33 -8.38 -20.62 14.14
C PRO E 33 -7.55 -20.04 13.01
N ASP E 34 -7.60 -18.73 12.79
CA ASP E 34 -6.90 -18.15 11.64
C ASP E 34 -5.42 -17.94 11.90
N LEU E 35 -5.03 -17.70 13.15
CA LEU E 35 -3.71 -17.15 13.44
C LEU E 35 -2.97 -17.81 14.58
N GLY E 36 -3.62 -18.62 15.43
CA GLY E 36 -2.96 -19.14 16.59
C GLY E 36 -2.93 -18.13 17.73
N ALA E 37 -1.73 -17.81 18.22
CA ALA E 37 -1.60 -16.88 19.33
C ALA E 37 -1.90 -15.45 18.87
N ALA E 38 -2.89 -14.83 19.51
CA ALA E 38 -3.31 -13.47 19.15
C ALA E 38 -2.50 -12.46 19.97
N HIS E 39 -1.28 -12.23 19.51
CA HIS E 39 -0.42 -11.18 20.06
C HIS E 39 -0.66 -9.88 19.33
N TYR E 40 -0.32 -8.78 19.99
CA TYR E 40 -0.39 -7.46 19.37
C TYR E 40 0.48 -6.48 20.15
N GLU E 41 0.60 -5.27 19.61
CA GLU E 41 1.43 -4.23 20.20
C GLU E 41 0.55 -3.29 21.02
N GLY E 42 1.04 -2.93 22.21
CA GLY E 42 0.27 -2.14 23.13
C GLY E 42 0.50 -0.64 22.96
N PRO E 43 -0.49 0.17 23.34
CA PRO E 43 -0.32 1.63 23.22
C PRO E 43 0.86 2.17 24.00
N ASP E 44 1.18 1.58 25.16
CA ASP E 44 2.30 2.07 25.95
C ASP E 44 3.65 1.77 25.33
N GLY E 45 3.69 1.01 24.25
CA GLY E 45 4.93 0.68 23.58
C GLY E 45 5.53 -0.66 23.95
N ARG E 46 4.72 -1.61 24.42
CA ARG E 46 5.20 -2.92 24.81
C ARG E 46 4.25 -3.98 24.28
N PRO E 47 4.77 -5.17 23.96
CA PRO E 47 3.92 -6.22 23.39
C PRO E 47 3.07 -6.93 24.43
N MET E 48 1.93 -7.45 23.98
CA MET E 48 0.99 -8.11 24.87
C MET E 48 0.12 -9.05 24.04
N LEU E 49 -0.57 -9.96 24.74
CA LEU E 49 -1.34 -11.00 24.08
C LEU E 49 -2.69 -11.17 24.78
N LEU E 50 -3.74 -11.34 23.97
CA LEU E 50 -5.06 -11.71 24.47
C LEU E 50 -5.07 -13.20 24.80
N VAL E 51 -5.26 -13.53 26.08
CA VAL E 51 -5.19 -14.93 26.50
C VAL E 51 -6.37 -15.71 25.93
N GLU E 52 -7.58 -15.16 26.01
CA GLU E 52 -8.76 -15.84 25.50
C GLU E 52 -9.84 -14.82 25.16
N SER E 53 -10.82 -15.27 24.40
CA SER E 53 -11.92 -14.42 23.98
C SER E 53 -12.94 -14.24 25.09
N ALA E 54 -13.58 -13.08 25.11
CA ALA E 54 -14.53 -12.78 26.19
C ALA E 54 -15.76 -13.67 26.12
N GLN E 55 -16.14 -14.12 24.94
CA GLN E 55 -17.28 -15.03 24.82
C GLN E 55 -16.93 -16.44 25.27
N SER E 56 -15.66 -16.83 25.21
CA SER E 56 -15.25 -18.08 25.84
C SER E 56 -15.29 -17.94 27.36
N MET E 57 -14.89 -16.78 27.89
CA MET E 57 -15.07 -16.51 29.30
C MET E 57 -16.54 -16.61 29.68
N ALA E 58 -17.44 -16.17 28.80
CA ALA E 58 -18.86 -16.27 29.09
C ALA E 58 -19.32 -17.73 29.10
N ASN E 59 -18.87 -18.53 28.13
CA ASN E 59 -19.24 -19.95 28.13
C ASN E 59 -18.70 -20.66 29.38
N ARG E 60 -17.53 -20.26 29.86
CA ARG E 60 -17.00 -20.87 31.08
C ARG E 60 -17.75 -20.42 32.32
N LEU E 61 -18.05 -19.13 32.43
CA LEU E 61 -18.83 -18.64 33.56
C LEU E 61 -20.21 -19.25 33.58
N GLU E 62 -20.73 -19.66 32.43
CA GLU E 62 -21.96 -20.44 32.39
C GLU E 62 -21.71 -21.89 32.82
N THR E 63 -20.61 -22.50 32.33
CA THR E 63 -20.36 -23.91 32.61
C THR E 63 -20.21 -24.17 34.10
N VAL E 64 -19.55 -23.26 34.81
CA VAL E 64 -19.26 -23.48 36.23
C VAL E 64 -20.52 -23.43 37.09
N CYS E 65 -21.69 -23.15 36.50
CA CYS E 65 -22.92 -23.04 37.26
C CYS E 65 -23.97 -24.08 36.91
N TRP E 66 -23.67 -25.05 36.03
CA TRP E 66 -24.66 -26.03 35.60
C TRP E 66 -24.03 -27.41 35.55
N ASP E 67 -24.86 -28.42 35.78
CA ASP E 67 -24.45 -29.82 35.77
C ASP E 67 -25.29 -30.57 34.74
N LYS E 68 -24.67 -30.94 33.61
CA LYS E 68 -25.39 -31.67 32.57
C LYS E 68 -25.71 -33.09 33.01
N ASP E 69 -24.88 -33.69 33.87
CA ASP E 69 -25.16 -35.04 34.33
C ASP E 69 -26.45 -35.10 35.15
N ALA E 70 -26.69 -34.08 35.98
CA ALA E 70 -27.91 -34.00 36.75
C ALA E 70 -29.03 -33.26 36.02
N ASP E 71 -28.71 -32.51 34.97
CA ASP E 71 -29.69 -31.71 34.25
C ASP E 71 -30.38 -30.70 35.17
N ASP E 72 -29.60 -30.12 36.08
CA ASP E 72 -30.10 -29.10 36.98
C ASP E 72 -28.94 -28.21 37.41
N TRP E 73 -29.30 -27.01 37.89
CA TRP E 73 -28.31 -26.07 38.36
C TRP E 73 -27.57 -26.62 39.58
N VAL E 74 -26.50 -25.93 39.97
CA VAL E 74 -25.90 -26.19 41.27
C VAL E 74 -26.93 -25.83 42.35
N VAL E 75 -26.69 -26.32 43.56
CA VAL E 75 -27.70 -26.24 44.61
C VAL E 75 -28.19 -24.82 44.83
N PRO E 76 -27.33 -23.81 45.05
CA PRO E 76 -27.85 -22.45 45.27
C PRO E 76 -28.73 -21.94 44.15
N LEU E 77 -28.41 -22.26 42.90
CA LEU E 77 -29.13 -21.72 41.75
C LEU E 77 -30.41 -22.46 41.43
N ARG E 78 -30.70 -23.57 42.09
CA ARG E 78 -31.78 -24.44 41.65
C ARG E 78 -33.12 -23.72 41.70
N GLY E 79 -33.97 -24.00 40.72
CA GLY E 79 -35.26 -23.37 40.58
C GLY E 79 -35.32 -22.29 39.51
N LEU E 80 -34.18 -21.81 39.04
CA LEU E 80 -34.17 -20.83 37.97
C LEU E 80 -34.67 -21.46 36.67
N PRO E 81 -35.32 -20.68 35.82
CA PRO E 81 -35.95 -21.27 34.63
C PRO E 81 -34.95 -21.66 33.56
N VAL E 82 -35.34 -22.67 32.77
CA VAL E 82 -34.48 -23.21 31.72
C VAL E 82 -35.34 -24.08 30.82
N VAL E 83 -34.92 -24.27 29.58
CA VAL E 83 -35.56 -25.21 28.65
C VAL E 83 -34.57 -26.34 28.37
N LYS E 84 -35.03 -27.57 28.51
CA LYS E 84 -34.25 -28.76 28.22
C LYS E 84 -34.72 -29.37 26.90
N VAL E 85 -33.78 -29.84 26.10
CA VAL E 85 -34.06 -30.35 24.75
C VAL E 85 -34.03 -31.87 24.80
N LEU E 86 -35.16 -32.48 24.43
CA LEU E 86 -35.35 -33.92 24.51
C LEU E 86 -35.05 -34.59 23.18
N ASP E 87 -34.49 -35.79 23.23
CA ASP E 87 -34.35 -36.63 22.07
C ASP E 87 -35.61 -37.48 21.89
N LYS E 88 -35.79 -38.00 20.66
CA LYS E 88 -36.95 -38.83 20.40
C LYS E 88 -37.02 -40.02 21.35
N ALA E 89 -35.87 -40.53 21.78
CA ALA E 89 -35.81 -41.65 22.69
C ALA E 89 -35.98 -41.25 24.15
N GLY E 90 -36.17 -39.96 24.44
CA GLY E 90 -36.41 -39.48 25.78
C GLY E 90 -35.18 -38.99 26.51
N LYS E 91 -33.99 -39.34 26.05
CA LYS E 91 -32.77 -38.87 26.71
C LYS E 91 -32.52 -37.40 26.38
N PRO E 92 -32.17 -36.58 27.37
CA PRO E 92 -31.98 -35.14 27.09
C PRO E 92 -30.69 -34.85 26.33
N LEU E 93 -30.81 -34.53 25.04
CA LEU E 93 -29.63 -34.32 24.22
C LEU E 93 -28.91 -33.01 24.54
N THR E 94 -29.63 -31.99 25.01
CA THR E 94 -28.98 -30.74 25.44
C THR E 94 -29.99 -29.89 26.20
N ASN E 95 -29.58 -28.67 26.53
CA ASN E 95 -30.45 -27.65 27.09
C ASN E 95 -29.91 -26.28 26.68
N SER E 96 -30.76 -25.26 26.80
CA SER E 96 -30.40 -23.93 26.31
C SER E 96 -29.35 -23.23 27.17
N VAL E 97 -29.09 -23.72 28.38
CA VAL E 97 -27.95 -23.19 29.14
C VAL E 97 -26.66 -23.84 28.68
N LEU E 98 -26.68 -25.15 28.46
CA LEU E 98 -25.51 -25.85 27.94
C LEU E 98 -25.15 -25.34 26.55
N GLU E 99 -26.16 -25.10 25.70
CA GLU E 99 -25.91 -24.53 24.40
C GLU E 99 -25.59 -23.05 24.52
N ALA E 100 -24.83 -22.54 23.55
CA ALA E 100 -24.29 -21.18 23.61
C ALA E 100 -25.14 -20.16 22.87
N HIS E 101 -26.12 -20.59 22.08
CA HIS E 101 -26.98 -19.69 21.32
C HIS E 101 -28.30 -19.41 22.03
N ARG E 102 -28.49 -19.97 23.23
CA ARG E 102 -29.70 -19.79 24.03
C ARG E 102 -30.92 -20.05 23.14
N LEU E 103 -31.94 -19.19 23.16
CA LEU E 103 -33.15 -19.46 22.41
C LEU E 103 -32.87 -19.59 20.91
N ASN E 104 -31.83 -18.93 20.41
CA ASN E 104 -31.55 -18.96 18.98
C ASN E 104 -31.00 -20.30 18.49
N SER E 105 -30.73 -21.23 19.40
CA SER E 105 -30.11 -22.50 18.99
C SER E 105 -30.97 -23.17 17.93
N PRO E 106 -30.38 -23.66 16.83
CA PRO E 106 -31.19 -24.22 15.74
C PRO E 106 -31.99 -25.45 16.15
N TYR E 107 -31.61 -26.14 17.22
CA TYR E 107 -32.39 -27.27 17.69
C TYR E 107 -33.63 -26.80 18.44
N ILE E 108 -33.55 -25.62 19.04
CA ILE E 108 -34.71 -24.95 19.63
C ILE E 108 -35.40 -24.14 18.55
N LEU E 109 -36.71 -23.95 18.70
CA LEU E 109 -37.54 -23.23 17.73
C LEU E 109 -37.70 -24.00 16.41
N GLU E 110 -37.20 -25.22 16.33
CA GLU E 110 -37.17 -25.95 15.07
C GLU E 110 -37.51 -27.41 15.33
N GLY E 111 -37.90 -28.09 14.27
CA GLY E 111 -38.44 -29.43 14.37
C GLY E 111 -39.96 -29.42 14.41
N LYS E 112 -40.51 -30.59 14.69
CA LYS E 112 -41.97 -30.73 14.73
C LYS E 112 -42.58 -30.16 16.01
N ASP E 113 -41.80 -29.99 17.07
CA ASP E 113 -42.29 -29.48 18.34
C ASP E 113 -41.60 -28.16 18.65
N LYS E 114 -42.37 -27.09 18.74
CA LYS E 114 -41.83 -25.74 18.95
C LYS E 114 -42.72 -24.92 19.89
N THR E 115 -43.12 -25.51 21.02
CA THR E 115 -43.98 -24.77 21.94
C THR E 115 -43.33 -23.46 22.41
N LEU E 116 -42.01 -23.47 22.61
CA LEU E 116 -41.32 -22.24 23.01
C LEU E 116 -41.37 -21.20 21.89
N PHE E 117 -41.42 -21.66 20.63
CA PHE E 117 -41.56 -20.74 19.51
C PHE E 117 -42.83 -19.91 19.64
N ASP E 118 -43.96 -20.56 19.90
CA ASP E 118 -45.20 -19.83 20.11
C ASP E 118 -45.17 -19.02 21.41
N LEU E 119 -44.51 -19.55 22.45
CA LEU E 119 -44.41 -18.82 23.70
C LEU E 119 -43.65 -17.51 23.54
N LEU E 120 -42.82 -17.40 22.49
CA LEU E 120 -42.22 -16.11 22.12
C LEU E 120 -43.09 -15.32 21.14
N LYS E 121 -43.65 -16.01 20.14
CA LYS E 121 -44.43 -15.34 19.11
C LYS E 121 -45.61 -14.58 19.70
N GLN E 122 -46.17 -15.08 20.81
CA GLN E 122 -47.31 -14.44 21.45
C GLN E 122 -47.10 -12.95 21.68
N GLU E 123 -45.86 -12.52 21.97
CA GLU E 123 -45.55 -11.10 22.15
C GLU E 123 -44.72 -10.53 21.03
N LEU E 124 -43.94 -11.36 20.33
CA LEU E 124 -43.29 -10.88 19.12
C LEU E 124 -44.31 -10.31 18.13
N ALA E 125 -45.55 -10.80 18.17
CA ALA E 125 -46.58 -10.23 17.32
C ALA E 125 -46.80 -8.75 17.62
N HIS E 126 -46.75 -8.37 18.91
CA HIS E 126 -46.76 -6.95 19.24
C HIS E 126 -45.49 -6.27 18.77
N MET E 127 -44.35 -6.94 18.91
CA MET E 127 -43.09 -6.31 18.51
C MET E 127 -42.91 -6.22 17.00
N GLU E 128 -43.84 -6.78 16.21
CA GLU E 128 -43.59 -6.89 14.77
C GLU E 128 -43.56 -5.52 14.08
N GLU E 129 -44.49 -4.63 14.43
CA GLU E 129 -44.54 -3.30 13.84
C GLU E 129 -44.15 -2.24 14.85
N GLY E 130 -43.70 -1.10 14.35
CA GLY E 130 -43.34 0.01 15.18
C GLY E 130 -42.00 -0.18 15.88
N PRO E 131 -41.84 0.43 17.06
CA PRO E 131 -40.55 0.38 17.76
C PRO E 131 -40.34 -0.94 18.49
N VAL E 132 -39.23 -1.01 19.21
CA VAL E 132 -38.87 -2.18 20.00
C VAL E 132 -38.60 -1.72 21.43
N ASP E 133 -39.28 -2.32 22.39
CA ASP E 133 -39.10 -2.02 23.81
C ASP E 133 -38.16 -3.07 24.40
N ILE E 134 -36.96 -2.63 24.80
CA ILE E 134 -35.98 -3.56 25.34
C ILE E 134 -36.46 -4.14 26.67
N ARG E 135 -37.18 -3.35 27.48
CA ARG E 135 -37.66 -3.86 28.76
C ARG E 135 -38.68 -4.96 28.57
N LYS E 136 -39.53 -4.88 27.54
CA LYS E 136 -40.49 -5.96 27.29
C LYS E 136 -39.78 -7.24 26.86
N LEU E 137 -38.77 -7.12 26.01
CA LEU E 137 -38.00 -8.30 25.61
C LEU E 137 -37.25 -8.90 26.80
N ALA E 138 -36.61 -8.05 27.60
CA ALA E 138 -35.91 -8.55 28.79
C ALA E 138 -36.88 -9.20 29.76
N GLU E 139 -38.11 -8.70 29.86
CA GLU E 139 -39.13 -9.38 30.66
C GLU E 139 -39.42 -10.76 30.11
N THR E 140 -39.60 -10.87 28.79
CA THR E 140 -39.96 -12.16 28.22
C THR E 140 -38.79 -13.13 28.21
N LEU E 141 -37.55 -12.63 28.30
CA LEU E 141 -36.40 -13.50 28.51
C LEU E 141 -36.29 -13.94 29.96
N LEU E 142 -36.49 -13.02 30.91
CA LEU E 142 -36.52 -13.41 32.32
C LEU E 142 -37.61 -14.45 32.57
N LYS E 143 -38.68 -14.40 31.78
CA LYS E 143 -39.74 -15.38 31.89
C LYS E 143 -39.28 -16.77 31.49
N VAL E 144 -38.26 -16.88 30.65
CA VAL E 144 -37.85 -18.15 30.03
C VAL E 144 -36.52 -18.64 30.60
N ASP E 145 -35.52 -17.77 30.67
CA ASP E 145 -34.21 -18.19 31.17
C ASP E 145 -33.43 -16.96 31.61
N ALA E 146 -33.00 -16.96 32.88
CA ALA E 146 -32.30 -15.83 33.46
C ALA E 146 -30.84 -15.72 33.01
N ASN E 147 -30.33 -16.70 32.26
CA ASN E 147 -28.97 -16.63 31.74
C ASN E 147 -28.88 -15.70 30.53
N ALA E 148 -29.86 -15.79 29.63
CA ALA E 148 -29.89 -14.90 28.48
C ALA E 148 -29.83 -13.44 28.92
N VAL E 149 -30.54 -13.12 29.99
CA VAL E 149 -30.49 -11.76 30.54
C VAL E 149 -29.05 -11.35 30.81
N LEU E 150 -28.24 -12.31 31.24
CA LEU E 150 -26.86 -12.03 31.61
C LEU E 150 -25.91 -11.98 30.41
N HIS E 151 -26.21 -12.73 29.34
CA HIS E 151 -25.26 -12.84 28.23
C HIS E 151 -25.77 -12.38 26.86
N GLY E 152 -27.01 -11.94 26.75
CA GLY E 152 -27.50 -11.38 25.50
C GLY E 152 -27.92 -12.43 24.49
N VAL E 153 -28.80 -12.03 23.58
CA VAL E 153 -29.36 -12.93 22.56
C VAL E 153 -29.70 -12.14 21.31
N PHE E 154 -29.53 -12.79 20.16
CA PHE E 154 -29.97 -12.27 18.86
C PHE E 154 -30.95 -13.25 18.25
N LEU E 155 -32.19 -12.79 18.03
CA LEU E 155 -33.25 -13.64 17.50
C LEU E 155 -33.28 -13.47 15.98
N ALA E 156 -32.40 -14.22 15.31
CA ALA E 156 -32.20 -14.04 13.87
C ALA E 156 -33.39 -14.47 13.02
N LYS E 157 -34.30 -15.28 13.57
CA LYS E 157 -35.32 -15.91 12.75
C LYS E 157 -36.24 -14.87 12.11
N LYS E 158 -36.56 -15.09 10.82
CA LYS E 158 -37.38 -14.12 10.09
C LYS E 158 -38.79 -14.05 10.64
N GLU E 159 -39.39 -15.20 10.99
CA GLU E 159 -40.74 -15.18 11.54
C GLU E 159 -40.80 -14.49 12.89
N LEU E 160 -39.66 -14.36 13.58
CA LEU E 160 -39.63 -13.72 14.89
C LEU E 160 -39.41 -12.22 14.70
N ALA E 161 -40.44 -11.60 14.12
CA ALA E 161 -40.45 -10.16 13.84
C ALA E 161 -39.24 -9.75 12.99
N GLY E 162 -39.05 -10.46 11.88
CA GLY E 162 -38.01 -10.10 10.93
C GLY E 162 -36.61 -10.19 11.49
N GLY E 163 -36.46 -10.80 12.66
CA GLY E 163 -35.19 -10.81 13.36
C GLY E 163 -34.75 -9.44 13.84
N ARG E 164 -35.68 -8.59 14.26
CA ARG E 164 -35.36 -7.25 14.71
C ARG E 164 -34.74 -7.21 16.10
N LEU E 165 -34.94 -8.25 16.90
CA LEU E 165 -34.73 -8.16 18.35
C LEU E 165 -33.32 -8.61 18.72
N ARG E 166 -32.66 -7.81 19.55
CA ARG E 166 -31.30 -8.08 20.00
C ARG E 166 -31.13 -7.50 21.40
N LEU E 167 -30.12 -8.02 22.12
CA LEU E 167 -29.85 -7.54 23.47
C LEU E 167 -28.39 -7.76 23.81
N PRO E 168 -27.59 -6.71 23.98
CA PRO E 168 -26.18 -6.90 24.33
C PRO E 168 -25.99 -7.44 25.74
N ARG E 169 -24.90 -8.16 25.93
CA ARG E 169 -24.62 -8.78 27.22
C ARG E 169 -24.32 -7.72 28.27
N ALA E 170 -24.82 -7.94 29.48
CA ALA E 170 -24.58 -7.03 30.59
C ALA E 170 -23.28 -7.35 31.32
N LEU E 171 -22.96 -8.63 31.47
CA LEU E 171 -21.70 -9.06 32.07
C LEU E 171 -20.71 -9.44 30.96
N SER E 172 -19.49 -8.91 31.04
CA SER E 172 -18.44 -9.23 30.10
C SER E 172 -17.12 -9.35 30.86
N ALA E 173 -16.25 -10.23 30.38
CA ALA E 173 -14.97 -10.45 31.02
C ALA E 173 -13.98 -11.01 30.00
N PHE E 174 -12.69 -10.79 30.28
CA PHE E 174 -11.62 -11.30 29.43
C PHE E 174 -10.34 -11.34 30.25
N ILE E 175 -9.37 -12.13 29.76
CA ILE E 175 -8.03 -12.21 30.34
C ILE E 175 -7.02 -11.82 29.27
N GLU E 176 -6.04 -11.02 29.66
CA GLU E 176 -4.96 -10.63 28.75
C GLU E 176 -3.64 -10.59 29.52
N ALA E 177 -2.56 -10.91 28.81
CA ALA E 177 -1.20 -10.92 29.36
C ALA E 177 -0.44 -9.72 28.81
N GLU E 178 0.15 -8.94 29.72
CA GLU E 178 0.95 -7.78 29.34
C GLU E 178 2.43 -8.14 29.24
N ASP E 179 3.15 -7.41 28.39
CA ASP E 179 4.61 -7.51 28.30
C ASP E 179 5.05 -8.95 28.08
N VAL E 180 4.37 -9.65 27.18
CA VAL E 180 4.57 -11.08 27.03
C VAL E 180 5.88 -11.37 26.31
N ARG E 181 6.44 -12.55 26.58
CA ARG E 181 7.64 -13.06 25.92
C ARG E 181 7.35 -14.48 25.46
N VAL E 182 8.25 -15.01 24.61
CA VAL E 182 7.97 -16.22 23.85
C VAL E 182 9.00 -17.29 24.19
N ALA E 183 8.53 -18.54 24.25
CA ALA E 183 9.39 -19.71 24.44
C ALA E 183 8.86 -20.82 23.53
N SER E 184 9.67 -21.21 22.54
CA SER E 184 9.25 -22.17 21.52
C SER E 184 9.91 -23.52 21.76
N SER E 185 9.13 -24.60 21.59
CA SER E 185 9.62 -25.95 21.83
C SER E 185 8.76 -26.93 21.06
N GLY E 186 9.34 -27.57 20.04
CA GLY E 186 8.64 -28.57 19.25
C GLY E 186 8.80 -29.97 19.80
N GLY E 187 8.51 -30.95 18.95
CA GLY E 187 8.64 -32.34 19.34
C GLY E 187 8.59 -33.25 18.13
N VAL E 188 8.68 -34.56 18.39
CA VAL E 188 8.64 -35.57 17.35
C VAL E 188 7.98 -36.83 17.91
N LYS E 189 7.47 -37.67 17.02
CA LYS E 189 6.85 -38.92 17.41
C LYS E 189 7.89 -39.96 17.81
N ASN E 190 7.61 -40.67 18.91
CA ASN E 190 8.46 -41.78 19.34
C ASN E 190 8.13 -43.05 18.58
N ASP E 191 6.87 -43.43 18.55
CA ASP E 191 6.48 -44.72 17.99
C ASP E 191 6.67 -44.73 16.48
N HIS E 192 6.80 -45.94 15.93
CA HIS E 192 6.97 -46.16 14.49
C HIS E 192 8.31 -45.61 14.01
N VAL E 193 9.30 -45.53 14.90
CA VAL E 193 10.59 -44.97 14.53
C VAL E 193 11.34 -45.90 13.58
N ASN E 194 11.22 -47.22 13.78
CA ASN E 194 12.03 -48.15 13.00
C ASN E 194 11.47 -48.32 11.59
N PRO E 195 10.15 -48.49 11.40
CA PRO E 195 9.63 -48.61 10.04
C PRO E 195 9.72 -47.32 9.24
N SER E 196 9.28 -47.35 7.99
CA SER E 196 9.40 -46.20 7.11
C SER E 196 8.58 -45.02 7.64
N GLY E 197 9.06 -43.82 7.37
CA GLY E 197 8.40 -42.60 7.80
C GLY E 197 7.32 -42.14 6.86
N ASP E 198 6.40 -43.04 6.50
CA ASP E 198 5.33 -42.74 5.55
C ASP E 198 4.20 -42.05 6.30
N THR E 199 4.33 -40.74 6.45
CA THR E 199 3.33 -39.96 7.18
C THR E 199 1.96 -40.06 6.51
N SER E 200 1.93 -40.13 5.17
CA SER E 200 0.65 -40.12 4.47
C SER E 200 -0.16 -41.38 4.73
N ARG E 201 0.51 -42.50 5.05
CA ARG E 201 -0.20 -43.69 5.49
C ARG E 201 -0.65 -43.59 6.95
N GLY E 202 -0.15 -42.62 7.70
CA GLY E 202 -0.26 -42.63 9.15
C GLY E 202 0.86 -43.44 9.76
N PHE E 203 1.28 -44.50 9.06
CA PHE E 203 2.45 -45.30 9.42
C PHE E 203 3.70 -44.51 9.04
N GLY E 204 4.08 -43.57 9.91
CA GLY E 204 5.26 -42.78 9.65
C GLY E 204 5.73 -42.03 10.88
N ASN E 205 6.69 -41.13 10.64
CA ASN E 205 7.27 -40.28 11.67
C ASN E 205 6.93 -38.82 11.37
N VAL E 206 6.61 -38.06 12.42
CA VAL E 206 6.22 -36.66 12.24
C VAL E 206 6.85 -35.79 13.34
N PRO E 207 7.64 -34.77 12.97
CA PRO E 207 7.97 -33.73 13.93
C PRO E 207 6.98 -32.56 13.86
N PHE E 208 6.91 -31.81 14.96
CA PHE E 208 6.01 -30.66 15.03
C PHE E 208 6.67 -29.55 15.84
N ALA E 209 6.14 -28.34 15.66
CA ALA E 209 6.57 -27.16 16.39
C ALA E 209 5.44 -26.68 17.30
N ARG E 210 5.80 -26.25 18.51
CA ARG E 210 4.84 -25.80 19.51
C ARG E 210 5.44 -24.62 20.25
N ASP E 211 4.57 -23.70 20.69
CA ASP E 211 5.01 -22.42 21.23
C ASP E 211 4.13 -22.00 22.41
N GLU E 212 4.76 -21.45 23.44
CA GLU E 212 4.08 -21.06 24.67
C GLU E 212 4.75 -19.81 25.21
N TYR E 213 3.99 -19.01 25.97
CA TYR E 213 4.35 -17.64 26.28
C TYR E 213 4.67 -17.44 27.76
N VAL E 214 5.35 -16.32 28.03
CA VAL E 214 5.75 -15.91 29.36
C VAL E 214 5.26 -14.48 29.58
N SER E 215 4.87 -14.17 30.82
CA SER E 215 4.35 -12.84 31.13
C SER E 215 4.57 -12.51 32.61
N PRO E 216 4.96 -11.28 32.94
CA PRO E 216 5.06 -10.89 34.35
C PRO E 216 3.75 -10.43 34.97
N ARG E 217 2.72 -10.16 34.16
CA ARG E 217 1.43 -9.70 34.68
C ARG E 217 0.33 -10.26 33.79
N ILE E 218 -0.48 -11.15 34.32
CA ILE E 218 -1.73 -11.57 33.71
C ILE E 218 -2.87 -11.09 34.60
N LYS E 219 -3.92 -10.55 33.98
CA LYS E 219 -5.10 -10.12 34.72
C LYS E 219 -6.36 -10.54 34.00
N ALA E 220 -7.35 -10.99 34.78
CA ALA E 220 -8.71 -11.16 34.31
C ALA E 220 -9.51 -9.91 34.66
N TYR E 221 -10.26 -9.40 33.68
CA TYR E 221 -11.10 -8.22 33.86
C TYR E 221 -12.57 -8.62 33.80
N PHE E 222 -13.37 -8.08 34.72
CA PHE E 222 -14.80 -8.34 34.78
C PHE E 222 -15.55 -7.01 34.79
N ASN E 223 -16.57 -6.91 33.93
CA ASN E 223 -17.39 -5.71 33.82
C ASN E 223 -18.86 -6.11 33.86
N LEU E 224 -19.61 -5.52 34.79
CA LEU E 224 -21.06 -5.69 34.86
C LEU E 224 -21.72 -4.35 34.58
N ASP E 225 -22.60 -4.32 33.58
CA ASP E 225 -23.33 -3.11 33.19
C ASP E 225 -24.60 -3.01 34.02
N LEU E 226 -24.55 -2.25 35.12
CA LEU E 226 -25.73 -2.04 35.94
C LEU E 226 -26.75 -1.15 35.24
N ALA E 227 -26.27 -0.18 34.46
CA ALA E 227 -27.17 0.80 33.86
C ALA E 227 -28.22 0.14 32.98
N GLN E 228 -27.83 -0.83 32.16
CA GLN E 228 -28.77 -1.42 31.22
C GLN E 228 -29.84 -2.25 31.92
N ILE E 229 -29.42 -3.13 32.84
CA ILE E 229 -30.40 -3.94 33.57
C ILE E 229 -31.30 -3.05 34.40
N ARG E 230 -30.75 -1.99 35.00
CA ARG E 230 -31.57 -1.01 35.68
C ARG E 230 -32.57 -0.37 34.72
N ALA E 231 -32.14 -0.09 33.49
CA ALA E 231 -33.02 0.47 32.47
C ALA E 231 -34.03 -0.54 31.95
N PHE E 232 -33.92 -1.81 32.35
CA PHE E 232 -35.05 -2.71 32.15
C PHE E 232 -36.20 -2.39 33.10
N GLY E 233 -35.88 -1.94 34.32
CA GLY E 233 -36.89 -1.51 35.25
C GLY E 233 -37.85 -2.58 35.71
N LEU E 234 -37.42 -3.85 35.72
CA LEU E 234 -38.29 -4.94 36.12
C LEU E 234 -38.51 -5.00 37.63
N GLY E 235 -37.71 -4.28 38.42
CA GLY E 235 -37.90 -4.24 39.85
C GLY E 235 -36.58 -3.96 40.55
N GLU E 236 -36.63 -4.04 41.89
CA GLU E 236 -35.44 -3.98 42.72
C GLU E 236 -34.99 -5.35 43.19
N GLN E 237 -35.93 -6.20 43.59
CA GLN E 237 -35.59 -7.55 44.02
C GLN E 237 -34.96 -8.34 42.88
N VAL E 238 -35.48 -8.16 41.66
CA VAL E 238 -34.89 -8.82 40.50
C VAL E 238 -33.49 -8.28 40.22
N ASP E 239 -33.24 -7.00 40.53
CA ASP E 239 -31.88 -6.47 40.41
C ASP E 239 -30.95 -7.12 41.43
N ARG E 240 -31.43 -7.31 42.66
CA ARG E 240 -30.63 -8.03 43.64
C ARG E 240 -30.33 -9.43 43.15
N LEU E 241 -31.33 -10.10 42.57
CA LEU E 241 -31.11 -11.43 42.01
C LEU E 241 -30.02 -11.42 40.97
N LEU E 242 -30.09 -10.51 39.99
CA LEU E 242 -29.15 -10.55 38.89
C LEU E 242 -27.74 -10.18 39.34
N ILE E 243 -27.60 -9.25 40.28
CA ILE E 243 -26.26 -8.88 40.73
C ILE E 243 -25.66 -10.00 41.58
N ALA E 244 -26.49 -10.67 42.39
CA ALA E 244 -25.99 -11.83 43.13
C ALA E 244 -25.61 -12.95 42.19
N LEU E 245 -26.43 -13.22 41.18
CA LEU E 245 -26.12 -14.27 40.22
C LEU E 245 -24.81 -13.99 39.51
N ALA E 246 -24.58 -12.74 39.08
CA ALA E 246 -23.35 -12.40 38.39
C ALA E 246 -22.14 -12.55 39.31
N LEU E 247 -22.22 -12.00 40.53
CA LEU E 247 -21.06 -12.04 41.40
C LEU E 247 -20.77 -13.46 41.88
N TYR E 248 -21.82 -14.28 42.01
CA TYR E 248 -21.63 -15.70 42.27
C TYR E 248 -20.94 -16.38 41.10
N LYS E 249 -21.40 -16.11 39.88
CA LYS E 249 -20.75 -16.68 38.70
C LYS E 249 -19.26 -16.34 38.69
N VAL E 250 -18.92 -15.08 38.99
CA VAL E 250 -17.51 -14.68 39.02
C VAL E 250 -16.76 -15.52 40.04
N ARG E 251 -17.24 -15.56 41.28
CA ARG E 251 -16.49 -16.29 42.31
C ARG E 251 -16.46 -17.80 42.04
N ARG E 252 -17.51 -18.34 41.42
CA ARG E 252 -17.59 -19.76 41.12
C ARG E 252 -16.75 -20.15 39.91
N PHE E 253 -16.42 -19.18 39.05
CA PHE E 253 -15.44 -19.43 37.99
C PHE E 253 -14.02 -19.24 38.49
N LEU E 254 -13.81 -18.31 39.40
CA LEU E 254 -12.46 -17.95 39.85
C LEU E 254 -11.76 -19.11 40.54
N VAL E 255 -12.49 -20.14 40.94
CA VAL E 255 -11.91 -21.31 41.61
C VAL E 255 -12.08 -22.59 40.81
N HIS E 256 -12.67 -22.53 39.61
CA HIS E 256 -12.84 -23.69 38.75
C HIS E 256 -12.13 -23.55 37.42
N GLY E 257 -12.30 -22.41 36.74
CA GLY E 257 -11.68 -22.21 35.45
C GLY E 257 -10.23 -21.76 35.57
N LEU E 258 -9.61 -22.03 36.71
CA LEU E 258 -8.21 -21.69 36.90
C LEU E 258 -7.31 -22.40 35.90
N ARG E 259 -7.77 -23.48 35.30
CA ARG E 259 -7.09 -24.13 34.19
C ARG E 259 -8.02 -24.12 32.99
N LEU E 260 -7.51 -23.69 31.85
CA LEU E 260 -8.30 -23.53 30.63
C LEU E 260 -7.83 -24.40 29.49
N ARG E 261 -6.51 -24.60 29.36
CA ARG E 261 -5.92 -25.55 28.45
C ARG E 261 -5.03 -26.51 29.24
N THR E 262 -4.80 -27.70 28.67
CA THR E 262 -4.12 -28.75 29.43
C THR E 262 -2.75 -28.30 29.92
N ALA E 263 -2.13 -27.33 29.25
CA ALA E 263 -0.86 -26.78 29.69
C ALA E 263 -1.00 -25.44 30.39
N CYS E 264 -2.21 -24.88 30.47
CA CYS E 264 -2.45 -23.55 31.01
C CYS E 264 -3.17 -23.69 32.34
N ASP E 265 -2.41 -23.53 33.43
CA ASP E 265 -2.93 -23.72 34.79
C ASP E 265 -2.45 -22.56 35.65
N LEU E 266 -3.39 -21.87 36.30
CA LEU E 266 -3.09 -20.66 37.06
C LEU E 266 -3.83 -20.71 38.40
N ASP E 267 -3.48 -19.79 39.29
CA ASP E 267 -4.24 -19.55 40.51
C ASP E 267 -4.37 -18.06 40.75
N CYS E 268 -5.43 -17.68 41.45
CA CYS E 268 -5.67 -16.28 41.80
C CYS E 268 -4.76 -15.87 42.96
N GLN E 269 -4.03 -14.76 42.78
CA GLN E 269 -3.25 -14.20 43.87
C GLN E 269 -4.11 -13.28 44.73
N ALA E 270 -4.90 -12.42 44.09
CA ALA E 270 -5.82 -11.53 44.81
C ALA E 270 -6.90 -11.06 43.87
N LEU E 271 -7.99 -10.59 44.44
CA LEU E 271 -9.12 -10.02 43.70
C LEU E 271 -9.33 -8.58 44.15
N ARG E 272 -9.61 -7.70 43.21
CA ARG E 272 -9.76 -6.27 43.49
C ARG E 272 -10.92 -5.70 42.67
N VAL E 273 -11.47 -4.60 43.17
CA VAL E 273 -12.62 -3.94 42.56
C VAL E 273 -12.24 -2.50 42.24
N THR E 274 -12.80 -1.99 41.14
CA THR E 274 -12.40 -0.70 40.57
C THR E 274 -13.53 0.33 40.60
N ARG E 275 -14.73 -0.05 40.19
CA ARG E 275 -15.91 0.80 40.29
C ARG E 275 -16.99 0.02 41.01
N PRO E 276 -17.54 0.51 42.13
CA PRO E 276 -17.18 1.72 42.88
C PRO E 276 -15.90 1.54 43.68
N GLU E 277 -15.18 2.62 43.98
CA GLU E 277 -14.01 2.54 44.83
C GLU E 277 -14.43 2.44 46.29
N GLY E 278 -13.67 1.67 47.07
CA GLY E 278 -13.92 1.53 48.49
C GLY E 278 -14.99 0.56 48.87
N TRP E 279 -15.54 -0.19 47.92
CA TRP E 279 -16.51 -1.25 48.21
C TRP E 279 -15.78 -2.58 48.38
N GLU E 280 -16.34 -3.43 49.24
CA GLU E 280 -15.75 -4.74 49.53
C GLU E 280 -16.65 -5.84 48.98
N VAL E 281 -16.06 -6.73 48.21
CA VAL E 281 -16.82 -7.80 47.56
C VAL E 281 -17.21 -8.85 48.61
N PRO E 282 -18.43 -9.39 48.56
CA PRO E 282 -18.80 -10.45 49.51
C PRO E 282 -18.08 -11.76 49.22
N GLU E 283 -18.08 -12.63 50.22
CA GLU E 283 -17.47 -13.94 50.11
C GLU E 283 -18.41 -14.92 49.43
N LEU E 284 -17.84 -16.02 48.92
CA LEU E 284 -18.63 -17.00 48.19
C LEU E 284 -19.65 -17.68 49.10
N SER E 285 -19.28 -17.96 50.36
CA SER E 285 -20.24 -18.58 51.27
C SER E 285 -21.44 -17.69 51.53
N GLU E 286 -21.25 -16.37 51.49
CA GLU E 286 -22.36 -15.46 51.73
C GLU E 286 -23.34 -15.49 50.56
N LEU E 287 -22.82 -15.48 49.32
CA LEU E 287 -23.69 -15.61 48.16
C LEU E 287 -24.38 -16.97 48.16
N GLU E 288 -23.64 -18.02 48.52
CA GLU E 288 -24.22 -19.36 48.63
C GLU E 288 -25.42 -19.36 49.56
N ALA E 289 -25.34 -18.61 50.66
CA ALA E 289 -26.44 -18.61 51.61
C ALA E 289 -27.59 -17.72 51.14
N ALA E 290 -27.28 -16.54 50.61
CA ALA E 290 -28.33 -15.58 50.26
C ALA E 290 -29.13 -16.02 49.04
N LEU E 291 -28.48 -16.58 48.03
CA LEU E 291 -29.10 -16.65 46.70
C LEU E 291 -30.45 -17.38 46.66
N PRO E 292 -30.65 -18.51 47.34
CA PRO E 292 -31.96 -19.18 47.25
C PRO E 292 -33.13 -18.31 47.67
N GLY E 293 -32.95 -17.48 48.70
CA GLY E 293 -34.02 -16.61 49.13
C GLY E 293 -34.38 -15.57 48.11
N LEU E 294 -33.36 -15.00 47.44
CA LEU E 294 -33.63 -14.04 46.38
C LEU E 294 -34.34 -14.69 45.21
N ILE E 295 -33.96 -15.92 44.85
CA ILE E 295 -34.65 -16.62 43.77
C ILE E 295 -36.11 -16.83 44.14
N GLU E 296 -36.37 -17.29 45.37
CA GLU E 296 -37.75 -17.53 45.78
C GLU E 296 -38.54 -16.23 45.83
N ALA E 297 -37.93 -15.13 46.26
CA ALA E 297 -38.59 -13.83 46.23
C ALA E 297 -39.03 -13.48 44.81
N VAL E 298 -38.11 -13.57 43.84
CA VAL E 298 -38.46 -13.19 42.48
C VAL E 298 -39.51 -14.14 41.91
N ALA E 299 -39.45 -15.42 42.27
CA ALA E 299 -40.52 -16.35 41.86
C ALA E 299 -41.86 -15.94 42.45
N GLY E 300 -41.85 -15.47 43.70
CA GLY E 300 -43.07 -15.00 44.31
C GLY E 300 -43.62 -13.75 43.65
N GLU E 301 -42.74 -12.93 43.08
CA GLU E 301 -43.21 -11.79 42.29
C GLU E 301 -43.87 -12.21 40.98
N GLY E 302 -43.85 -13.51 40.65
CA GLY E 302 -44.50 -13.99 39.45
C GLY E 302 -43.74 -13.79 38.16
N ARG E 303 -42.46 -13.43 38.24
CA ARG E 303 -41.71 -13.13 37.02
C ARG E 303 -41.44 -14.40 36.21
N PHE E 304 -41.00 -15.46 36.86
CA PHE E 304 -40.68 -16.69 36.14
C PHE E 304 -41.94 -17.35 35.61
N ALA E 305 -41.81 -18.03 34.47
CA ALA E 305 -42.89 -18.86 33.97
C ALA E 305 -43.07 -20.09 34.87
N GLN E 306 -44.28 -20.64 34.84
CA GLN E 306 -44.61 -21.81 35.64
C GLN E 306 -45.10 -22.93 34.72
N PRO E 307 -44.44 -24.10 34.68
CA PRO E 307 -43.26 -24.51 35.47
C PRO E 307 -41.99 -23.79 35.03
N ALA E 308 -41.01 -23.67 35.93
CA ALA E 308 -39.77 -22.99 35.59
C ALA E 308 -39.01 -23.73 34.49
N VAL E 309 -39.00 -25.05 34.54
CA VAL E 309 -38.30 -25.88 33.56
C VAL E 309 -39.23 -26.14 32.38
N THR E 310 -38.71 -25.95 31.17
CA THR E 310 -39.43 -26.22 29.93
C THR E 310 -38.82 -27.43 29.24
N ILE E 311 -39.68 -28.25 28.63
CA ILE E 311 -39.25 -29.42 27.87
C ILE E 311 -39.61 -29.20 26.41
N VAL E 312 -38.67 -29.47 25.51
CA VAL E 312 -38.89 -29.42 24.07
C VAL E 312 -38.18 -30.59 23.44
N THR E 313 -38.80 -31.16 22.40
CA THR E 313 -38.26 -32.32 21.69
C THR E 313 -37.73 -31.88 20.33
N TYR E 314 -36.54 -32.39 19.97
CA TYR E 314 -35.86 -31.98 18.75
C TYR E 314 -35.64 -33.19 17.86
N GLU E 315 -35.99 -33.04 16.58
CA GLU E 315 -35.73 -34.03 15.56
C GLU E 315 -35.32 -33.33 14.27
N LYS E 316 -34.54 -34.03 13.45
CA LYS E 316 -34.12 -33.50 12.16
C LYS E 316 -33.59 -34.60 11.25
N MET F 1 -2.56 -49.07 55.37
CA MET F 1 -2.07 -47.67 55.18
C MET F 1 -3.12 -46.83 54.45
N LYS F 2 -3.53 -45.72 55.07
CA LYS F 2 -4.54 -44.84 54.52
C LYS F 2 -3.87 -43.62 53.89
N LEU F 3 -4.19 -43.33 52.64
CA LEU F 3 -3.74 -42.10 52.00
C LEU F 3 -4.87 -41.33 51.31
N GLU F 4 -5.84 -42.03 50.73
CA GLU F 4 -6.90 -41.34 50.00
C GLU F 4 -7.67 -40.35 50.87
N PRO F 5 -7.98 -40.63 52.13
CA PRO F 5 -8.69 -39.63 52.95
C PRO F 5 -8.01 -38.27 52.98
N LEU F 6 -6.68 -38.24 53.04
CA LEU F 6 -5.95 -36.97 53.06
C LEU F 6 -5.97 -36.28 51.70
N LEU F 7 -6.50 -36.94 50.67
CA LEU F 7 -6.52 -36.39 49.31
C LEU F 7 -7.90 -36.58 48.67
N SER F 8 -8.96 -36.57 49.49
CA SER F 8 -10.30 -36.85 49.02
C SER F 8 -11.08 -35.59 48.62
N ASP F 9 -10.61 -34.41 49.03
CA ASP F 9 -11.26 -33.16 48.70
C ASP F 9 -10.34 -32.13 48.08
N VAL F 10 -9.03 -32.23 48.28
CA VAL F 10 -8.08 -31.27 47.71
C VAL F 10 -8.17 -31.32 46.20
N PRO F 11 -8.09 -30.18 45.49
CA PRO F 11 -8.28 -30.22 44.03
C PRO F 11 -7.09 -30.74 43.24
N ARG F 12 -5.87 -30.43 43.70
CA ARG F 12 -4.68 -30.86 42.97
C ARG F 12 -3.53 -31.07 43.94
N LEU F 13 -2.61 -31.94 43.53
CA LEU F 13 -1.41 -32.26 44.29
C LEU F 13 -0.19 -31.71 43.54
N LEU F 14 0.61 -30.90 44.22
CA LEU F 14 1.79 -30.28 43.64
C LEU F 14 3.04 -30.77 44.36
N MET F 15 4.01 -31.29 43.59
CA MET F 15 5.27 -31.78 44.11
C MET F 15 6.43 -31.14 43.34
N GLU F 16 7.49 -30.79 44.07
CA GLU F 16 8.63 -30.08 43.50
C GLU F 16 9.91 -30.75 43.98
N ALA F 17 10.76 -31.15 43.03
CA ALA F 17 12.00 -31.86 43.31
C ALA F 17 13.20 -31.02 42.91
N ASP F 18 14.18 -30.91 43.82
CA ASP F 18 15.39 -30.12 43.60
C ASP F 18 16.50 -31.03 43.08
N LEU F 19 16.87 -30.88 41.80
CA LEU F 19 17.90 -31.68 41.17
C LEU F 19 19.25 -30.99 41.19
N VAL F 20 20.30 -31.80 41.04
CA VAL F 20 21.68 -31.30 40.90
C VAL F 20 22.45 -32.29 40.04
N PRO F 21 23.43 -31.85 39.24
CA PRO F 21 24.24 -32.81 38.48
C PRO F 21 25.04 -33.72 39.40
N VAL F 22 25.20 -34.98 38.99
CA VAL F 22 25.92 -35.94 39.82
C VAL F 22 27.42 -35.60 39.84
N GLN F 23 28.00 -35.36 38.67
CA GLN F 23 29.41 -35.03 38.54
C GLN F 23 29.56 -33.77 37.70
N GLY F 24 30.63 -33.03 37.96
CA GLY F 24 30.89 -31.83 37.19
C GLY F 24 29.93 -30.70 37.55
N THR F 25 29.76 -29.78 36.59
CA THR F 25 28.90 -28.63 36.81
C THR F 25 28.11 -28.26 35.56
N ARG F 26 27.92 -29.18 34.61
CA ARG F 26 27.26 -28.88 33.35
C ARG F 26 26.30 -30.01 32.99
N PHE F 27 25.38 -29.72 32.07
CA PHE F 27 24.39 -30.70 31.63
C PHE F 27 23.96 -30.38 30.21
N GLN F 28 23.28 -31.34 29.58
CA GLN F 28 22.85 -31.25 28.19
C GLN F 28 21.33 -31.17 28.11
N PRO F 29 20.74 -30.10 27.59
CA PRO F 29 19.29 -30.07 27.39
C PRO F 29 18.88 -30.75 26.09
N THR F 30 17.58 -31.01 25.98
CA THR F 30 17.05 -31.73 24.82
C THR F 30 17.20 -30.90 23.54
N GLY F 31 17.51 -31.59 22.45
CA GLY F 31 17.74 -30.98 21.15
C GLY F 31 16.51 -30.85 20.28
N PHE F 32 15.65 -29.87 20.56
CA PHE F 32 14.41 -29.74 19.80
C PHE F 32 14.73 -29.60 18.31
N PRO F 33 13.89 -30.18 17.44
CA PRO F 33 14.29 -30.32 16.02
C PRO F 33 14.56 -29.02 15.30
N ASP F 34 13.94 -27.91 15.73
CA ASP F 34 14.14 -26.62 15.05
C ASP F 34 15.19 -25.76 15.74
N LEU F 35 15.05 -25.54 17.05
CA LEU F 35 15.86 -24.57 17.76
C LEU F 35 17.00 -25.20 18.57
N GLY F 36 16.91 -26.49 18.88
CA GLY F 36 17.86 -27.09 19.81
C GLY F 36 17.53 -26.72 21.24
N ALA F 37 18.45 -26.05 21.93
CA ALA F 37 18.24 -25.65 23.31
C ALA F 37 17.21 -24.53 23.38
N ALA F 38 16.02 -24.83 23.89
CA ALA F 38 14.93 -23.87 23.95
C ALA F 38 15.08 -23.00 25.20
N HIS F 39 15.99 -22.03 25.10
CA HIS F 39 16.14 -21.03 26.15
C HIS F 39 15.14 -19.90 25.95
N TYR F 40 14.84 -19.20 27.05
CA TYR F 40 13.89 -18.10 27.00
C TYR F 40 14.18 -17.13 28.14
N GLU F 41 13.53 -15.97 28.06
CA GLU F 41 13.67 -14.92 29.07
C GLU F 41 12.56 -15.06 30.11
N GLY F 42 12.94 -15.07 31.38
CA GLY F 42 11.99 -15.24 32.46
C GLY F 42 11.25 -13.95 32.79
N PRO F 43 10.11 -14.06 33.48
CA PRO F 43 9.36 -12.85 33.85
C PRO F 43 10.18 -11.86 34.65
N ASP F 44 11.02 -12.35 35.56
CA ASP F 44 11.84 -11.50 36.41
C ASP F 44 13.07 -10.95 35.70
N GLY F 45 13.13 -11.05 34.39
CA GLY F 45 14.28 -10.57 33.65
C GLY F 45 15.55 -11.38 33.88
N ARG F 46 15.45 -12.69 33.90
CA ARG F 46 16.60 -13.57 34.05
C ARG F 46 16.48 -14.74 33.08
N PRO F 47 17.60 -15.22 32.54
CA PRO F 47 17.53 -16.29 31.54
C PRO F 47 17.10 -17.62 32.16
N MET F 48 16.29 -18.37 31.40
CA MET F 48 15.79 -19.66 31.84
C MET F 48 15.78 -20.63 30.67
N LEU F 49 15.71 -21.92 31.00
CA LEU F 49 15.80 -22.99 30.00
C LEU F 49 14.83 -24.11 30.33
N LEU F 50 14.08 -24.56 29.32
CA LEU F 50 13.27 -25.77 29.41
C LEU F 50 14.19 -26.96 29.24
N VAL F 51 14.53 -27.63 30.35
CA VAL F 51 15.55 -28.67 30.31
C VAL F 51 15.11 -29.82 29.43
N GLU F 52 13.88 -30.30 29.61
CA GLU F 52 13.23 -31.09 28.59
C GLU F 52 11.71 -30.98 28.77
N SER F 53 11.00 -31.31 27.71
CA SER F 53 9.57 -31.02 27.63
C SER F 53 8.77 -31.88 28.59
N ALA F 54 7.52 -31.46 28.83
CA ALA F 54 6.59 -32.20 29.67
C ALA F 54 6.13 -33.50 29.02
N GLN F 55 6.62 -33.83 27.82
CA GLN F 55 6.32 -35.09 27.16
C GLN F 55 7.38 -36.15 27.47
N SER F 56 8.66 -35.78 27.36
CA SER F 56 9.73 -36.73 27.66
C SER F 56 9.62 -37.23 29.09
N MET F 57 9.30 -36.31 30.02
CA MET F 57 9.05 -36.71 31.40
C MET F 57 7.98 -37.79 31.48
N ALA F 58 6.91 -37.65 30.69
CA ALA F 58 5.83 -38.62 30.74
C ALA F 58 6.27 -39.96 30.16
N ASN F 59 7.00 -39.95 29.05
CA ASN F 59 7.44 -41.22 28.48
C ASN F 59 8.40 -41.94 29.42
N ARG F 60 9.25 -41.21 30.14
CA ARG F 60 10.12 -41.86 31.11
C ARG F 60 9.32 -42.43 32.29
N LEU F 61 8.40 -41.62 32.84
CA LEU F 61 7.52 -42.09 33.90
C LEU F 61 6.66 -43.27 33.45
N GLU F 62 6.51 -43.46 32.13
CA GLU F 62 5.76 -44.60 31.62
C GLU F 62 6.64 -45.82 31.39
N THR F 63 7.91 -45.61 31.01
CA THR F 63 8.82 -46.74 30.84
C THR F 63 9.19 -47.36 32.18
N VAL F 64 9.32 -46.56 33.24
CA VAL F 64 9.79 -47.10 34.51
C VAL F 64 8.81 -48.11 35.12
N CYS F 65 7.64 -48.30 34.49
CA CYS F 65 6.69 -49.31 34.94
C CYS F 65 6.69 -50.58 34.10
N TRP F 66 7.31 -50.58 32.93
CA TRP F 66 7.30 -51.72 32.03
C TRP F 66 8.63 -52.47 32.11
N ASP F 67 8.59 -53.73 31.68
CA ASP F 67 9.77 -54.59 31.65
C ASP F 67 9.80 -55.30 30.30
N LYS F 68 10.67 -54.84 29.41
CA LYS F 68 10.79 -55.45 28.09
C LYS F 68 11.43 -56.82 28.14
N ASP F 69 12.03 -57.21 29.27
CA ASP F 69 12.61 -58.55 29.39
C ASP F 69 11.54 -59.62 29.43
N ALA F 70 10.28 -59.25 29.72
CA ALA F 70 9.17 -60.20 29.70
C ALA F 70 7.95 -59.67 28.95
N ASP F 71 7.98 -58.43 28.49
CA ASP F 71 6.81 -57.80 27.87
C ASP F 71 5.61 -57.89 28.81
N ASP F 72 5.83 -57.48 30.06
CA ASP F 72 4.80 -57.47 31.08
C ASP F 72 5.17 -56.40 32.10
N TRP F 73 4.18 -56.01 32.90
CA TRP F 73 4.42 -55.03 33.95
C TRP F 73 5.47 -55.53 34.93
N VAL F 74 6.09 -54.60 35.65
CA VAL F 74 6.92 -54.99 36.78
C VAL F 74 6.04 -55.73 37.77
N VAL F 75 6.66 -56.61 38.55
CA VAL F 75 5.89 -57.52 39.41
C VAL F 75 4.90 -56.75 40.29
N PRO F 76 5.27 -55.66 40.96
CA PRO F 76 4.28 -54.95 41.80
C PRO F 76 3.03 -54.54 41.05
N LEU F 77 3.14 -54.17 39.77
CA LEU F 77 2.00 -53.72 38.99
C LEU F 77 1.39 -54.81 38.12
N ARG F 78 1.87 -56.05 38.23
CA ARG F 78 1.43 -57.10 37.32
C ARG F 78 -0.06 -57.36 37.48
N GLY F 79 -0.75 -57.52 36.35
CA GLY F 79 -2.18 -57.71 36.31
C GLY F 79 -2.95 -56.54 35.75
N LEU F 80 -2.34 -55.37 35.61
CA LEU F 80 -3.03 -54.23 35.04
C LEU F 80 -3.36 -54.49 33.56
N PRO F 81 -4.58 -54.16 33.12
CA PRO F 81 -4.93 -54.42 31.71
C PRO F 81 -4.01 -53.68 30.74
N VAL F 82 -3.76 -54.33 29.61
CA VAL F 82 -2.92 -53.75 28.55
C VAL F 82 -3.16 -54.55 27.28
N VAL F 83 -3.19 -53.85 26.14
CA VAL F 83 -3.21 -54.50 24.83
C VAL F 83 -1.80 -54.66 24.33
N LYS F 84 -1.50 -55.84 23.79
CA LYS F 84 -0.16 -56.18 23.30
C LYS F 84 -0.27 -56.66 21.85
N VAL F 85 0.67 -56.21 21.01
CA VAL F 85 0.62 -56.42 19.58
C VAL F 85 1.70 -57.43 19.19
N LEU F 86 1.31 -58.46 18.44
CA LEU F 86 2.20 -59.48 17.93
C LEU F 86 2.25 -59.42 16.41
N ASP F 87 3.37 -59.87 15.84
CA ASP F 87 3.51 -59.94 14.39
C ASP F 87 2.95 -61.28 13.89
N LYS F 88 3.03 -61.48 12.57
CA LYS F 88 2.49 -62.71 11.98
C LYS F 88 3.20 -63.93 12.51
N ALA F 89 4.48 -63.82 12.85
CA ALA F 89 5.26 -64.93 13.38
C ALA F 89 5.12 -65.08 14.88
N GLY F 90 4.28 -64.26 15.53
CA GLY F 90 4.06 -64.36 16.95
C GLY F 90 5.08 -63.64 17.81
N LYS F 91 6.03 -62.92 17.22
CA LYS F 91 6.97 -62.17 18.04
C LYS F 91 6.39 -60.81 18.39
N PRO F 92 6.60 -60.32 19.61
CA PRO F 92 5.92 -59.09 20.05
C PRO F 92 6.53 -57.85 19.42
N LEU F 93 5.74 -57.14 18.61
CA LEU F 93 6.20 -55.87 18.05
C LEU F 93 6.20 -54.78 19.10
N THR F 94 5.05 -54.51 19.70
CA THR F 94 4.88 -53.35 20.57
C THR F 94 3.70 -53.58 21.50
N ASN F 95 3.56 -52.70 22.48
CA ASN F 95 2.44 -52.73 23.41
C ASN F 95 2.04 -51.29 23.69
N SER F 96 0.80 -51.12 24.15
CA SER F 96 0.22 -49.79 24.31
C SER F 96 0.91 -48.96 25.39
N VAL F 97 1.76 -49.57 26.21
CA VAL F 97 2.51 -48.78 27.19
C VAL F 97 3.74 -48.12 26.53
N LEU F 98 4.27 -48.73 25.48
CA LEU F 98 5.43 -48.16 24.78
C LEU F 98 5.03 -47.27 23.62
N GLU F 99 3.86 -47.50 23.04
CA GLU F 99 3.37 -46.65 21.97
C GLU F 99 3.21 -45.21 22.45
N ALA F 100 3.15 -44.28 21.48
CA ALA F 100 3.07 -42.86 21.83
C ALA F 100 1.63 -42.45 22.15
N HIS F 101 0.76 -42.48 21.15
CA HIS F 101 -0.64 -42.08 21.33
C HIS F 101 -1.55 -43.27 21.59
N ARG F 102 -1.18 -44.09 22.58
CA ARG F 102 -2.05 -45.10 23.17
C ARG F 102 -2.78 -45.94 22.12
N LEU F 103 -4.04 -46.27 22.38
CA LEU F 103 -4.88 -47.04 21.46
C LEU F 103 -5.00 -46.39 20.08
N ASN F 104 -4.59 -45.14 19.91
CA ASN F 104 -4.65 -44.51 18.60
C ASN F 104 -3.47 -44.89 17.71
N SER F 105 -2.55 -45.71 18.21
CA SER F 105 -1.44 -46.22 17.42
C SER F 105 -1.92 -46.75 16.08
N PRO F 106 -1.12 -46.67 15.02
CA PRO F 106 -1.53 -47.30 13.76
C PRO F 106 -1.44 -48.81 13.78
N TYR F 107 -0.61 -49.40 14.64
CA TYR F 107 -0.64 -50.84 14.82
C TYR F 107 -1.93 -51.28 15.51
N ILE F 108 -2.28 -50.60 16.59
CA ILE F 108 -3.49 -50.91 17.34
C ILE F 108 -4.68 -50.26 16.64
N LEU F 109 -5.81 -50.97 16.63
CA LEU F 109 -7.07 -50.39 16.16
C LEU F 109 -7.09 -50.25 14.64
N GLU F 110 -5.97 -50.54 13.98
CA GLU F 110 -5.89 -50.54 12.52
C GLU F 110 -5.01 -51.71 12.09
N GLY F 111 -5.47 -52.43 11.08
CA GLY F 111 -4.77 -53.62 10.63
C GLY F 111 -5.72 -54.56 9.92
N LYS F 112 -5.20 -55.76 9.62
CA LYS F 112 -5.96 -56.73 8.85
C LYS F 112 -7.20 -57.19 9.61
N ASP F 113 -7.03 -57.57 10.88
CA ASP F 113 -8.13 -57.98 11.74
C ASP F 113 -8.06 -57.20 13.04
N LYS F 114 -9.22 -56.82 13.57
CA LYS F 114 -9.30 -55.82 14.64
C LYS F 114 -10.36 -56.23 15.65
N THR F 115 -9.93 -56.93 16.71
CA THR F 115 -10.85 -57.27 17.80
C THR F 115 -11.13 -56.06 18.68
N LEU F 116 -10.08 -55.31 19.04
CA LEU F 116 -10.26 -54.16 19.93
C LEU F 116 -11.07 -53.06 19.28
N PHE F 117 -11.06 -53.01 17.94
CA PHE F 117 -11.92 -52.07 17.21
C PHE F 117 -13.39 -52.33 17.52
N ASP F 118 -13.83 -53.58 17.36
CA ASP F 118 -15.22 -53.90 17.62
C ASP F 118 -15.57 -53.74 19.09
N LEU F 119 -14.60 -53.94 19.98
CA LEU F 119 -14.84 -53.68 21.40
C LEU F 119 -15.08 -52.21 21.65
N LEU F 120 -14.23 -51.34 21.11
CA LEU F 120 -14.40 -49.90 21.34
C LEU F 120 -15.71 -49.41 20.72
N LYS F 121 -16.05 -49.90 19.52
CA LYS F 121 -17.33 -49.53 18.93
C LYS F 121 -18.51 -49.99 19.79
N GLN F 122 -18.46 -51.22 20.30
CA GLN F 122 -19.56 -51.71 21.10
C GLN F 122 -19.67 -50.93 22.42
N GLU F 123 -18.53 -50.56 23.01
CA GLU F 123 -18.54 -49.80 24.25
C GLU F 123 -19.11 -48.40 24.04
N LEU F 124 -18.60 -47.68 23.04
CA LEU F 124 -18.90 -46.25 22.89
C LEU F 124 -20.02 -45.95 21.92
N ALA F 125 -20.69 -46.98 21.37
CA ALA F 125 -21.74 -46.74 20.39
C ALA F 125 -22.78 -45.73 20.90
N HIS F 126 -23.21 -45.88 22.16
CA HIS F 126 -24.26 -45.02 22.68
C HIS F 126 -23.88 -43.55 22.64
N MET F 127 -22.60 -43.23 22.70
CA MET F 127 -22.14 -41.84 22.70
C MET F 127 -21.48 -41.45 21.38
N GLU F 128 -21.51 -42.32 20.37
CA GLU F 128 -20.83 -42.01 19.12
C GLU F 128 -21.44 -40.78 18.45
N GLU F 129 -22.72 -40.53 18.67
CA GLU F 129 -23.41 -39.36 18.12
C GLU F 129 -24.03 -38.57 19.26
N GLY F 130 -23.77 -37.27 19.28
CA GLY F 130 -24.36 -36.39 20.26
C GLY F 130 -23.47 -36.16 21.46
N PRO F 131 -24.07 -35.88 22.62
CA PRO F 131 -23.26 -35.62 23.82
C PRO F 131 -22.36 -36.79 24.18
N VAL F 132 -21.20 -36.47 24.73
CA VAL F 132 -20.21 -37.45 25.14
C VAL F 132 -20.02 -37.36 26.64
N ASP F 133 -19.89 -38.50 27.29
CA ASP F 133 -19.76 -38.59 28.75
C ASP F 133 -18.37 -39.08 29.09
N ILE F 134 -17.58 -38.23 29.76
CA ILE F 134 -16.20 -38.60 30.07
C ILE F 134 -16.14 -39.71 31.11
N ARG F 135 -17.23 -39.94 31.85
CA ARG F 135 -17.26 -41.08 32.76
C ARG F 135 -17.46 -42.39 32.01
N LYS F 136 -18.38 -42.42 31.06
CA LYS F 136 -18.58 -43.62 30.27
C LYS F 136 -17.38 -43.90 29.38
N LEU F 137 -16.66 -42.85 28.97
CA LEU F 137 -15.43 -43.05 28.22
C LEU F 137 -14.31 -43.51 29.13
N ALA F 138 -14.18 -42.90 30.31
CA ALA F 138 -13.08 -43.27 31.20
C ALA F 138 -13.24 -44.70 31.70
N GLU F 139 -14.48 -45.15 31.95
CA GLU F 139 -14.66 -46.55 32.33
C GLU F 139 -14.35 -47.47 31.15
N THR F 140 -14.79 -47.12 29.94
CA THR F 140 -14.46 -47.97 28.80
C THR F 140 -12.95 -48.06 28.59
N LEU F 141 -12.24 -46.94 28.76
CA LEU F 141 -10.79 -46.93 28.62
C LEU F 141 -10.12 -47.74 29.73
N LEU F 142 -10.54 -47.53 30.98
CA LEU F 142 -9.96 -48.29 32.09
C LEU F 142 -10.19 -49.78 31.91
N LYS F 143 -11.22 -50.16 31.17
CA LYS F 143 -11.41 -51.57 30.85
C LYS F 143 -10.20 -52.16 30.15
N VAL F 144 -9.56 -51.39 29.27
CA VAL F 144 -8.52 -51.91 28.39
C VAL F 144 -7.18 -51.22 28.55
N ASP F 145 -7.08 -50.14 29.33
CA ASP F 145 -5.80 -49.45 29.52
C ASP F 145 -5.80 -48.83 30.91
N ALA F 146 -4.82 -49.22 31.72
CA ALA F 146 -4.78 -48.82 33.13
C ALA F 146 -4.04 -47.52 33.39
N ASN F 147 -3.21 -47.05 32.45
CA ASN F 147 -2.41 -45.85 32.67
C ASN F 147 -2.71 -44.70 31.73
N ALA F 148 -3.41 -44.94 30.61
CA ALA F 148 -3.82 -43.84 29.76
C ALA F 148 -4.75 -42.89 30.51
N VAL F 149 -5.47 -43.40 31.52
CA VAL F 149 -6.26 -42.55 32.39
C VAL F 149 -5.41 -41.47 33.07
N LEU F 150 -4.09 -41.63 33.07
CA LEU F 150 -3.20 -40.61 33.61
C LEU F 150 -2.55 -39.74 32.53
N HIS F 151 -2.67 -40.10 31.26
CA HIS F 151 -1.95 -39.40 30.20
C HIS F 151 -2.79 -38.98 29.01
N GLY F 152 -4.03 -39.48 28.86
CA GLY F 152 -4.92 -39.01 27.84
C GLY F 152 -4.78 -39.74 26.51
N VAL F 153 -5.71 -39.44 25.61
CA VAL F 153 -5.74 -40.06 24.28
C VAL F 153 -6.64 -39.23 23.38
N PHE F 154 -6.44 -39.35 22.07
CA PHE F 154 -7.27 -38.71 21.05
C PHE F 154 -7.69 -39.78 20.04
N LEU F 155 -8.99 -40.08 20.00
CA LEU F 155 -9.52 -41.10 19.10
C LEU F 155 -9.75 -40.50 17.71
N ALA F 156 -8.65 -40.05 17.10
CA ALA F 156 -8.74 -39.28 15.86
C ALA F 156 -9.47 -40.03 14.76
N LYS F 157 -9.45 -41.37 14.79
CA LYS F 157 -9.98 -42.16 13.70
C LYS F 157 -11.43 -41.77 13.40
N LYS F 158 -11.71 -41.49 12.13
CA LYS F 158 -12.98 -40.88 11.75
C LYS F 158 -14.16 -41.78 12.09
N GLU F 159 -14.02 -43.09 11.87
CA GLU F 159 -15.13 -44.00 12.12
C GLU F 159 -15.50 -44.09 13.59
N LEU F 160 -14.67 -43.60 14.50
CA LEU F 160 -14.98 -43.57 15.93
C LEU F 160 -15.45 -42.15 16.29
N ALA F 161 -16.70 -41.87 15.94
CA ALA F 161 -17.34 -40.59 16.28
C ALA F 161 -16.58 -39.40 15.72
N GLY F 162 -15.95 -39.57 14.56
CA GLY F 162 -15.28 -38.47 13.90
C GLY F 162 -14.12 -37.88 14.67
N GLY F 163 -13.64 -38.59 15.69
CA GLY F 163 -12.68 -38.02 16.60
C GLY F 163 -13.26 -37.09 17.64
N ARG F 164 -14.57 -37.16 17.88
CA ARG F 164 -15.18 -36.40 18.95
C ARG F 164 -14.65 -36.85 20.32
N LEU F 165 -14.36 -38.13 20.47
CA LEU F 165 -13.92 -38.68 21.74
C LEU F 165 -12.49 -38.23 22.04
N ARG F 166 -12.30 -37.56 23.18
CA ARG F 166 -11.00 -37.04 23.56
C ARG F 166 -10.90 -37.02 25.09
N LEU F 167 -9.66 -37.03 25.58
CA LEU F 167 -9.41 -37.10 27.01
C LEU F 167 -8.03 -36.53 27.34
N PRO F 168 -7.93 -35.51 28.19
CA PRO F 168 -6.64 -34.86 28.45
C PRO F 168 -5.82 -35.59 29.51
N ARG F 169 -4.64 -35.03 29.78
CA ARG F 169 -3.76 -35.56 30.83
C ARG F 169 -4.40 -35.40 32.20
N ALA F 170 -3.98 -36.26 33.12
CA ALA F 170 -4.24 -36.09 34.55
C ALA F 170 -2.96 -35.92 35.35
N LEU F 171 -1.87 -36.53 34.92
CA LEU F 171 -0.55 -36.34 35.50
C LEU F 171 0.34 -35.60 34.50
N SER F 172 1.08 -34.60 34.97
CA SER F 172 2.02 -33.89 34.12
C SER F 172 3.21 -33.43 34.95
N ALA F 173 4.37 -33.34 34.30
CA ALA F 173 5.60 -32.93 34.96
C ALA F 173 6.58 -32.43 33.92
N PHE F 174 7.58 -31.68 34.38
CA PHE F 174 8.65 -31.19 33.51
C PHE F 174 9.80 -30.69 34.40
N ILE F 175 10.94 -30.44 33.76
CA ILE F 175 12.13 -29.92 34.43
C ILE F 175 12.45 -28.54 33.86
N GLU F 176 12.72 -27.59 34.75
CA GLU F 176 13.01 -26.21 34.37
C GLU F 176 14.27 -25.74 35.08
N ALA F 177 15.05 -24.90 34.40
CA ALA F 177 16.30 -24.37 34.93
C ALA F 177 16.22 -22.85 35.05
N GLU F 178 16.66 -22.32 36.19
CA GLU F 178 16.77 -20.89 36.42
C GLU F 178 18.15 -20.37 36.02
N ASP F 179 18.20 -19.08 35.69
CA ASP F 179 19.44 -18.31 35.62
C ASP F 179 20.54 -19.10 34.91
N VAL F 180 20.23 -19.50 33.68
CA VAL F 180 21.09 -20.43 32.95
C VAL F 180 22.25 -19.68 32.30
N ARG F 181 23.46 -20.13 32.57
CA ARG F 181 24.65 -19.71 31.84
C ARG F 181 24.90 -20.68 30.68
N VAL F 182 25.82 -20.29 29.79
CA VAL F 182 26.21 -21.16 28.67
C VAL F 182 27.70 -21.45 28.74
N ALA F 183 28.05 -22.67 28.33
CA ALA F 183 29.41 -23.05 27.95
C ALA F 183 29.38 -23.61 26.54
N SER F 184 30.45 -23.36 25.78
CA SER F 184 30.55 -23.77 24.39
C SER F 184 31.72 -24.72 24.18
N SER F 185 31.53 -25.70 23.30
CA SER F 185 32.53 -26.72 23.05
C SER F 185 32.38 -27.23 21.61
N GLY F 186 33.33 -28.06 21.19
CA GLY F 186 33.28 -28.63 19.87
C GLY F 186 34.30 -29.74 19.70
N GLY F 187 34.66 -30.00 18.44
CA GLY F 187 35.73 -30.93 18.14
C GLY F 187 35.86 -31.15 16.65
N VAL F 188 36.78 -32.06 16.31
CA VAL F 188 37.01 -32.47 14.93
C VAL F 188 37.23 -33.97 14.89
N LYS F 189 36.63 -34.62 13.89
CA LYS F 189 36.82 -36.06 13.66
C LYS F 189 38.11 -36.24 12.86
N ASN F 190 39.23 -36.24 13.59
CA ASN F 190 40.54 -36.15 12.95
C ASN F 190 41.04 -37.49 12.44
N ASP F 191 40.24 -38.17 11.61
CA ASP F 191 40.74 -39.33 10.90
C ASP F 191 41.85 -38.92 9.95
N HIS F 192 42.94 -39.68 9.93
CA HIS F 192 44.10 -39.31 9.12
C HIS F 192 43.70 -39.26 7.65
N VAL F 193 44.10 -38.18 6.97
CA VAL F 193 43.66 -37.91 5.61
C VAL F 193 44.67 -38.43 4.60
N ASN F 194 45.62 -39.26 5.04
CA ASN F 194 46.63 -39.78 4.12
C ASN F 194 46.02 -40.60 3.00
N PRO F 195 45.17 -41.59 3.25
CA PRO F 195 44.57 -42.34 2.13
C PRO F 195 43.41 -41.62 1.46
N SER F 196 42.78 -40.67 2.14
CA SER F 196 41.66 -39.93 1.58
C SER F 196 41.33 -38.77 2.50
N GLY F 197 41.06 -37.60 1.92
CA GLY F 197 40.82 -36.40 2.71
C GLY F 197 39.60 -35.62 2.30
N ASP F 198 38.62 -36.29 1.69
CA ASP F 198 37.40 -35.65 1.19
C ASP F 198 36.24 -36.03 2.10
N THR F 199 35.47 -35.02 2.51
CA THR F 199 34.36 -35.23 3.43
C THR F 199 33.15 -35.88 2.77
N SER F 200 33.09 -35.90 1.44
CA SER F 200 31.94 -36.48 0.76
C SER F 200 31.71 -37.92 1.16
N ARG F 201 32.79 -38.72 1.25
CA ARG F 201 32.69 -40.11 1.65
C ARG F 201 32.99 -40.31 3.13
N GLY F 202 32.92 -39.24 3.93
CA GLY F 202 33.07 -39.34 5.36
C GLY F 202 34.49 -39.21 5.89
N PHE F 203 35.47 -39.05 5.01
CA PHE F 203 36.85 -38.82 5.44
C PHE F 203 37.01 -37.37 5.86
N GLY F 204 38.26 -36.93 6.06
CA GLY F 204 38.55 -35.54 6.35
C GLY F 204 38.66 -35.27 7.84
N ASN F 205 38.71 -33.97 8.15
CA ASN F 205 38.88 -33.49 9.52
C ASN F 205 37.69 -32.64 9.91
N VAL F 206 36.49 -33.15 9.67
CA VAL F 206 35.26 -32.34 9.77
C VAL F 206 35.11 -31.79 11.19
N PRO F 207 34.83 -30.50 11.36
CA PRO F 207 34.58 -29.95 12.70
C PRO F 207 33.10 -29.96 13.09
N PHE F 208 32.88 -29.78 14.39
CA PHE F 208 31.53 -29.60 14.93
C PHE F 208 31.60 -28.72 16.17
N ALA F 209 30.44 -28.17 16.55
CA ALA F 209 30.29 -27.44 17.81
C ALA F 209 29.02 -27.90 18.52
N ARG F 210 29.02 -27.74 19.85
CA ARG F 210 27.81 -27.96 20.63
C ARG F 210 27.89 -27.12 21.91
N ASP F 211 26.72 -26.69 22.38
CA ASP F 211 26.60 -25.83 23.55
C ASP F 211 26.21 -26.62 24.80
N GLU F 212 26.66 -26.12 25.95
CA GLU F 212 26.37 -26.71 27.25
C GLU F 212 25.91 -25.61 28.21
N TYR F 213 25.04 -25.97 29.15
CA TYR F 213 24.41 -25.00 30.03
C TYR F 213 24.77 -25.26 31.49
N VAL F 214 24.85 -24.18 32.25
CA VAL F 214 25.12 -24.22 33.68
C VAL F 214 24.02 -23.44 34.40
N SER F 215 23.37 -24.10 35.38
CA SER F 215 22.28 -23.49 36.13
C SER F 215 22.46 -23.76 37.61
N PRO F 216 22.27 -22.75 38.48
CA PRO F 216 22.37 -23.00 39.92
C PRO F 216 21.12 -23.60 40.54
N ARG F 217 20.00 -23.65 39.82
CA ARG F 217 18.75 -24.17 40.39
C ARG F 217 17.97 -24.85 39.26
N ILE F 218 17.99 -26.18 39.25
CA ILE F 218 17.13 -26.97 38.37
C ILE F 218 16.01 -27.56 39.22
N LYS F 219 14.78 -27.49 38.69
CA LYS F 219 13.60 -27.95 39.41
C LYS F 219 12.80 -28.88 38.52
N ALA F 220 12.31 -29.98 39.10
CA ALA F 220 11.35 -30.86 38.45
C ALA F 220 10.00 -30.71 39.14
N TYR F 221 8.99 -30.35 38.35
CA TYR F 221 7.64 -30.10 38.86
C TYR F 221 6.71 -31.24 38.47
N PHE F 222 5.89 -31.67 39.43
CA PHE F 222 4.90 -32.73 39.19
C PHE F 222 3.54 -32.26 39.67
N ASN F 223 2.51 -32.48 38.85
CA ASN F 223 1.15 -32.03 39.14
C ASN F 223 0.18 -33.17 38.85
N LEU F 224 -0.68 -33.46 39.82
CA LEU F 224 -1.70 -34.50 39.69
C LEU F 224 -3.08 -33.85 39.81
N ASP F 225 -3.95 -34.15 38.85
CA ASP F 225 -5.27 -33.50 38.73
C ASP F 225 -6.30 -34.35 39.47
N LEU F 226 -6.38 -34.13 40.78
CA LEU F 226 -7.32 -34.90 41.61
C LEU F 226 -8.76 -34.59 41.25
N ALA F 227 -9.05 -33.34 40.90
CA ALA F 227 -10.43 -32.95 40.59
C ALA F 227 -10.99 -33.74 39.42
N GLN F 228 -10.19 -33.95 38.37
CA GLN F 228 -10.71 -34.64 37.20
C GLN F 228 -10.90 -36.13 37.46
N ILE F 229 -9.98 -36.75 38.20
CA ILE F 229 -10.14 -38.17 38.49
C ILE F 229 -11.35 -38.38 39.39
N ARG F 230 -11.63 -37.45 40.30
CA ARG F 230 -12.90 -37.50 41.02
C ARG F 230 -14.08 -37.32 40.07
N ALA F 231 -13.94 -36.43 39.08
CA ALA F 231 -15.02 -36.21 38.13
C ALA F 231 -15.28 -37.43 37.26
N PHE F 232 -14.32 -38.35 37.17
CA PHE F 232 -14.62 -39.64 36.54
C PHE F 232 -15.58 -40.45 37.39
N GLY F 233 -15.42 -40.39 38.71
CA GLY F 233 -16.39 -40.97 39.63
C GLY F 233 -16.54 -42.47 39.52
N LEU F 234 -15.45 -43.18 39.27
CA LEU F 234 -15.51 -44.64 39.13
C LEU F 234 -15.47 -45.37 40.46
N GLY F 235 -15.21 -44.67 41.57
CA GLY F 235 -15.17 -45.29 42.87
C GLY F 235 -13.90 -44.96 43.65
N GLU F 236 -14.03 -44.81 44.96
CA GLU F 236 -12.89 -44.42 45.78
C GLU F 236 -11.75 -45.44 45.70
N GLN F 237 -12.08 -46.71 45.41
CA GLN F 237 -11.04 -47.70 45.22
C GLN F 237 -10.19 -47.36 43.99
N VAL F 238 -10.83 -46.94 42.90
CA VAL F 238 -10.10 -46.53 41.72
C VAL F 238 -9.30 -45.27 41.99
N ASP F 239 -9.86 -44.34 42.77
CA ASP F 239 -9.15 -43.10 43.07
C ASP F 239 -7.87 -43.38 43.85
N ARG F 240 -7.97 -44.20 44.91
CA ARG F 240 -6.77 -44.49 45.69
C ARG F 240 -5.78 -45.34 44.90
N LEU F 241 -6.28 -46.22 44.03
CA LEU F 241 -5.39 -46.94 43.12
C LEU F 241 -4.58 -45.98 42.26
N LEU F 242 -5.25 -45.04 41.60
CA LEU F 242 -4.55 -44.14 40.69
C LEU F 242 -3.61 -43.20 41.42
N ILE F 243 -3.98 -42.76 42.64
CA ILE F 243 -3.06 -41.93 43.41
C ILE F 243 -1.81 -42.72 43.78
N ALA F 244 -1.98 -43.97 44.21
CA ALA F 244 -0.81 -44.78 44.58
C ALA F 244 0.06 -45.06 43.36
N LEU F 245 -0.57 -45.33 42.21
CA LEU F 245 0.18 -45.57 40.98
C LEU F 245 1.00 -44.35 40.58
N ALA F 246 0.41 -43.15 40.69
CA ALA F 246 1.14 -41.94 40.35
C ALA F 246 2.32 -41.71 41.29
N LEU F 247 2.08 -41.87 42.60
CA LEU F 247 3.18 -41.73 43.55
C LEU F 247 4.29 -42.73 43.26
N TYR F 248 3.92 -43.94 42.86
CA TYR F 248 4.90 -44.98 42.52
C TYR F 248 5.75 -44.55 41.33
N LYS F 249 5.09 -44.12 40.25
CA LYS F 249 5.82 -43.62 39.09
C LYS F 249 6.81 -42.54 39.48
N VAL F 250 6.33 -41.55 40.24
CA VAL F 250 7.21 -40.43 40.60
C VAL F 250 8.41 -40.92 41.39
N ARG F 251 8.18 -41.83 42.35
CA ARG F 251 9.29 -42.29 43.18
C ARG F 251 10.31 -43.06 42.37
N ARG F 252 9.86 -43.93 41.46
CA ARG F 252 10.81 -44.71 40.67
C ARG F 252 11.61 -43.81 39.72
N PHE F 253 10.93 -42.88 39.04
CA PHE F 253 11.64 -41.93 38.20
C PHE F 253 12.67 -41.15 39.02
N LEU F 254 12.28 -40.68 40.20
CA LEU F 254 13.18 -39.85 40.99
C LEU F 254 14.38 -40.65 41.48
N VAL F 255 14.21 -41.94 41.76
CA VAL F 255 15.32 -42.72 42.29
C VAL F 255 16.29 -43.11 41.19
N HIS F 256 15.81 -43.68 40.08
CA HIS F 256 16.73 -44.20 39.07
C HIS F 256 16.25 -43.92 37.65
N GLY F 257 15.85 -42.68 37.40
CA GLY F 257 15.53 -42.27 36.03
C GLY F 257 16.32 -41.05 35.57
N LEU F 258 17.26 -40.58 36.39
CA LEU F 258 17.83 -39.26 36.22
C LEU F 258 19.00 -39.20 35.25
N ARG F 259 19.39 -40.31 34.62
CA ARG F 259 20.28 -40.24 33.45
C ARG F 259 19.40 -40.05 32.23
N LEU F 260 18.98 -38.80 32.02
CA LEU F 260 18.07 -38.49 30.92
C LEU F 260 18.78 -38.49 29.58
N ARG F 261 20.08 -38.19 29.58
CA ARG F 261 20.85 -38.00 28.37
C ARG F 261 22.29 -38.35 28.68
N THR F 262 23.07 -38.62 27.61
CA THR F 262 24.42 -39.13 27.82
C THR F 262 25.24 -38.17 28.68
N ALA F 263 25.17 -36.88 28.37
CA ALA F 263 25.85 -35.85 29.16
C ALA F 263 24.96 -35.25 30.23
N CYS F 264 23.73 -35.76 30.40
CA CYS F 264 22.79 -35.24 31.39
C CYS F 264 22.80 -36.17 32.59
N ASP F 265 23.75 -35.94 33.48
CA ASP F 265 23.94 -36.74 34.69
C ASP F 265 23.37 -35.95 35.86
N LEU F 266 22.23 -36.39 36.41
CA LEU F 266 21.51 -35.64 37.41
C LEU F 266 21.26 -36.47 38.66
N ASP F 267 21.12 -35.77 39.79
CA ASP F 267 20.89 -36.37 41.10
C ASP F 267 19.80 -35.60 41.81
N CYS F 268 19.10 -36.29 42.72
CA CYS F 268 18.03 -35.70 43.50
C CYS F 268 18.57 -35.27 44.86
N GLN F 269 18.40 -33.99 45.20
CA GLN F 269 18.86 -33.49 46.49
C GLN F 269 17.75 -33.49 47.53
N ALA F 270 16.52 -33.13 47.17
CA ALA F 270 15.40 -33.24 48.09
C ALA F 270 14.09 -33.12 47.31
N LEU F 271 13.12 -33.93 47.70
CA LEU F 271 11.73 -33.78 47.28
C LEU F 271 10.93 -33.09 48.38
N ARG F 272 9.95 -32.30 47.98
CA ARG F 272 8.98 -31.75 48.91
C ARG F 272 7.66 -31.51 48.22
N VAL F 273 6.58 -31.58 48.99
CA VAL F 273 5.25 -31.22 48.49
C VAL F 273 5.05 -29.72 48.58
N THR F 274 4.26 -29.18 47.65
CA THR F 274 3.89 -27.77 47.60
C THR F 274 2.44 -27.53 47.98
N ARG F 275 1.53 -28.39 47.53
CA ARG F 275 0.11 -28.25 47.79
C ARG F 275 -0.50 -29.64 47.72
N PRO F 276 -1.27 -30.07 48.74
CA PRO F 276 -1.66 -29.35 49.96
C PRO F 276 -0.51 -29.22 50.96
N GLU F 277 -0.48 -28.12 51.70
CA GLU F 277 0.64 -27.83 52.58
C GLU F 277 0.69 -28.82 53.75
N GLY F 278 1.90 -29.23 54.12
CA GLY F 278 2.12 -30.04 55.30
C GLY F 278 1.86 -31.52 55.13
N TRP F 279 1.50 -31.97 53.93
CA TRP F 279 1.26 -33.39 53.71
C TRP F 279 2.58 -34.16 53.69
N GLU F 280 2.48 -35.48 53.75
CA GLU F 280 3.65 -36.36 53.74
C GLU F 280 3.51 -37.38 52.62
N VAL F 281 4.63 -37.73 52.00
CA VAL F 281 4.65 -38.61 50.84
C VAL F 281 5.03 -40.03 51.30
N PRO F 282 4.37 -41.07 50.80
CA PRO F 282 4.79 -42.43 51.16
C PRO F 282 6.17 -42.76 50.64
N GLU F 283 6.81 -43.73 51.28
CA GLU F 283 8.06 -44.28 50.80
C GLU F 283 7.81 -45.30 49.68
N LEU F 284 8.84 -45.56 48.90
CA LEU F 284 8.68 -46.42 47.73
C LEU F 284 8.39 -47.86 48.13
N SER F 285 9.04 -48.37 49.19
CA SER F 285 8.75 -49.72 49.65
C SER F 285 7.32 -49.84 50.16
N GLU F 286 6.78 -48.77 50.73
CA GLU F 286 5.40 -48.80 51.21
C GLU F 286 4.42 -48.87 50.05
N LEU F 287 4.68 -48.11 48.99
CA LEU F 287 3.86 -48.21 47.78
C LEU F 287 4.00 -49.59 47.15
N GLU F 288 5.22 -50.12 47.09
CA GLU F 288 5.43 -51.49 46.63
C GLU F 288 4.54 -52.47 47.39
N ALA F 289 4.45 -52.30 48.72
CA ALA F 289 3.66 -53.22 49.52
C ALA F 289 2.16 -53.01 49.32
N ALA F 290 1.73 -51.77 49.09
CA ALA F 290 0.30 -51.49 48.96
C ALA F 290 -0.26 -51.87 47.60
N LEU F 291 0.48 -51.57 46.54
CA LEU F 291 -0.04 -51.68 45.17
C LEU F 291 -0.72 -53.01 44.85
N PRO F 292 -0.15 -54.18 45.15
CA PRO F 292 -0.81 -55.42 44.73
C PRO F 292 -2.16 -55.63 45.39
N GLY F 293 -2.37 -55.08 46.59
CA GLY F 293 -3.66 -55.20 47.24
C GLY F 293 -4.71 -54.31 46.59
N LEU F 294 -4.34 -53.06 46.29
CA LEU F 294 -5.30 -52.15 45.68
C LEU F 294 -5.67 -52.62 44.27
N ILE F 295 -4.70 -53.13 43.52
CA ILE F 295 -5.02 -53.67 42.21
C ILE F 295 -5.93 -54.89 42.35
N GLU F 296 -5.67 -55.76 43.34
CA GLU F 296 -6.55 -56.90 43.54
C GLU F 296 -7.98 -56.44 43.84
N ALA F 297 -8.12 -55.44 44.73
CA ALA F 297 -9.45 -54.92 45.05
C ALA F 297 -10.17 -54.43 43.79
N VAL F 298 -9.49 -53.62 42.98
CA VAL F 298 -10.15 -53.07 41.80
C VAL F 298 -10.47 -54.19 40.79
N ALA F 299 -9.64 -55.22 40.72
CA ALA F 299 -9.95 -56.35 39.85
C ALA F 299 -11.17 -57.11 40.36
N GLY F 300 -11.28 -57.27 41.68
CA GLY F 300 -12.45 -57.93 42.25
C GLY F 300 -13.72 -57.14 42.05
N GLU F 301 -13.62 -55.81 41.98
CA GLU F 301 -14.80 -55.01 41.66
C GLU F 301 -15.20 -55.13 40.20
N GLY F 302 -14.39 -55.79 39.37
CA GLY F 302 -14.76 -56.05 38.00
C GLY F 302 -14.58 -54.90 37.04
N ARG F 303 -13.90 -53.83 37.45
CA ARG F 303 -13.70 -52.71 36.54
C ARG F 303 -12.79 -53.11 35.38
N PHE F 304 -11.77 -53.91 35.64
CA PHE F 304 -10.92 -54.42 34.58
C PHE F 304 -11.67 -55.42 33.71
N ALA F 305 -11.36 -55.43 32.43
CA ALA F 305 -11.82 -56.49 31.55
C ALA F 305 -11.03 -57.78 31.82
N GLN F 306 -11.57 -58.90 31.37
CA GLN F 306 -10.93 -60.19 31.53
C GLN F 306 -10.89 -60.89 30.17
N PRO F 307 -9.71 -61.37 29.72
CA PRO F 307 -8.40 -61.34 30.38
C PRO F 307 -7.83 -59.93 30.47
N ALA F 308 -7.06 -59.62 31.51
CA ALA F 308 -6.52 -58.26 31.66
C ALA F 308 -5.64 -57.89 30.48
N VAL F 309 -4.68 -58.75 30.16
CA VAL F 309 -3.87 -58.57 28.95
C VAL F 309 -4.66 -59.10 27.76
N THR F 310 -4.76 -58.30 26.70
CA THR F 310 -5.45 -58.69 25.48
C THR F 310 -4.47 -58.62 24.31
N ILE F 311 -4.63 -59.54 23.36
CA ILE F 311 -3.67 -59.75 22.28
C ILE F 311 -4.31 -59.40 20.96
N VAL F 312 -3.54 -58.72 20.10
CA VAL F 312 -3.95 -58.40 18.74
C VAL F 312 -2.75 -58.59 17.82
N THR F 313 -3.02 -59.06 16.60
CA THR F 313 -1.98 -59.30 15.62
C THR F 313 -1.97 -58.18 14.58
N TYR F 314 -0.78 -57.74 14.19
CA TYR F 314 -0.60 -56.61 13.29
C TYR F 314 -0.03 -57.08 11.96
N GLU F 315 -0.74 -56.78 10.87
CA GLU F 315 -0.19 -56.82 9.53
C GLU F 315 -1.08 -55.96 8.64
N LYS F 316 -0.53 -55.52 7.51
CA LYS F 316 -1.27 -54.69 6.58
C LYS F 316 -2.44 -55.49 5.98
N MET G 1 40.09 -62.37 45.12
CA MET G 1 39.09 -61.37 45.58
C MET G 1 38.21 -60.92 44.42
N LYS G 2 36.91 -60.89 44.63
CA LYS G 2 35.94 -60.45 43.63
C LYS G 2 35.34 -59.13 44.07
N LEU G 3 35.57 -58.08 43.26
CA LEU G 3 35.02 -56.75 43.52
C LEU G 3 33.64 -56.56 42.90
N GLU G 4 33.35 -57.28 41.82
CA GLU G 4 32.06 -57.15 41.17
C GLU G 4 30.89 -57.45 42.11
N PRO G 5 30.96 -58.46 42.98
CA PRO G 5 29.86 -58.63 43.95
C PRO G 5 29.64 -57.40 44.82
N LEU G 6 30.71 -56.68 45.19
CA LEU G 6 30.53 -55.45 45.94
C LEU G 6 29.88 -54.37 45.09
N LEU G 7 30.34 -54.20 43.85
CA LEU G 7 29.93 -53.04 43.07
C LEU G 7 28.57 -53.23 42.39
N SER G 8 28.18 -54.48 42.13
CA SER G 8 26.88 -54.77 41.53
C SER G 8 25.70 -54.39 42.43
N ASP G 9 25.95 -53.91 43.64
CA ASP G 9 24.88 -53.43 44.52
C ASP G 9 24.53 -51.96 44.29
N VAL G 10 25.34 -51.22 43.54
CA VAL G 10 25.18 -49.78 43.39
C VAL G 10 25.00 -49.46 41.91
N PRO G 11 24.13 -48.51 41.55
CA PRO G 11 23.86 -48.29 40.11
C PRO G 11 24.94 -47.52 39.37
N ARG G 12 25.86 -46.86 40.06
CA ARG G 12 26.80 -45.97 39.39
C ARG G 12 28.10 -45.88 40.17
N LEU G 13 29.21 -45.77 39.45
CA LEU G 13 30.53 -45.59 40.03
C LEU G 13 31.06 -44.20 39.69
N LEU G 14 31.57 -43.50 40.70
CA LEU G 14 32.10 -42.15 40.53
C LEU G 14 33.50 -42.08 41.12
N MET G 15 34.41 -41.41 40.40
CA MET G 15 35.81 -41.32 40.79
C MET G 15 36.31 -39.88 40.61
N GLU G 16 37.33 -39.52 41.39
CA GLU G 16 37.97 -38.21 41.34
C GLU G 16 39.49 -38.36 41.26
N ALA G 17 40.12 -37.40 40.57
CA ALA G 17 41.56 -37.24 40.62
C ALA G 17 41.91 -35.76 40.69
N ASP G 18 42.90 -35.43 41.53
CA ASP G 18 43.36 -34.06 41.72
C ASP G 18 44.72 -33.87 41.07
N LEU G 19 44.90 -32.76 40.35
CA LEU G 19 46.06 -32.53 39.51
C LEU G 19 46.71 -31.18 39.80
N VAL G 20 48.05 -31.15 39.74
CA VAL G 20 48.80 -29.90 39.76
C VAL G 20 50.01 -30.03 38.84
N PRO G 21 50.45 -28.91 38.27
CA PRO G 21 51.63 -28.96 37.40
C PRO G 21 52.89 -29.36 38.16
N VAL G 22 53.77 -30.08 37.47
CA VAL G 22 55.06 -30.43 38.08
C VAL G 22 56.02 -29.26 38.06
N GLN G 23 55.91 -28.38 37.06
CA GLN G 23 56.76 -27.19 36.95
C GLN G 23 55.87 -25.96 36.87
N GLY G 24 56.14 -24.99 37.75
CA GLY G 24 55.39 -23.75 37.73
C GLY G 24 53.92 -23.95 38.14
N THR G 25 53.12 -22.92 37.84
CA THR G 25 51.68 -22.96 38.07
C THR G 25 50.86 -22.89 36.80
N ARG G 26 51.42 -22.37 35.70
CA ARG G 26 50.69 -22.22 34.46
C ARG G 26 50.42 -23.57 33.81
N PHE G 27 49.40 -23.59 32.94
CA PHE G 27 49.07 -24.79 32.18
C PHE G 27 48.36 -24.39 30.89
N GLN G 28 48.48 -25.24 29.88
CA GLN G 28 47.85 -25.03 28.58
C GLN G 28 46.54 -25.80 28.51
N PRO G 29 45.40 -25.15 28.35
CA PRO G 29 44.15 -25.88 28.09
C PRO G 29 43.96 -26.15 26.61
N THR G 30 42.93 -26.95 26.32
CA THR G 30 42.59 -27.25 24.95
C THR G 30 42.02 -26.02 24.24
N GLY G 31 42.12 -26.02 22.91
CA GLY G 31 41.51 -24.97 22.12
C GLY G 31 40.53 -25.50 21.10
N PHE G 32 39.25 -25.23 21.32
CA PHE G 32 38.23 -25.67 20.38
C PHE G 32 38.27 -24.79 19.12
N PRO G 33 37.90 -25.34 17.96
CA PRO G 33 38.22 -24.65 16.69
C PRO G 33 37.73 -23.22 16.61
N ASP G 34 36.42 -23.00 16.72
CA ASP G 34 35.87 -21.66 16.57
C ASP G 34 36.06 -20.80 17.81
N LEU G 35 36.23 -21.41 18.98
CA LEU G 35 36.21 -20.68 20.25
C LEU G 35 37.57 -20.50 20.90
N GLY G 36 38.53 -21.40 20.63
CA GLY G 36 39.74 -21.40 21.42
C GLY G 36 39.46 -21.96 22.81
N ALA G 37 40.08 -21.36 23.82
CA ALA G 37 39.91 -21.82 25.20
C ALA G 37 38.49 -21.52 25.67
N ALA G 38 37.71 -22.57 25.90
CA ALA G 38 36.34 -22.41 26.35
C ALA G 38 36.29 -22.15 27.85
N HIS G 39 35.62 -21.06 28.24
CA HIS G 39 35.45 -20.71 29.64
C HIS G 39 34.01 -20.30 29.89
N TYR G 40 33.59 -20.44 31.15
CA TYR G 40 32.21 -20.18 31.52
C TYR G 40 32.15 -19.76 32.98
N GLU G 41 31.00 -19.23 33.39
CA GLU G 41 30.76 -18.81 34.76
C GLU G 41 29.98 -19.89 35.49
N GLY G 42 30.45 -20.27 36.68
CA GLY G 42 29.86 -21.34 37.44
C GLY G 42 28.61 -20.90 38.18
N PRO G 43 27.87 -21.90 38.69
CA PRO G 43 26.64 -21.57 39.42
C PRO G 43 26.90 -20.80 40.70
N ASP G 44 28.06 -21.01 41.33
CA ASP G 44 28.42 -20.28 42.54
C ASP G 44 28.90 -18.86 42.24
N GLY G 45 28.98 -18.46 40.97
CA GLY G 45 29.51 -17.17 40.62
C GLY G 45 31.02 -17.10 40.60
N ARG G 46 31.69 -18.22 40.34
CA ARG G 46 33.13 -18.27 40.17
C ARG G 46 33.47 -18.68 38.74
N PRO G 47 34.53 -18.13 38.16
CA PRO G 47 34.87 -18.49 36.77
C PRO G 47 35.51 -19.86 36.69
N MET G 48 35.21 -20.58 35.61
CA MET G 48 35.67 -21.94 35.43
C MET G 48 36.04 -22.17 33.97
N LEU G 49 36.83 -23.22 33.73
CA LEU G 49 37.27 -23.60 32.40
C LEU G 49 37.24 -25.11 32.25
N LEU G 50 36.76 -25.57 31.09
CA LEU G 50 36.80 -26.99 30.73
C LEU G 50 38.20 -27.31 30.21
N VAL G 51 38.98 -28.07 30.99
CA VAL G 51 40.38 -28.30 30.65
C VAL G 51 40.51 -29.32 29.52
N GLU G 52 39.64 -30.33 29.48
CA GLU G 52 39.80 -31.39 28.50
C GLU G 52 38.44 -32.01 28.19
N SER G 53 38.19 -32.26 26.90
CA SER G 53 36.91 -32.77 26.45
C SER G 53 36.76 -34.25 26.80
N ALA G 54 35.50 -34.68 26.87
CA ALA G 54 35.21 -36.06 27.25
C ALA G 54 35.68 -37.05 26.19
N GLN G 55 35.58 -36.69 24.91
CA GLN G 55 36.07 -37.57 23.87
C GLN G 55 37.60 -37.59 23.84
N SER G 56 38.24 -36.53 24.32
CA SER G 56 39.69 -36.58 24.49
C SER G 56 40.07 -37.66 25.49
N MET G 57 39.37 -37.72 26.61
CA MET G 57 39.57 -38.80 27.57
C MET G 57 39.26 -40.16 26.93
N ALA G 58 38.17 -40.24 26.16
CA ALA G 58 37.81 -41.51 25.54
C ALA G 58 38.83 -41.96 24.50
N ASN G 59 39.68 -41.05 24.01
CA ASN G 59 40.79 -41.45 23.16
C ASN G 59 42.06 -41.76 23.93
N ARG G 60 42.40 -40.94 24.94
CA ARG G 60 43.55 -41.23 25.78
C ARG G 60 43.43 -42.59 26.45
N LEU G 61 42.24 -42.90 27.00
CA LEU G 61 41.99 -44.17 27.65
C LEU G 61 41.88 -45.33 26.67
N GLU G 62 41.84 -45.05 25.37
CA GLU G 62 42.00 -46.09 24.36
C GLU G 62 43.46 -46.30 24.00
N THR G 63 44.20 -45.21 23.80
CA THR G 63 45.61 -45.32 23.45
C THR G 63 46.40 -46.02 24.54
N VAL G 64 46.09 -45.72 25.81
CA VAL G 64 46.88 -46.28 26.90
C VAL G 64 46.79 -47.81 26.94
N CYS G 65 45.70 -48.38 26.44
CA CYS G 65 45.51 -49.82 26.47
C CYS G 65 46.03 -50.54 25.23
N TRP G 66 46.49 -49.82 24.22
CA TRP G 66 46.85 -50.39 22.93
C TRP G 66 48.30 -50.06 22.61
N ASP G 67 49.07 -51.08 22.20
CA ASP G 67 50.49 -50.92 21.90
C ASP G 67 50.64 -50.57 20.43
N LYS G 68 51.09 -49.35 20.16
CA LYS G 68 51.09 -48.83 18.79
C LYS G 68 52.03 -49.61 17.89
N ASP G 69 53.18 -50.05 18.42
CA ASP G 69 54.20 -50.67 17.56
C ASP G 69 53.79 -52.08 17.13
N ALA G 70 53.27 -52.89 18.05
CA ALA G 70 52.90 -54.27 17.72
C ALA G 70 51.56 -54.37 17.01
N ASP G 71 50.77 -53.30 16.98
CA ASP G 71 49.43 -53.32 16.38
C ASP G 71 48.56 -54.37 17.07
N ASP G 72 48.71 -54.48 18.40
CA ASP G 72 47.92 -55.42 19.18
C ASP G 72 47.84 -54.91 20.62
N TRP G 73 46.91 -55.49 21.37
CA TRP G 73 46.72 -55.12 22.77
C TRP G 73 48.04 -55.25 23.53
N VAL G 74 48.17 -54.51 24.63
CA VAL G 74 49.29 -54.75 25.53
C VAL G 74 49.13 -56.14 26.14
N VAL G 75 50.25 -56.79 26.39
CA VAL G 75 50.30 -58.22 26.70
C VAL G 75 49.19 -58.65 27.66
N PRO G 76 49.01 -57.97 28.80
CA PRO G 76 47.98 -58.44 29.75
C PRO G 76 46.59 -58.49 29.16
N LEU G 77 46.26 -57.60 28.23
CA LEU G 77 44.94 -57.60 27.58
C LEU G 77 44.89 -58.46 26.33
N ARG G 78 46.02 -58.96 25.83
CA ARG G 78 46.01 -59.66 24.55
C ARG G 78 45.11 -60.88 24.62
N GLY G 79 44.21 -61.00 23.65
CA GLY G 79 43.22 -62.06 23.63
C GLY G 79 41.82 -61.52 23.40
N LEU G 80 41.63 -60.22 23.66
CA LEU G 80 40.36 -59.60 23.38
C LEU G 80 40.12 -59.56 21.87
N PRO G 81 38.88 -59.75 21.41
CA PRO G 81 38.61 -59.65 19.97
C PRO G 81 38.86 -58.25 19.46
N VAL G 82 39.39 -58.16 18.24
CA VAL G 82 39.71 -56.89 17.62
C VAL G 82 39.64 -57.04 16.11
N VAL G 83 39.39 -55.93 15.42
CA VAL G 83 39.38 -55.88 13.96
C VAL G 83 40.59 -55.06 13.52
N LYS G 84 41.42 -55.65 12.66
CA LYS G 84 42.56 -54.98 12.06
C LYS G 84 42.39 -54.98 10.55
N VAL G 85 42.69 -53.84 9.93
CA VAL G 85 42.47 -53.62 8.49
C VAL G 85 43.82 -53.43 7.82
N LEU G 86 44.02 -54.15 6.72
CA LEU G 86 45.23 -54.02 5.90
C LEU G 86 44.83 -53.81 4.45
N ASP G 87 45.70 -53.14 3.70
CA ASP G 87 45.45 -52.87 2.29
C ASP G 87 45.93 -54.03 1.43
N LYS G 88 45.72 -53.91 0.12
CA LYS G 88 46.18 -54.94 -0.80
C LYS G 88 47.70 -55.04 -0.86
N ALA G 89 48.42 -54.06 -0.31
CA ALA G 89 49.86 -54.13 -0.21
C ALA G 89 50.33 -54.91 1.01
N GLY G 90 49.42 -55.40 1.84
CA GLY G 90 49.77 -56.20 2.99
C GLY G 90 50.12 -55.43 4.25
N LYS G 91 49.94 -54.11 4.26
CA LYS G 91 50.26 -53.32 5.43
C LYS G 91 49.00 -52.87 6.17
N PRO G 92 49.00 -52.88 7.52
CA PRO G 92 47.77 -52.58 8.27
C PRO G 92 47.45 -51.10 8.36
N LEU G 93 46.73 -50.57 7.37
CA LEU G 93 46.49 -49.13 7.28
C LEU G 93 45.66 -48.60 8.45
N THR G 94 44.74 -49.41 9.00
CA THR G 94 43.92 -48.94 10.11
C THR G 94 43.59 -50.09 11.06
N ASN G 95 43.19 -49.72 12.28
CA ASN G 95 42.79 -50.65 13.31
C ASN G 95 41.59 -50.09 14.06
N SER G 96 40.63 -50.95 14.40
CA SER G 96 39.38 -50.47 14.99
C SER G 96 39.57 -49.88 16.38
N VAL G 97 40.63 -50.23 17.09
CA VAL G 97 40.89 -49.59 18.38
C VAL G 97 41.38 -48.16 18.18
N LEU G 98 42.35 -47.98 17.28
CA LEU G 98 42.91 -46.66 17.04
C LEU G 98 41.91 -45.72 16.38
N GLU G 99 41.02 -46.26 15.55
CA GLU G 99 40.08 -45.41 14.83
C GLU G 99 38.98 -44.92 15.76
N ALA G 100 38.80 -43.60 15.79
CA ALA G 100 37.79 -43.00 16.67
C ALA G 100 36.37 -43.37 16.27
N HIS G 101 36.15 -43.77 15.01
CA HIS G 101 34.84 -44.23 14.58
C HIS G 101 34.57 -45.68 14.96
N ARG G 102 35.60 -46.40 15.41
CA ARG G 102 35.42 -47.76 15.90
C ARG G 102 34.81 -48.62 14.79
N LEU G 103 33.58 -49.11 14.94
CA LEU G 103 33.07 -50.11 14.00
C LEU G 103 32.39 -49.54 12.76
N ASN G 104 32.12 -48.23 12.70
CA ASN G 104 31.41 -47.63 11.57
C ASN G 104 32.38 -46.70 10.83
N SER G 105 33.05 -47.24 9.83
CA SER G 105 34.08 -46.52 9.09
C SER G 105 34.01 -46.89 7.62
N PRO G 106 34.52 -46.02 6.74
CA PRO G 106 34.76 -46.47 5.36
C PRO G 106 35.71 -47.64 5.27
N TYR G 107 36.70 -47.72 6.17
CA TYR G 107 37.60 -48.86 6.19
C TYR G 107 36.95 -50.08 6.82
N ILE G 108 35.98 -49.90 7.71
CA ILE G 108 35.40 -50.96 8.50
C ILE G 108 33.88 -50.87 8.37
N LEU G 109 33.27 -51.94 7.87
CA LEU G 109 31.86 -52.03 7.50
C LEU G 109 31.63 -51.42 6.12
N GLU G 110 32.72 -51.05 5.43
CA GLU G 110 32.64 -50.58 4.06
C GLU G 110 33.96 -50.93 3.37
N GLY G 111 33.94 -50.89 2.05
CA GLY G 111 35.06 -51.34 1.24
C GLY G 111 34.66 -52.46 0.30
N LYS G 112 35.54 -52.71 -0.67
CA LYS G 112 35.25 -53.76 -1.65
C LYS G 112 35.11 -55.12 -0.98
N ASP G 113 35.98 -55.41 -0.02
CA ASP G 113 35.93 -56.66 0.75
C ASP G 113 35.63 -56.35 2.21
N LYS G 114 34.69 -57.08 2.79
CA LYS G 114 34.40 -56.93 4.22
C LYS G 114 33.78 -58.22 4.72
N THR G 115 34.54 -58.98 5.53
CA THR G 115 33.98 -60.16 6.17
C THR G 115 32.99 -59.77 7.27
N LEU G 116 33.39 -58.86 8.16
CA LEU G 116 32.51 -58.47 9.26
C LEU G 116 31.52 -57.40 8.80
N PHE G 117 30.91 -57.63 7.65
CA PHE G 117 29.61 -57.07 7.29
C PHE G 117 28.53 -58.12 7.34
N ASP G 118 28.88 -59.36 6.98
CA ASP G 118 27.92 -60.46 6.97
C ASP G 118 27.37 -60.74 8.36
N LEU G 119 28.24 -60.85 9.36
CA LEU G 119 27.77 -61.17 10.71
C LEU G 119 26.89 -60.06 11.26
N LEU G 120 27.28 -58.80 11.05
CA LEU G 120 26.44 -57.69 11.51
C LEU G 120 25.11 -57.67 10.79
N LYS G 121 25.10 -57.97 9.49
CA LYS G 121 23.85 -58.09 8.75
C LYS G 121 23.01 -59.24 9.30
N GLN G 122 23.64 -60.31 9.76
CA GLN G 122 22.90 -61.40 10.38
C GLN G 122 22.22 -60.95 11.66
N GLU G 123 22.88 -60.09 12.44
CA GLU G 123 22.25 -59.59 13.65
C GLU G 123 21.13 -58.59 13.32
N LEU G 124 21.39 -57.70 12.37
CA LEU G 124 20.37 -56.74 11.97
C LEU G 124 19.17 -57.43 11.34
N ALA G 125 19.33 -58.64 10.82
CA ALA G 125 18.18 -59.41 10.34
C ALA G 125 17.19 -59.67 11.48
N HIS G 126 17.70 -59.96 12.68
CA HIS G 126 16.81 -60.07 13.84
C HIS G 126 16.30 -58.71 14.28
N MET G 127 17.17 -57.70 14.28
CA MET G 127 16.71 -56.36 14.64
C MET G 127 15.52 -55.93 13.79
N GLU G 128 15.51 -56.32 12.51
CA GLU G 128 14.44 -55.94 11.60
C GLU G 128 13.22 -56.86 11.73
N GLU G 129 13.45 -58.16 11.87
CA GLU G 129 12.38 -59.15 11.82
C GLU G 129 11.92 -59.57 13.22
N GLY G 130 11.89 -58.64 14.16
CA GLY G 130 11.45 -58.92 15.50
C GLY G 130 11.67 -57.76 16.43
N PRO G 131 11.63 -58.00 17.74
CA PRO G 131 11.86 -56.91 18.70
C PRO G 131 13.30 -56.45 18.69
N VAL G 132 13.50 -55.13 18.67
CA VAL G 132 14.85 -54.58 18.73
C VAL G 132 15.37 -54.71 20.16
N ASP G 133 16.62 -55.16 20.30
CA ASP G 133 17.17 -55.52 21.60
C ASP G 133 18.59 -54.99 21.70
N ILE G 134 18.81 -54.09 22.68
CA ILE G 134 20.14 -53.56 22.93
C ILE G 134 21.09 -54.63 23.46
N ARG G 135 20.55 -55.69 24.08
CA ARG G 135 21.40 -56.77 24.57
C ARG G 135 22.03 -57.55 23.43
N LYS G 136 21.29 -57.79 22.35
CA LYS G 136 21.87 -58.48 21.21
C LYS G 136 23.02 -57.66 20.60
N LEU G 137 22.82 -56.35 20.51
CA LEU G 137 23.90 -55.46 20.08
C LEU G 137 25.10 -55.57 21.02
N ALA G 138 24.85 -55.55 22.33
CA ALA G 138 25.95 -55.58 23.28
C ALA G 138 26.74 -56.89 23.17
N GLU G 139 26.03 -58.00 22.94
CA GLU G 139 26.71 -59.28 22.81
C GLU G 139 27.47 -59.38 21.48
N THR G 140 26.94 -58.77 20.42
CA THR G 140 27.66 -58.74 19.15
C THR G 140 28.94 -57.93 19.28
N LEU G 141 28.84 -56.74 19.88
CA LEU G 141 30.02 -55.92 20.10
C LEU G 141 31.02 -56.63 20.99
N LEU G 142 30.53 -57.36 22.00
CA LEU G 142 31.43 -58.14 22.84
C LEU G 142 32.13 -59.23 22.04
N LYS G 143 31.47 -59.76 21.01
CA LYS G 143 32.10 -60.78 20.19
C LYS G 143 33.09 -60.21 19.17
N VAL G 144 32.98 -58.93 18.82
CA VAL G 144 33.86 -58.33 17.82
C VAL G 144 34.83 -57.32 18.43
N ASP G 145 34.40 -56.53 19.41
CA ASP G 145 35.30 -55.54 20.02
C ASP G 145 34.80 -55.21 21.42
N ALA G 146 35.65 -55.43 22.43
CA ALA G 146 35.24 -55.18 23.81
C ALA G 146 35.20 -53.70 24.14
N ASN G 147 36.02 -52.88 23.46
CA ASN G 147 35.97 -51.45 23.69
C ASN G 147 34.75 -50.79 23.06
N ALA G 148 34.18 -51.40 22.03
CA ALA G 148 32.95 -50.88 21.45
C ALA G 148 31.80 -50.96 22.44
N VAL G 149 31.77 -52.01 23.26
CA VAL G 149 30.75 -52.11 24.31
C VAL G 149 30.85 -50.94 25.27
N LEU G 150 32.08 -50.56 25.66
CA LEU G 150 32.24 -49.51 26.65
C LEU G 150 32.04 -48.11 26.05
N HIS G 151 32.46 -47.89 24.81
CA HIS G 151 32.51 -46.53 24.25
C HIS G 151 31.43 -46.24 23.23
N GLY G 152 30.58 -47.21 22.88
CA GLY G 152 29.38 -46.93 22.11
C GLY G 152 29.59 -46.96 20.61
N VAL G 153 28.49 -47.12 19.89
CA VAL G 153 28.50 -47.27 18.43
C VAL G 153 27.19 -46.73 17.87
N PHE G 154 27.25 -46.28 16.61
CA PHE G 154 26.06 -45.89 15.87
C PHE G 154 26.21 -46.37 14.43
N LEU G 155 25.24 -47.13 13.94
CA LEU G 155 25.24 -47.61 12.57
C LEU G 155 24.56 -46.58 11.65
N ALA G 156 25.05 -46.49 10.42
CA ALA G 156 24.57 -45.49 9.49
C ALA G 156 24.26 -46.02 8.10
N LYS G 157 24.51 -47.30 7.82
CA LYS G 157 24.22 -47.86 6.51
C LYS G 157 22.71 -48.07 6.37
N LYS G 158 22.15 -47.61 5.24
CA LYS G 158 20.72 -47.71 5.01
C LYS G 158 20.24 -49.15 5.15
N GLU G 159 21.06 -50.12 4.73
CA GLU G 159 20.64 -51.51 4.77
C GLU G 159 20.56 -52.05 6.19
N LEU G 160 21.34 -51.49 7.11
CA LEU G 160 21.37 -51.98 8.49
C LEU G 160 20.26 -51.32 9.30
N ALA G 161 19.03 -51.67 8.92
CA ALA G 161 17.83 -51.15 9.57
C ALA G 161 17.84 -49.62 9.59
N GLY G 162 18.22 -49.03 8.46
CA GLY G 162 18.28 -47.58 8.34
C GLY G 162 19.31 -46.93 9.24
N GLY G 163 20.22 -47.72 9.80
CA GLY G 163 21.13 -47.20 10.81
C GLY G 163 20.46 -46.88 12.12
N ARG G 164 19.31 -47.50 12.41
CA ARG G 164 18.58 -47.19 13.63
C ARG G 164 19.32 -47.65 14.88
N LEU G 165 20.12 -48.71 14.76
CA LEU G 165 20.77 -49.31 15.92
C LEU G 165 21.85 -48.40 16.49
N ARG G 166 21.98 -48.39 17.81
CA ARG G 166 22.90 -47.47 18.49
C ARG G 166 23.18 -47.98 19.90
N LEU G 167 24.23 -47.41 20.51
CA LEU G 167 24.60 -47.70 21.90
C LEU G 167 25.36 -46.51 22.49
N PRO G 168 24.88 -45.89 23.55
CA PRO G 168 25.64 -44.81 24.19
C PRO G 168 26.84 -45.33 24.97
N ARG G 169 27.76 -44.40 25.25
CA ARG G 169 28.98 -44.77 25.97
C ARG G 169 28.64 -45.24 27.39
N ALA G 170 29.36 -46.25 27.85
CA ALA G 170 29.14 -46.81 29.18
C ALA G 170 29.90 -46.07 30.27
N LEU G 171 30.99 -45.38 29.95
CA LEU G 171 31.74 -44.62 30.92
C LEU G 171 32.24 -43.32 30.29
N SER G 172 32.50 -42.33 31.13
CA SER G 172 32.91 -41.00 30.67
C SER G 172 33.82 -40.36 31.71
N ALA G 173 34.63 -39.41 31.25
CA ALA G 173 35.47 -38.63 32.15
C ALA G 173 35.81 -37.28 31.52
N PHE G 174 36.26 -36.35 32.37
CA PHE G 174 36.72 -35.04 31.92
C PHE G 174 37.43 -34.35 33.09
N ILE G 175 38.11 -33.24 32.77
CA ILE G 175 38.85 -32.45 33.76
C ILE G 175 38.37 -30.99 33.68
N GLU G 176 38.30 -30.34 34.85
CA GLU G 176 37.80 -28.97 34.93
C GLU G 176 38.58 -28.18 35.98
N ALA G 177 38.50 -26.84 35.87
CA ALA G 177 39.26 -25.92 36.68
C ALA G 177 38.33 -24.91 37.37
N GLU G 178 38.80 -24.36 38.49
CA GLU G 178 38.05 -23.36 39.25
C GLU G 178 38.97 -22.19 39.62
N ASP G 179 38.36 -21.02 39.79
CA ASP G 179 39.07 -19.81 40.24
C ASP G 179 40.24 -19.48 39.32
N VAL G 180 40.03 -19.62 38.02
CA VAL G 180 41.13 -19.52 37.06
C VAL G 180 41.56 -18.07 36.93
N ARG G 181 42.87 -17.83 37.11
CA ARG G 181 43.47 -16.53 36.85
C ARG G 181 43.78 -16.40 35.35
N VAL G 182 43.41 -15.26 34.77
CA VAL G 182 43.63 -15.03 33.35
C VAL G 182 45.10 -14.77 33.07
N ALA G 183 45.64 -15.46 32.07
CA ALA G 183 46.91 -15.13 31.42
C ALA G 183 46.65 -14.99 29.91
N SER G 184 47.72 -14.83 29.12
CA SER G 184 47.57 -14.51 27.70
C SER G 184 48.54 -15.31 26.84
N SER G 185 48.11 -15.59 25.60
CA SER G 185 48.99 -16.14 24.58
C SER G 185 48.49 -15.73 23.20
N GLY G 186 49.34 -15.93 22.19
CA GLY G 186 49.02 -15.68 20.80
C GLY G 186 48.72 -16.97 20.04
N GLY G 187 48.97 -16.95 18.73
CA GLY G 187 48.72 -18.12 17.91
C GLY G 187 49.23 -17.94 16.49
N VAL G 188 49.21 -19.05 15.74
CA VAL G 188 49.63 -19.06 14.34
C VAL G 188 48.74 -20.02 13.56
N LYS G 189 48.23 -19.54 12.42
CA LYS G 189 47.58 -20.39 11.41
C LYS G 189 47.57 -19.57 10.14
N ASN G 190 48.38 -19.95 9.15
CA ASN G 190 48.74 -19.00 8.10
C ASN G 190 49.01 -19.76 6.80
N ASP G 191 49.74 -19.11 5.89
CA ASP G 191 49.93 -19.51 4.50
C ASP G 191 50.21 -20.99 4.28
N HIS G 192 49.76 -21.48 3.13
CA HIS G 192 50.06 -22.83 2.64
C HIS G 192 50.05 -22.72 1.11
N VAL G 193 51.19 -22.38 0.53
CA VAL G 193 51.26 -21.95 -0.87
C VAL G 193 51.74 -23.12 -1.73
N ASN G 194 51.71 -22.93 -3.05
CA ASN G 194 51.97 -23.99 -4.00
C ASN G 194 52.84 -23.49 -5.16
N PRO G 195 53.72 -24.37 -5.69
CA PRO G 195 54.63 -23.94 -6.78
C PRO G 195 54.05 -24.10 -8.16
N SER G 196 53.00 -24.90 -8.31
CA SER G 196 52.45 -25.22 -9.63
C SER G 196 51.03 -25.71 -9.47
N GLY G 197 50.17 -25.33 -10.42
CA GLY G 197 48.79 -25.76 -10.39
C GLY G 197 47.94 -24.90 -9.46
N ASP G 198 46.96 -25.54 -8.83
CA ASP G 198 46.02 -24.86 -7.96
C ASP G 198 46.73 -23.98 -6.94
N THR G 199 46.46 -22.68 -7.01
CA THR G 199 47.06 -21.68 -6.11
C THR G 199 45.94 -20.84 -5.51
N SER G 200 45.78 -20.91 -4.19
CA SER G 200 44.77 -20.08 -3.53
C SER G 200 45.28 -19.38 -2.28
N ARG G 201 46.26 -19.96 -1.59
CA ARG G 201 46.74 -19.44 -0.32
C ARG G 201 48.06 -18.71 -0.51
N GLY G 202 48.12 -17.47 -0.04
CA GLY G 202 49.32 -16.67 -0.09
C GLY G 202 49.54 -15.80 1.12
N PHE G 203 48.64 -15.89 2.11
CA PHE G 203 48.67 -15.02 3.27
C PHE G 203 47.79 -15.61 4.36
N GLY G 204 47.96 -15.10 5.58
CA GLY G 204 47.11 -15.51 6.69
C GLY G 204 47.78 -15.28 8.03
N ASN G 205 46.95 -15.14 9.06
CA ASN G 205 47.43 -14.95 10.43
C ASN G 205 46.29 -15.19 11.42
N VAL G 206 46.65 -15.58 12.65
CA VAL G 206 45.69 -15.70 13.73
C VAL G 206 46.22 -15.10 15.02
N PRO G 207 45.93 -13.83 15.32
CA PRO G 207 46.34 -13.25 16.61
C PRO G 207 45.56 -13.83 17.79
N PHE G 208 44.24 -13.73 17.73
CA PHE G 208 43.30 -14.34 18.68
C PHE G 208 43.30 -13.73 20.08
N ALA G 209 44.39 -13.06 20.46
CA ALA G 209 44.61 -12.73 21.86
C ALA G 209 44.06 -13.81 22.79
N ARG G 210 44.45 -15.08 22.58
CA ARG G 210 43.87 -16.18 23.34
C ARG G 210 44.24 -16.10 24.82
N ASP G 211 43.32 -16.57 25.66
CA ASP G 211 43.57 -16.67 27.09
C ASP G 211 44.53 -17.82 27.41
N GLU G 212 45.35 -17.60 28.42
CA GLU G 212 45.97 -18.66 29.20
C GLU G 212 45.44 -18.56 30.63
N TYR G 213 45.60 -19.63 31.42
CA TYR G 213 45.04 -19.63 32.76
C TYR G 213 45.98 -20.28 33.76
N VAL G 214 45.84 -19.86 35.02
CA VAL G 214 46.40 -20.54 36.18
C VAL G 214 45.25 -20.85 37.13
N SER G 215 45.22 -22.07 37.65
CA SER G 215 44.10 -22.54 38.47
C SER G 215 44.64 -23.05 39.80
N PRO G 216 44.17 -22.53 40.94
CA PRO G 216 44.61 -23.10 42.23
C PRO G 216 44.14 -24.52 42.46
N ARG G 217 43.08 -24.96 41.78
CA ARG G 217 42.58 -26.32 41.91
C ARG G 217 42.18 -26.84 40.54
N ILE G 218 42.55 -28.10 40.26
CA ILE G 218 42.14 -28.79 39.05
C ILE G 218 41.75 -30.22 39.44
N LYS G 219 40.61 -30.69 38.94
CA LYS G 219 40.10 -32.00 39.33
C LYS G 219 39.52 -32.71 38.11
N ALA G 220 39.76 -34.02 38.05
CA ALA G 220 39.26 -34.88 36.97
C ALA G 220 38.18 -35.81 37.48
N TYR G 221 37.12 -35.97 36.69
CA TYR G 221 35.95 -36.76 37.05
C TYR G 221 35.83 -37.96 36.12
N PHE G 222 35.49 -39.12 36.69
CA PHE G 222 35.27 -40.34 35.92
C PHE G 222 33.96 -40.99 36.35
N ASN G 223 33.18 -41.46 35.37
CA ASN G 223 31.87 -42.04 35.59
C ASN G 223 31.75 -43.36 34.85
N LEU G 224 31.19 -44.37 35.53
CA LEU G 224 30.89 -45.66 34.92
C LEU G 224 29.47 -46.06 35.29
N ASP G 225 28.69 -46.44 34.27
CA ASP G 225 27.27 -46.76 34.45
C ASP G 225 27.13 -48.26 34.67
N LEU G 226 27.22 -48.67 35.94
CA LEU G 226 27.10 -50.09 36.28
C LEU G 226 25.72 -50.62 35.92
N ALA G 227 24.69 -49.79 36.09
CA ALA G 227 23.34 -50.21 35.73
C ALA G 227 23.22 -50.54 34.25
N GLN G 228 23.97 -49.84 33.39
CA GLN G 228 23.99 -50.22 31.98
C GLN G 228 24.62 -51.59 31.79
N ILE G 229 25.68 -51.88 32.54
CA ILE G 229 26.35 -53.17 32.39
C ILE G 229 25.41 -54.30 32.80
N ARG G 230 24.74 -54.15 33.95
CA ARG G 230 23.72 -55.13 34.31
C ARG G 230 22.57 -55.17 33.30
N ALA G 231 22.23 -54.02 32.70
CA ALA G 231 21.18 -54.02 31.69
C ALA G 231 21.58 -54.81 30.46
N PHE G 232 22.88 -54.99 30.21
CA PHE G 232 23.29 -55.95 29.20
C PHE G 232 23.05 -57.38 29.69
N GLY G 233 23.45 -57.68 30.91
CA GLY G 233 23.22 -58.99 31.50
C GLY G 233 23.90 -60.12 30.76
N LEU G 234 25.16 -59.93 30.36
CA LEU G 234 25.87 -60.95 29.60
C LEU G 234 26.40 -62.07 30.47
N GLY G 235 26.77 -61.76 31.72
CA GLY G 235 27.30 -62.77 32.62
C GLY G 235 28.06 -62.17 33.77
N GLU G 236 28.07 -62.84 34.92
CA GLU G 236 28.74 -62.30 36.09
C GLU G 236 30.24 -62.14 35.85
N GLN G 237 30.85 -63.13 35.19
CA GLN G 237 32.26 -63.01 34.84
C GLN G 237 32.48 -61.93 33.78
N VAL G 238 31.53 -61.78 32.86
CA VAL G 238 31.65 -60.73 31.84
C VAL G 238 31.59 -59.35 32.49
N ASP G 239 30.66 -59.17 33.44
CA ASP G 239 30.58 -57.90 34.16
C ASP G 239 31.86 -57.63 34.95
N ARG G 240 32.37 -58.65 35.64
CA ARG G 240 33.61 -58.49 36.40
C ARG G 240 34.76 -58.13 35.47
N LEU G 241 34.79 -58.73 34.28
CA LEU G 241 35.80 -58.39 33.28
C LEU G 241 35.71 -56.93 32.88
N LEU G 242 34.51 -56.47 32.51
CA LEU G 242 34.35 -55.10 32.06
C LEU G 242 34.77 -54.11 33.15
N ILE G 243 34.42 -54.41 34.40
CA ILE G 243 34.78 -53.51 35.50
C ILE G 243 36.30 -53.47 35.66
N ALA G 244 36.94 -54.64 35.68
CA ALA G 244 38.40 -54.67 35.83
C ALA G 244 39.07 -53.96 34.66
N LEU G 245 38.52 -54.11 33.45
CA LEU G 245 39.06 -53.41 32.29
C LEU G 245 39.02 -51.89 32.48
N ALA G 246 37.89 -51.37 32.93
CA ALA G 246 37.77 -49.93 33.15
C ALA G 246 38.74 -49.46 34.23
N LEU G 247 38.76 -50.16 35.37
CA LEU G 247 39.67 -49.79 36.46
C LEU G 247 41.10 -49.78 35.99
N TYR G 248 41.50 -50.77 35.18
CA TYR G 248 42.85 -50.82 34.65
C TYR G 248 43.14 -49.61 33.76
N LYS G 249 42.25 -49.33 32.80
CA LYS G 249 42.45 -48.18 31.93
C LYS G 249 42.68 -46.91 32.74
N VAL G 250 41.83 -46.66 33.73
CA VAL G 250 41.97 -45.44 34.54
C VAL G 250 43.29 -45.45 35.29
N ARG G 251 43.59 -46.57 35.98
CA ARG G 251 44.79 -46.62 36.82
C ARG G 251 46.04 -46.37 35.99
N ARG G 252 46.07 -46.88 34.76
CA ARG G 252 47.24 -46.66 33.92
C ARG G 252 47.29 -45.24 33.38
N PHE G 253 46.12 -44.65 33.06
CA PHE G 253 46.11 -43.24 32.69
C PHE G 253 46.67 -42.37 33.80
N LEU G 254 46.52 -42.79 35.06
CA LEU G 254 47.01 -41.95 36.16
C LEU G 254 48.49 -41.64 36.06
N VAL G 255 49.27 -42.48 35.37
CA VAL G 255 50.69 -42.21 35.17
C VAL G 255 51.04 -42.00 33.71
N HIS G 256 50.20 -42.44 32.76
CA HIS G 256 50.42 -42.10 31.36
C HIS G 256 49.88 -40.72 31.03
N GLY G 257 48.78 -40.33 31.66
CA GLY G 257 48.15 -39.05 31.37
C GLY G 257 48.63 -37.92 32.25
N LEU G 258 49.84 -38.05 32.79
CA LEU G 258 50.41 -36.96 33.57
C LEU G 258 50.45 -35.67 32.74
N ARG G 259 50.96 -35.77 31.52
CA ARG G 259 50.92 -34.66 30.57
C ARG G 259 49.69 -34.80 29.69
N LEU G 260 49.12 -33.66 29.31
CA LEU G 260 48.06 -33.59 28.32
C LEU G 260 48.45 -32.77 27.10
N ARG G 261 49.35 -31.80 27.26
CA ARG G 261 49.93 -31.07 26.14
C ARG G 261 51.37 -30.73 26.50
N THR G 262 52.17 -30.44 25.48
CA THR G 262 53.59 -30.23 25.72
C THR G 262 53.82 -29.12 26.73
N ALA G 263 52.96 -28.10 26.75
CA ALA G 263 53.00 -27.05 27.75
C ALA G 263 52.01 -27.29 28.89
N CYS G 264 51.60 -28.55 29.08
CA CYS G 264 50.62 -28.91 30.11
C CYS G 264 51.04 -30.25 30.69
N ASP G 265 51.80 -30.20 31.79
CA ASP G 265 52.35 -31.39 32.44
C ASP G 265 51.94 -31.39 33.91
N LEU G 266 50.84 -32.09 34.20
CA LEU G 266 50.35 -32.21 35.56
C LEU G 266 50.88 -33.48 36.22
N ASP G 267 50.68 -33.59 37.53
CA ASP G 267 50.85 -34.84 38.25
C ASP G 267 49.63 -35.09 39.12
N CYS G 268 49.19 -36.34 39.15
CA CYS G 268 48.07 -36.75 40.00
C CYS G 268 48.54 -36.88 41.45
N GLN G 269 48.01 -36.03 42.33
CA GLN G 269 48.41 -36.06 43.73
C GLN G 269 47.62 -37.11 44.51
N ALA G 270 46.34 -37.29 44.20
CA ALA G 270 45.52 -38.23 44.93
C ALA G 270 44.33 -38.64 44.07
N LEU G 271 43.86 -39.87 44.29
CA LEU G 271 42.65 -40.38 43.67
C LEU G 271 41.66 -40.79 44.75
N ARG G 272 40.38 -40.61 44.46
CA ARG G 272 39.32 -40.89 45.42
C ARG G 272 38.10 -41.42 44.67
N VAL G 273 37.30 -42.24 45.36
CA VAL G 273 36.06 -42.78 44.82
C VAL G 273 34.89 -42.14 45.55
N THR G 274 33.87 -41.73 44.79
CA THR G 274 32.66 -41.16 45.36
C THR G 274 31.51 -42.16 45.43
N ARG G 275 31.40 -43.05 44.45
CA ARG G 275 30.38 -44.11 44.44
C ARG G 275 31.05 -45.41 44.01
N PRO G 276 30.83 -46.53 44.72
CA PRO G 276 30.15 -46.66 46.02
C PRO G 276 30.94 -46.00 47.13
N GLU G 277 30.28 -45.27 48.02
CA GLU G 277 30.99 -44.55 49.07
C GLU G 277 31.51 -45.51 50.12
N GLY G 278 32.69 -45.21 50.67
CA GLY G 278 33.32 -46.03 51.67
C GLY G 278 34.13 -47.19 51.13
N TRP G 279 33.97 -47.53 49.86
CA TRP G 279 34.76 -48.58 49.22
C TRP G 279 36.11 -48.02 48.77
N GLU G 280 37.06 -48.91 48.54
CA GLU G 280 38.41 -48.54 48.14
C GLU G 280 38.84 -49.39 46.95
N VAL G 281 39.45 -48.74 45.96
CA VAL G 281 39.76 -49.35 44.68
C VAL G 281 41.02 -50.21 44.76
N PRO G 282 41.18 -51.19 43.87
CA PRO G 282 42.43 -51.98 43.85
C PRO G 282 43.61 -51.15 43.34
N GLU G 283 44.78 -51.75 43.44
CA GLU G 283 45.99 -51.19 42.86
C GLU G 283 46.24 -51.77 41.47
N LEU G 284 47.11 -51.10 40.71
CA LEU G 284 47.29 -51.45 39.31
C LEU G 284 47.86 -52.86 39.14
N SER G 285 48.88 -53.20 39.93
CA SER G 285 49.48 -54.54 39.82
C SER G 285 48.44 -55.64 40.01
N GLU G 286 47.44 -55.41 40.86
CA GLU G 286 46.44 -56.44 41.12
C GLU G 286 45.57 -56.67 39.89
N LEU G 287 45.20 -55.59 39.20
CA LEU G 287 44.46 -55.73 37.96
C LEU G 287 45.32 -56.38 36.88
N GLU G 288 46.59 -55.98 36.78
CA GLU G 288 47.46 -56.58 35.77
C GLU G 288 47.64 -58.07 36.01
N ALA G 289 47.57 -58.50 37.27
CA ALA G 289 47.61 -59.94 37.55
C ALA G 289 46.26 -60.61 37.23
N ALA G 290 45.15 -59.94 37.55
CA ALA G 290 43.84 -60.59 37.42
C ALA G 290 43.37 -60.69 35.98
N LEU G 291 43.55 -59.63 35.19
CA LEU G 291 42.90 -59.51 33.89
C LEU G 291 43.03 -60.74 33.00
N PRO G 292 44.21 -61.33 32.80
CA PRO G 292 44.30 -62.47 31.86
C PRO G 292 43.44 -63.65 32.29
N GLY G 293 43.31 -63.90 33.59
CA GLY G 293 42.43 -64.96 34.04
C GLY G 293 40.98 -64.70 33.70
N LEU G 294 40.54 -63.44 33.86
CA LEU G 294 39.16 -63.09 33.53
C LEU G 294 38.92 -63.20 32.03
N ILE G 295 39.89 -62.76 31.22
CA ILE G 295 39.76 -62.89 29.77
C ILE G 295 39.66 -64.36 29.39
N GLU G 296 40.53 -65.20 29.96
CA GLU G 296 40.48 -66.63 29.66
C GLU G 296 39.16 -67.24 30.08
N ALA G 297 38.62 -66.82 31.23
CA ALA G 297 37.33 -67.32 31.68
C ALA G 297 36.22 -66.95 30.71
N VAL G 298 36.20 -65.69 30.27
CA VAL G 298 35.16 -65.26 29.33
C VAL G 298 35.33 -65.94 27.99
N ALA G 299 36.57 -66.22 27.58
CA ALA G 299 36.79 -67.02 26.38
C ALA G 299 36.24 -68.42 26.54
N GLY G 300 36.42 -69.01 27.73
CA GLY G 300 35.83 -70.31 28.00
C GLY G 300 34.31 -70.27 27.98
N GLU G 301 33.72 -69.14 28.36
CA GLU G 301 32.27 -68.98 28.25
C GLU G 301 31.81 -68.80 26.81
N GLY G 302 32.73 -68.77 25.84
CA GLY G 302 32.36 -68.69 24.44
C GLY G 302 31.87 -67.34 23.99
N ARG G 303 32.04 -66.29 24.79
CA ARG G 303 31.51 -64.97 24.43
C ARG G 303 32.30 -64.35 23.29
N PHE G 304 33.63 -64.41 23.36
CA PHE G 304 34.45 -63.86 22.29
C PHE G 304 34.29 -64.67 21.01
N ALA G 305 34.45 -63.99 19.88
CA ALA G 305 34.61 -64.70 18.62
C ALA G 305 35.99 -65.33 18.55
N GLN G 306 36.11 -66.41 17.79
CA GLN G 306 37.38 -67.07 17.56
C GLN G 306 37.73 -66.98 16.08
N PRO G 307 38.95 -66.54 15.73
CA PRO G 307 40.09 -66.17 16.60
C PRO G 307 39.92 -64.79 17.25
N ALA G 308 40.83 -64.46 18.18
CA ALA G 308 40.77 -63.19 18.91
C ALA G 308 41.17 -62.00 18.05
N VAL G 309 41.43 -62.18 16.76
CA VAL G 309 41.81 -61.09 15.87
C VAL G 309 41.18 -61.34 14.51
N THR G 310 40.39 -60.38 14.02
CA THR G 310 39.78 -60.45 12.70
C THR G 310 40.57 -59.55 11.74
N ILE G 311 40.99 -60.13 10.63
CA ILE G 311 41.72 -59.41 9.59
C ILE G 311 40.79 -59.22 8.40
N VAL G 312 40.74 -57.99 7.88
CA VAL G 312 39.91 -57.67 6.72
C VAL G 312 40.71 -56.77 5.78
N THR G 313 40.57 -57.03 4.48
CA THR G 313 41.29 -56.27 3.46
C THR G 313 40.49 -55.06 3.00
N TYR G 314 41.12 -53.89 3.03
CA TYR G 314 40.61 -52.72 2.35
C TYR G 314 41.24 -52.63 0.96
N GLU G 315 40.56 -51.94 0.06
CA GLU G 315 40.99 -51.90 -1.34
C GLU G 315 40.65 -50.56 -1.97
N LYS G 316 41.62 -49.99 -2.67
CA LYS G 316 41.38 -48.86 -3.58
C LYS G 316 42.54 -48.72 -4.55
#